data_4ELE
#
_entry.id   4ELE
#
_cell.length_a   68.545
_cell.length_b   136.302
_cell.length_c   168.554
_cell.angle_alpha   90.00
_cell.angle_beta   90.00
_cell.angle_gamma   90.00
#
_symmetry.space_group_name_H-M   'P 21 21 21'
#
loop_
_entity.id
_entity.type
_entity.pdbx_description
1 polymer 'Dihydrofolate reductase'
2 non-polymer 'CALCIUM ION'
3 non-polymer 'CHLORIDE ION'
4 non-polymer '(2E)-3-{5-[(2,4-diaminopyrimidin-5-yl)methyl]-2,3-dimethoxyphenyl}-1-[(1S)-1-(propan-2-yl)phthalazin-2(1H)-yl]prop-2-en -1-one'
5 water water
#
_entity_poly.entity_id   1
_entity_poly.type   'polypeptide(L)'
_entity_poly.pdbx_seq_one_letter_code
;MIVSFMVAMDENRVIGKDNNLPWRLPSELQYVKKTTMGHPLIMGRKNYEAIGRPLPGRRNIIVTRNEGYHVEGCEVAHSV
EEVFELCKNEEEIFIFGGAQIYDLFLPYVDKLYITKIHHAFEGDTFFPEMDMTNWKEVFVEKGLTDEKNPYTYYYHVYEK
QQLVPR
;
_entity_poly.pdbx_strand_id   A,B,C,D,E,F,G,H
#
# COMPACT_ATOMS: atom_id res chain seq x y z
N MET A 1 49.31 -24.99 14.61
CA MET A 1 48.50 -23.83 14.23
C MET A 1 47.52 -23.43 15.33
N ILE A 2 47.52 -22.15 15.66
CA ILE A 2 46.62 -21.60 16.68
C ILE A 2 45.24 -21.36 16.05
N VAL A 3 44.23 -22.08 16.52
CA VAL A 3 42.86 -21.82 16.09
C VAL A 3 42.19 -20.89 17.09
N SER A 4 41.84 -19.67 16.65
CA SER A 4 41.27 -18.67 17.55
C SER A 4 39.86 -18.24 17.15
N PHE A 5 38.96 -18.13 18.12
CA PHE A 5 37.65 -17.50 17.85
C PHE A 5 37.74 -15.99 18.04
N MET A 6 37.26 -15.23 17.06
CA MET A 6 37.15 -13.79 17.24
C MET A 6 35.67 -13.42 17.28
N VAL A 7 35.21 -12.83 18.37
CA VAL A 7 33.77 -12.59 18.53
C VAL A 7 33.43 -11.34 19.36
N ALA A 8 32.35 -10.70 18.97
CA ALA A 8 31.74 -9.65 19.77
C ALA A 8 30.30 -10.06 20.13
N MET A 9 29.94 -10.00 21.40
CA MET A 9 28.59 -10.42 21.79
C MET A 9 28.03 -9.62 22.95
N ASP A 10 26.70 -9.64 23.08
CA ASP A 10 26.09 -8.84 24.13
C ASP A 10 25.90 -9.66 25.41
N GLU A 11 25.20 -9.12 26.39
CA GLU A 11 25.12 -9.78 27.69
C GLU A 11 24.41 -11.15 27.60
N ASN A 12 23.64 -11.36 26.54
CA ASN A 12 22.99 -12.66 26.32
C ASN A 12 23.60 -13.49 25.18
N ARG A 13 24.83 -13.13 24.76
CA ARG A 13 25.58 -13.83 23.67
C ARG A 13 25.02 -13.59 22.27
N VAL A 14 24.18 -12.58 22.13
CA VAL A 14 23.70 -12.18 20.80
C VAL A 14 24.90 -11.80 19.92
N ILE A 15 24.92 -12.27 18.68
CA ILE A 15 25.96 -11.85 17.74
C ILE A 15 25.39 -11.35 16.43
N GLY A 16 24.08 -11.34 16.30
CA GLY A 16 23.45 -10.97 15.05
C GLY A 16 21.95 -10.71 15.12
N LYS A 17 21.52 -9.71 14.36
CA LYS A 17 20.10 -9.39 14.23
C LYS A 17 19.82 -9.26 12.75
N ASP A 18 19.14 -10.25 12.18
CA ASP A 18 18.81 -10.27 10.76
C ASP A 18 20.09 -10.14 9.93
N ASN A 19 21.06 -11.01 10.22
CA ASN A 19 22.44 -10.89 9.71
C ASN A 19 22.97 -9.45 9.68
N ASN A 20 23.07 -8.85 10.86
CA ASN A 20 23.65 -7.53 11.01
C ASN A 20 24.08 -7.29 12.45
N LEU A 21 25.00 -6.36 12.64
CA LEU A 21 25.44 -6.01 13.97
C LEU A 21 24.43 -5.05 14.60
N PRO A 22 23.81 -5.49 15.69
CA PRO A 22 22.81 -4.67 16.37
C PRO A 22 23.43 -3.37 16.88
N TRP A 23 24.75 -3.37 17.03
CA TRP A 23 25.48 -2.20 17.49
C TRP A 23 26.40 -1.65 16.41
N ARG A 24 26.81 -0.39 16.58
CA ARG A 24 27.82 0.19 15.71
C ARG A 24 28.94 0.72 16.60
N LEU A 25 30.01 -0.05 16.70
CA LEU A 25 31.17 0.34 17.50
C LEU A 25 32.45 0.34 16.63
N PRO A 26 32.69 1.41 15.88
CA PRO A 26 33.88 1.51 15.00
C PRO A 26 35.19 1.13 15.70
N SER A 27 35.34 1.51 16.97
CA SER A 27 36.57 1.24 17.70
C SER A 27 36.77 -0.26 17.90
N GLU A 28 35.67 -0.99 18.09
CA GLU A 28 35.73 -2.43 18.25
C GLU A 28 36.26 -3.06 16.97
N LEU A 29 35.72 -2.62 15.84
CA LEU A 29 36.22 -3.10 14.56
C LEU A 29 37.71 -2.78 14.34
N GLN A 30 38.15 -1.56 14.68
CA GLN A 30 39.59 -1.25 14.64
C GLN A 30 40.40 -2.23 15.49
N TYR A 31 39.80 -2.73 16.56
CA TYR A 31 40.46 -3.76 17.36
C TYR A 31 40.57 -5.06 16.55
N VAL A 32 39.46 -5.49 15.97
CA VAL A 32 39.47 -6.68 15.13
C VAL A 32 40.50 -6.56 14.00
N LYS A 33 40.50 -5.41 13.32
CA LYS A 33 41.48 -5.20 12.25
C LYS A 33 42.90 -5.35 12.78
N LYS A 34 43.19 -4.72 13.92
CA LYS A 34 44.53 -4.72 14.49
C LYS A 34 44.95 -6.13 14.87
N THR A 35 44.08 -6.80 15.62
CA THR A 35 44.36 -8.13 16.15
C THR A 35 44.56 -9.17 15.04
N THR A 36 43.85 -9.03 13.93
CA THR A 36 43.90 -10.05 12.88
C THR A 36 44.76 -9.70 11.66
N MET A 37 45.45 -8.56 11.71
CA MET A 37 46.39 -8.18 10.64
C MET A 37 47.36 -9.32 10.31
N GLY A 38 47.37 -9.77 9.06
CA GLY A 38 48.29 -10.80 8.61
C GLY A 38 47.92 -12.24 8.94
N HIS A 39 46.65 -12.48 9.28
CA HIS A 39 46.18 -13.85 9.50
C HIS A 39 44.89 -14.13 8.73
N PRO A 40 44.64 -15.41 8.42
CA PRO A 40 43.37 -15.75 7.76
C PRO A 40 42.16 -15.46 8.64
N LEU A 41 41.13 -14.91 8.01
CA LEU A 41 39.84 -14.67 8.64
C LEU A 41 38.88 -15.73 8.11
N ILE A 42 38.33 -16.56 9.00
CA ILE A 42 37.48 -17.65 8.55
C ILE A 42 36.02 -17.29 8.81
N MET A 43 35.18 -17.30 7.77
CA MET A 43 33.78 -16.94 7.99
C MET A 43 32.79 -17.72 7.14
N GLY A 44 31.56 -17.81 7.63
CA GLY A 44 30.48 -18.42 6.85
C GLY A 44 30.00 -17.46 5.76
N ARG A 45 29.37 -17.99 4.71
CA ARG A 45 28.89 -17.15 3.61
C ARG A 45 27.94 -16.04 4.08
N LYS A 46 26.97 -16.39 4.93
CA LYS A 46 26.01 -15.42 5.47
C LYS A 46 26.73 -14.30 6.23
N ASN A 47 27.68 -14.68 7.06
CA ASN A 47 28.48 -13.69 7.76
C ASN A 47 29.19 -12.79 6.75
N TYR A 48 29.90 -13.40 5.79
CA TYR A 48 30.59 -12.64 4.75
C TYR A 48 29.69 -11.64 4.02
N GLU A 49 28.52 -12.12 3.60
CA GLU A 49 27.60 -11.27 2.84
C GLU A 49 27.09 -10.10 3.69
N ALA A 50 27.01 -10.30 5.01
CA ALA A 50 26.54 -9.25 5.93
C ALA A 50 27.62 -8.19 6.12
N ILE A 51 28.87 -8.62 6.08
CA ILE A 51 30.01 -7.72 6.07
C ILE A 51 30.03 -6.94 4.75
N GLY A 52 29.84 -7.63 3.64
CA GLY A 52 29.65 -6.96 2.36
C GLY A 52 30.87 -6.84 1.44
N ARG A 53 32.08 -6.98 1.98
CA ARG A 53 33.27 -6.76 1.17
C ARG A 53 34.50 -7.54 1.65
N PRO A 54 35.38 -7.91 0.72
CA PRO A 54 36.69 -8.42 1.13
C PRO A 54 37.32 -7.43 2.12
N LEU A 55 37.75 -7.96 3.26
CA LEU A 55 38.37 -7.17 4.30
C LEU A 55 39.89 -7.38 4.21
N PRO A 56 40.64 -6.30 4.03
CA PRO A 56 41.92 -6.42 3.37
C PRO A 56 43.01 -6.54 4.39
N GLY A 57 44.19 -6.84 3.88
CA GLY A 57 45.33 -7.05 4.73
C GLY A 57 45.17 -8.44 5.34
N ARG A 58 44.56 -9.36 4.60
CA ARG A 58 44.38 -10.70 5.13
C ARG A 58 43.55 -11.61 4.24
N ARG A 59 43.95 -12.88 4.22
CA ARG A 59 43.22 -13.93 3.53
C ARG A 59 41.77 -14.09 4.05
N ASN A 60 40.81 -13.61 3.29
CA ASN A 60 39.41 -13.90 3.58
C ASN A 60 39.03 -15.26 3.01
N ILE A 61 38.71 -16.21 3.89
CA ILE A 61 38.29 -17.55 3.48
C ILE A 61 36.84 -17.80 3.88
N ILE A 62 35.98 -17.97 2.88
CA ILE A 62 34.56 -18.18 3.13
C ILE A 62 34.26 -19.65 3.15
N VAL A 63 33.48 -20.08 4.13
CA VAL A 63 33.16 -21.48 4.32
C VAL A 63 31.71 -21.74 3.91
N THR A 64 31.50 -22.55 2.87
CA THR A 64 30.15 -22.99 2.49
C THR A 64 30.11 -24.39 1.86
N ARG A 65 29.02 -25.11 2.09
CA ARG A 65 28.75 -26.39 1.44
C ARG A 65 28.68 -26.24 -0.07
N ASN A 66 28.31 -25.03 -0.50
CA ASN A 66 28.07 -24.73 -1.91
C ASN A 66 29.33 -24.78 -2.78
N GLU A 67 29.39 -25.78 -3.66
CA GLU A 67 30.56 -25.98 -4.51
C GLU A 67 30.74 -24.95 -5.63
N GLY A 68 29.65 -24.30 -6.05
CA GLY A 68 29.74 -23.33 -7.11
C GLY A 68 30.05 -21.93 -6.64
N TYR A 69 30.05 -21.74 -5.33
CA TYR A 69 30.20 -20.42 -4.72
C TYR A 69 31.59 -19.87 -4.91
N HIS A 70 31.67 -18.67 -5.50
CA HIS A 70 32.96 -17.99 -5.66
C HIS A 70 32.74 -16.51 -5.43
N VAL A 71 33.71 -15.82 -4.83
CA VAL A 71 33.70 -14.35 -4.85
C VAL A 71 35.09 -13.80 -5.09
N GLU A 72 35.17 -12.74 -5.90
CA GLU A 72 36.46 -12.18 -6.24
C GLU A 72 37.17 -11.65 -5.00
N GLY A 73 38.49 -11.84 -4.94
CA GLY A 73 39.31 -11.37 -3.84
C GLY A 73 39.14 -12.18 -2.58
N CYS A 74 38.62 -13.41 -2.72
CA CYS A 74 38.42 -14.28 -1.57
C CYS A 74 38.74 -15.72 -1.91
N GLU A 75 38.84 -16.57 -0.89
CA GLU A 75 38.95 -18.00 -1.12
C GLU A 75 37.73 -18.69 -0.54
N VAL A 76 37.39 -19.85 -1.09
CA VAL A 76 36.25 -20.59 -0.59
C VAL A 76 36.65 -22.01 -0.19
N ALA A 77 36.21 -22.42 0.99
CA ALA A 77 36.46 -23.77 1.47
C ALA A 77 35.13 -24.42 1.76
N HIS A 78 35.09 -25.75 1.66
CA HIS A 78 33.82 -26.44 1.75
C HIS A 78 33.73 -27.37 2.95
N SER A 79 34.70 -27.25 3.85
CA SER A 79 34.78 -28.10 5.03
C SER A 79 35.89 -27.62 5.94
N VAL A 80 35.89 -28.09 7.18
CA VAL A 80 36.94 -27.72 8.13
C VAL A 80 38.29 -28.24 7.66
N GLU A 81 38.31 -29.48 7.17
CA GLU A 81 39.54 -30.10 6.70
C GLU A 81 40.12 -29.31 5.52
N GLU A 82 39.23 -28.75 4.70
CA GLU A 82 39.66 -27.94 3.58
C GLU A 82 40.31 -26.65 4.06
N VAL A 83 39.80 -26.10 5.15
CA VAL A 83 40.35 -24.87 5.74
C VAL A 83 41.74 -25.08 6.32
N PHE A 84 41.90 -26.17 7.07
CA PHE A 84 43.20 -26.54 7.63
C PHE A 84 44.24 -26.78 6.52
N GLU A 85 43.82 -27.40 5.41
CA GLU A 85 44.76 -27.65 4.31
C GLU A 85 45.22 -26.33 3.72
N LEU A 86 44.24 -25.47 3.42
CA LEU A 86 44.52 -24.13 2.92
C LEU A 86 45.43 -23.35 3.87
N CYS A 87 45.23 -23.52 5.18
CA CYS A 87 45.98 -22.73 6.16
C CYS A 87 47.18 -23.48 6.77
N LYS A 88 47.60 -24.57 6.13
CA LYS A 88 48.62 -25.47 6.70
C LYS A 88 49.92 -24.79 7.17
N ASN A 89 50.36 -23.73 6.50
CA ASN A 89 51.57 -23.04 6.95
C ASN A 89 51.30 -21.84 7.87
N GLU A 90 50.03 -21.57 8.14
CA GLU A 90 49.63 -20.43 8.96
C GLU A 90 49.90 -20.68 10.44
N GLU A 91 50.32 -19.64 11.15
CA GLU A 91 50.62 -19.75 12.57
C GLU A 91 49.36 -19.56 13.43
N GLU A 92 48.43 -18.75 12.95
CA GLU A 92 47.20 -18.50 13.67
C GLU A 92 46.06 -18.08 12.74
N ILE A 93 44.92 -18.74 12.87
CA ILE A 93 43.73 -18.36 12.11
C ILE A 93 42.63 -17.87 13.04
N PHE A 94 41.73 -17.04 12.51
CA PHE A 94 40.67 -16.46 13.32
C PHE A 94 39.31 -16.84 12.75
N ILE A 95 38.62 -17.70 13.47
CA ILE A 95 37.25 -18.02 13.12
C ILE A 95 36.41 -16.78 13.43
N PHE A 96 35.81 -16.22 12.38
CA PHE A 96 35.15 -14.94 12.44
C PHE A 96 33.65 -15.03 12.70
N GLY A 97 33.10 -16.24 12.61
CA GLY A 97 31.72 -16.42 13.00
C GLY A 97 30.67 -16.82 11.98
N GLY A 98 29.42 -16.69 12.44
CA GLY A 98 28.35 -17.56 12.02
C GLY A 98 28.40 -18.56 13.16
N ALA A 99 27.34 -18.57 13.97
CA ALA A 99 27.26 -19.51 15.09
C ALA A 99 27.68 -20.94 14.69
N GLN A 100 27.18 -21.39 13.53
CA GLN A 100 27.48 -22.72 13.01
C GLN A 100 28.97 -22.90 12.68
N ILE A 101 29.64 -21.81 12.26
CA ILE A 101 31.06 -21.87 11.94
C ILE A 101 31.88 -22.09 13.21
N TYR A 102 31.55 -21.34 14.26
CA TYR A 102 32.18 -21.53 15.57
C TYR A 102 32.01 -22.98 16.01
N ASP A 103 30.80 -23.53 15.84
CA ASP A 103 30.54 -24.91 16.17
C ASP A 103 31.47 -25.85 15.41
N LEU A 104 31.64 -25.61 14.12
CA LEU A 104 32.50 -26.47 13.32
C LEU A 104 33.94 -26.46 13.81
N PHE A 105 34.37 -25.35 14.39
CA PHE A 105 35.78 -25.24 14.78
C PHE A 105 36.01 -25.46 16.26
N LEU A 106 34.93 -25.67 16.99
CA LEU A 106 34.93 -25.87 18.44
C LEU A 106 35.87 -26.98 18.94
N PRO A 107 35.98 -28.11 18.22
CA PRO A 107 36.86 -29.11 18.84
C PRO A 107 38.35 -28.87 18.60
N TYR A 108 38.68 -27.74 17.95
CA TYR A 108 40.06 -27.42 17.58
C TYR A 108 40.56 -26.09 18.18
N VAL A 109 39.64 -25.33 18.77
CA VAL A 109 39.95 -23.98 19.23
C VAL A 109 40.96 -23.96 20.39
N ASP A 110 41.93 -23.07 20.29
CA ASP A 110 42.96 -22.95 21.32
C ASP A 110 42.84 -21.63 22.09
N LYS A 111 42.27 -20.61 21.46
CA LYS A 111 42.33 -19.27 21.97
C LYS A 111 41.04 -18.48 21.66
N LEU A 112 40.55 -17.71 22.66
CA LEU A 112 39.27 -17.00 22.53
C LEU A 112 39.46 -15.49 22.69
N TYR A 113 39.21 -14.71 21.63
CA TYR A 113 39.18 -13.25 21.74
C TYR A 113 37.73 -12.84 21.76
N ILE A 114 37.22 -12.45 22.92
CA ILE A 114 35.79 -12.17 23.01
C ILE A 114 35.57 -10.74 23.45
N THR A 115 34.82 -9.98 22.65
CA THR A 115 34.38 -8.67 23.14
C THR A 115 32.99 -8.84 23.78
N LYS A 116 32.83 -8.43 25.04
CA LYS A 116 31.51 -8.47 25.69
C LYS A 116 30.93 -7.04 25.82
N ILE A 117 29.76 -6.83 25.23
CA ILE A 117 29.14 -5.51 25.27
C ILE A 117 28.10 -5.51 26.37
N HIS A 118 28.14 -4.50 27.22
CA HIS A 118 27.28 -4.52 28.38
C HIS A 118 25.93 -3.92 28.04
N HIS A 119 25.10 -4.75 27.41
CA HIS A 119 23.80 -4.32 26.96
C HIS A 119 23.00 -5.53 26.49
N ALA A 120 21.69 -5.34 26.41
CA ALA A 120 20.84 -6.36 25.82
C ALA A 120 20.18 -5.81 24.56
N PHE A 121 20.61 -6.33 23.42
CA PHE A 121 20.03 -5.96 22.13
C PHE A 121 19.00 -7.00 21.74
N GLU A 122 18.38 -6.78 20.58
CA GLU A 122 17.45 -7.74 20.02
C GLU A 122 18.19 -8.53 18.95
N GLY A 123 18.26 -9.85 19.13
CA GLY A 123 19.03 -10.68 18.21
C GLY A 123 18.41 -12.02 17.88
N ASP A 124 18.97 -12.67 16.87
CA ASP A 124 18.48 -13.97 16.39
C ASP A 124 19.54 -15.06 16.32
N THR A 125 20.82 -14.68 16.38
CA THR A 125 21.91 -15.64 16.41
C THR A 125 22.77 -15.41 17.66
N PHE A 126 23.40 -16.47 18.17
CA PHE A 126 24.04 -16.40 19.47
C PHE A 126 25.40 -17.09 19.46
N PHE A 127 26.36 -16.53 20.18
CA PHE A 127 27.61 -17.24 20.38
C PHE A 127 27.30 -18.45 21.28
N PRO A 128 27.56 -19.66 20.76
CA PRO A 128 27.27 -20.90 21.48
C PRO A 128 27.82 -20.85 22.89
N GLU A 129 27.08 -21.40 23.83
CA GLU A 129 27.58 -21.59 25.17
C GLU A 129 28.91 -22.34 25.14
N MET A 130 29.77 -22.08 26.11
CA MET A 130 31.04 -22.77 26.24
C MET A 130 31.33 -22.93 27.72
N ASP A 131 31.90 -24.07 28.10
CA ASP A 131 32.35 -24.24 29.48
C ASP A 131 33.66 -23.48 29.71
N MET A 132 33.56 -22.37 30.44
CA MET A 132 34.72 -21.49 30.60
C MET A 132 35.71 -21.96 31.66
N THR A 133 35.38 -23.06 32.35
CA THR A 133 36.27 -23.57 33.39
C THR A 133 37.52 -24.23 32.79
N ASN A 134 37.47 -24.57 31.50
CA ASN A 134 38.65 -25.06 30.78
C ASN A 134 39.41 -23.88 30.17
N TRP A 135 39.00 -22.68 30.52
CA TRP A 135 39.59 -21.50 29.93
C TRP A 135 40.12 -20.55 31.00
N LYS A 136 41.22 -19.88 30.69
CA LYS A 136 41.81 -18.94 31.62
C LYS A 136 41.99 -17.59 30.92
N GLU A 137 41.53 -16.52 31.54
CA GLU A 137 41.76 -15.18 31.01
C GLU A 137 43.23 -14.80 31.06
N VAL A 138 43.74 -14.21 29.98
CA VAL A 138 45.14 -13.75 29.96
C VAL A 138 45.28 -12.26 29.70
N PHE A 139 44.21 -11.62 29.26
CA PHE A 139 44.22 -10.17 29.02
C PHE A 139 42.80 -9.62 29.03
N VAL A 140 42.63 -8.42 29.55
CA VAL A 140 41.35 -7.74 29.47
C VAL A 140 41.59 -6.23 29.29
N GLU A 141 40.63 -5.55 28.66
CA GLU A 141 40.74 -4.12 28.46
C GLU A 141 39.37 -3.52 28.16
N LYS A 142 39.05 -2.42 28.85
CA LYS A 142 37.82 -1.69 28.61
C LYS A 142 37.95 -0.94 27.28
N GLY A 143 37.05 -1.25 26.36
CA GLY A 143 37.01 -0.59 25.07
C GLY A 143 36.69 0.88 25.20
N LEU A 144 36.96 1.62 24.14
CA LEU A 144 36.73 3.06 24.14
C LEU A 144 35.23 3.33 24.01
N THR A 145 34.64 4.02 24.99
CA THR A 145 33.23 4.42 24.89
C THR A 145 33.09 5.93 24.68
N ASP A 146 32.37 6.36 23.64
CA ASP A 146 32.21 7.80 23.32
C ASP A 146 31.03 8.09 22.35
N GLU A 147 31.08 9.23 21.65
CA GLU A 147 29.99 9.63 20.74
C GLU A 147 29.72 8.58 19.66
N LYS A 148 30.78 7.95 19.16
CA LYS A 148 30.66 7.01 18.04
C LYS A 148 30.53 5.56 18.51
N ASN A 149 30.89 5.30 19.77
CA ASN A 149 30.82 3.97 20.31
C ASN A 149 29.99 4.03 21.60
N PRO A 150 28.66 4.04 21.45
CA PRO A 150 27.77 4.45 22.55
C PRO A 150 27.81 3.52 23.76
N TYR A 151 28.01 2.23 23.53
CA TYR A 151 27.91 1.25 24.60
C TYR A 151 29.22 1.01 25.35
N THR A 152 29.11 0.41 26.54
CA THR A 152 30.27 0.02 27.32
C THR A 152 30.63 -1.42 26.94
N TYR A 153 31.91 -1.67 26.70
CA TYR A 153 32.33 -3.01 26.28
C TYR A 153 33.78 -3.28 26.66
N TYR A 154 34.14 -4.57 26.67
CA TYR A 154 35.45 -5.01 27.12
C TYR A 154 36.02 -6.06 26.18
N TYR A 155 37.32 -5.95 25.91
CA TYR A 155 38.05 -6.97 25.17
C TYR A 155 38.52 -8.01 26.18
N HIS A 156 38.33 -9.29 25.86
CA HIS A 156 38.78 -10.38 26.73
C HIS A 156 39.51 -11.35 25.85
N VAL A 157 40.56 -11.94 26.38
CA VAL A 157 41.24 -13.01 25.67
C VAL A 157 41.42 -14.19 26.62
N TYR A 158 41.10 -15.40 26.17
CA TYR A 158 41.26 -16.58 27.01
C TYR A 158 42.14 -17.63 26.31
N GLU A 159 42.97 -18.32 27.10
CA GLU A 159 43.65 -19.53 26.63
C GLU A 159 43.21 -20.75 27.46
N LYS A 160 43.68 -21.93 27.06
CA LYS A 160 43.26 -23.17 27.69
C LYS A 160 43.72 -23.25 29.13
N GLN A 161 42.79 -23.62 30.02
CA GLN A 161 43.18 -23.89 31.39
C GLN A 161 44.01 -25.17 31.40
N GLN A 162 45.25 -25.05 31.87
CA GLN A 162 46.11 -26.23 32.00
C GLN A 162 45.70 -27.03 33.22
N LEU A 163 45.49 -28.33 33.04
CA LEU A 163 45.14 -29.22 34.15
C LEU A 163 46.38 -29.67 34.94
N VAL A 164 46.23 -29.76 36.26
CA VAL A 164 47.29 -30.24 37.14
C VAL A 164 46.97 -31.65 37.58
N PRO A 165 47.89 -32.62 37.30
CA PRO A 165 47.71 -34.06 37.58
C PRO A 165 47.51 -34.42 39.06
N ARG A 166 46.67 -35.42 39.31
CA ARG A 166 46.48 -35.91 40.67
C ARG A 166 47.58 -36.90 41.06
N MET B 1 0.52 10.47 -9.80
CA MET B 1 1.61 9.52 -10.03
C MET B 1 1.01 8.12 -10.02
N ILE B 2 1.61 7.23 -10.81
CA ILE B 2 1.14 5.86 -10.83
C ILE B 2 1.72 5.09 -9.64
N VAL B 3 0.88 4.64 -8.72
CA VAL B 3 1.36 3.84 -7.59
C VAL B 3 1.34 2.35 -7.96
N SER B 4 2.49 1.70 -7.95
CA SER B 4 2.58 0.32 -8.43
C SER B 4 3.16 -0.67 -7.44
N PHE B 5 2.47 -1.79 -7.24
CA PHE B 5 3.03 -2.89 -6.45
C PHE B 5 3.94 -3.70 -7.36
N MET B 6 5.14 -4.00 -6.88
CA MET B 6 6.06 -4.88 -7.58
C MET B 6 6.29 -6.02 -6.60
N VAL B 7 5.83 -7.21 -6.96
CA VAL B 7 5.89 -8.35 -6.06
C VAL B 7 6.21 -9.65 -6.80
N ALA B 8 6.95 -10.53 -6.12
CA ALA B 8 7.09 -11.91 -6.57
C ALA B 8 6.66 -12.86 -5.44
N MET B 9 5.81 -13.83 -5.76
CA MET B 9 5.24 -14.69 -4.73
C MET B 9 5.00 -16.11 -5.25
N ASP B 10 4.78 -17.05 -4.32
CA ASP B 10 4.54 -18.43 -4.73
C ASP B 10 3.05 -18.77 -4.77
N GLU B 11 2.74 -20.05 -4.98
CA GLU B 11 1.37 -20.58 -4.91
C GLU B 11 0.55 -20.04 -3.76
N ASN B 12 1.21 -19.76 -2.63
CA ASN B 12 0.51 -19.40 -1.40
C ASN B 12 0.80 -17.99 -0.92
N ARG B 13 1.35 -17.16 -1.81
CA ARG B 13 1.59 -15.72 -1.56
C ARG B 13 2.82 -15.47 -0.70
N VAL B 14 3.63 -16.51 -0.58
CA VAL B 14 4.88 -16.40 0.14
C VAL B 14 5.81 -15.38 -0.56
N ILE B 15 6.40 -14.48 0.21
CA ILE B 15 7.27 -13.45 -0.37
C ILE B 15 8.63 -13.38 0.31
N GLY B 16 8.77 -14.10 1.42
CA GLY B 16 10.04 -14.17 2.13
C GLY B 16 10.10 -15.32 3.11
N LYS B 17 11.33 -15.71 3.42
CA LYS B 17 11.61 -16.70 4.46
C LYS B 17 12.87 -16.28 5.21
N ASP B 18 12.68 -15.79 6.44
CA ASP B 18 13.76 -15.29 7.27
C ASP B 18 14.54 -14.22 6.50
N ASN B 19 13.81 -13.19 6.09
CA ASN B 19 14.41 -12.04 5.41
C ASN B 19 15.21 -12.39 4.15
N ASN B 20 14.71 -13.34 3.35
CA ASN B 20 15.26 -13.58 2.03
C ASN B 20 14.23 -14.24 1.11
N LEU B 21 14.53 -14.29 -0.19
CA LEU B 21 13.69 -15.03 -1.12
C LEU B 21 13.98 -16.50 -0.99
N PRO B 22 12.92 -17.31 -0.83
CA PRO B 22 13.04 -18.78 -0.78
C PRO B 22 13.61 -19.36 -2.07
N TRP B 23 13.56 -18.58 -3.15
CA TRP B 23 13.98 -19.03 -4.47
C TRP B 23 15.13 -18.17 -5.02
N ARG B 24 15.93 -18.73 -5.91
CA ARG B 24 16.92 -17.92 -6.62
C ARG B 24 16.55 -17.87 -8.10
N LEU B 25 16.08 -16.71 -8.55
CA LEU B 25 15.68 -16.55 -9.93
C LEU B 25 16.27 -15.27 -10.51
N PRO B 26 17.54 -15.34 -10.95
CA PRO B 26 18.26 -14.17 -11.46
C PRO B 26 17.48 -13.54 -12.60
N SER B 27 16.92 -14.39 -13.45
CA SER B 27 16.14 -13.88 -14.59
C SER B 27 14.96 -13.02 -14.10
N GLU B 28 14.31 -13.47 -13.02
CA GLU B 28 13.19 -12.72 -12.44
C GLU B 28 13.64 -11.37 -11.91
N LEU B 29 14.83 -11.34 -11.31
CA LEU B 29 15.40 -10.07 -10.83
C LEU B 29 15.78 -9.12 -11.97
N GLN B 30 16.32 -9.66 -13.05
CA GLN B 30 16.55 -8.84 -14.25
C GLN B 30 15.26 -8.22 -14.77
N TYR B 31 14.15 -8.96 -14.69
CA TYR B 31 12.85 -8.38 -15.03
C TYR B 31 12.58 -7.14 -14.16
N VAL B 32 12.66 -7.33 -12.85
CA VAL B 32 12.48 -6.23 -11.90
C VAL B 32 13.33 -5.01 -12.26
N LYS B 33 14.61 -5.25 -12.55
CA LYS B 33 15.54 -4.19 -12.88
C LYS B 33 15.07 -3.43 -14.11
N LYS B 34 14.74 -4.18 -15.16
CA LYS B 34 14.26 -3.61 -16.40
C LYS B 34 12.98 -2.80 -16.19
N THR B 35 12.08 -3.35 -15.39
CA THR B 35 10.77 -2.73 -15.22
C THR B 35 10.85 -1.46 -14.35
N THR B 36 11.73 -1.45 -13.36
CA THR B 36 11.76 -0.33 -12.42
C THR B 36 12.78 0.75 -12.74
N MET B 37 13.53 0.56 -13.82
CA MET B 37 14.58 1.49 -14.23
C MET B 37 14.09 2.95 -14.34
N GLY B 38 14.66 3.83 -13.53
CA GLY B 38 14.33 5.24 -13.60
C GLY B 38 13.17 5.66 -12.70
N HIS B 39 12.63 4.70 -11.93
CA HIS B 39 11.54 5.01 -11.00
C HIS B 39 11.90 4.66 -9.56
N PRO B 40 11.39 5.46 -8.61
CA PRO B 40 11.60 5.17 -7.19
C PRO B 40 11.20 3.76 -6.80
N LEU B 41 12.00 3.17 -5.92
CA LEU B 41 11.70 1.92 -5.26
C LEU B 41 11.38 2.23 -3.80
N ILE B 42 10.17 1.92 -3.36
CA ILE B 42 9.76 2.21 -1.98
C ILE B 42 9.82 0.90 -1.21
N MET B 43 10.64 0.84 -0.17
CA MET B 43 10.73 -0.40 0.60
C MET B 43 10.89 -0.16 2.10
N GLY B 44 10.50 -1.14 2.91
CA GLY B 44 10.73 -1.06 4.35
C GLY B 44 12.18 -1.36 4.68
N ARG B 45 12.62 -0.87 5.84
CA ARG B 45 14.00 -1.07 6.31
C ARG B 45 14.49 -2.55 6.23
N LYS B 46 13.75 -3.47 6.84
CA LYS B 46 14.13 -4.88 6.86
C LYS B 46 14.34 -5.42 5.44
N ASN B 47 13.37 -5.16 4.58
CA ASN B 47 13.45 -5.54 3.18
C ASN B 47 14.74 -4.99 2.57
N TYR B 48 15.01 -3.71 2.81
CA TYR B 48 16.24 -3.10 2.31
C TYR B 48 17.48 -3.84 2.78
N GLU B 49 17.53 -4.14 4.07
CA GLU B 49 18.70 -4.78 4.67
C GLU B 49 18.87 -6.24 4.25
N ALA B 50 17.80 -6.86 3.73
CA ALA B 50 17.92 -8.18 3.10
C ALA B 50 18.75 -8.07 1.82
N ILE B 51 18.37 -7.13 0.96
CA ILE B 51 19.18 -6.74 -0.21
C ILE B 51 20.56 -6.23 0.21
N GLY B 52 20.60 -5.49 1.33
CA GLY B 52 21.84 -5.00 1.90
C GLY B 52 22.60 -3.95 1.10
N ARG B 53 22.01 -3.46 0.02
CA ARG B 53 22.73 -2.61 -0.94
C ARG B 53 21.73 -1.75 -1.72
N PRO B 54 22.04 -0.46 -1.92
CA PRO B 54 21.21 0.39 -2.79
C PRO B 54 21.22 -0.12 -4.23
N LEU B 55 20.03 -0.46 -4.75
CA LEU B 55 19.90 -0.84 -6.15
C LEU B 55 20.08 0.41 -7.03
N PRO B 56 21.15 0.43 -7.82
CA PRO B 56 21.53 1.66 -8.54
C PRO B 56 20.53 2.03 -9.64
N GLY B 57 20.52 3.29 -10.05
CA GLY B 57 19.68 3.74 -11.14
C GLY B 57 18.23 3.93 -10.75
N ARG B 58 17.95 3.78 -9.46
CA ARG B 58 16.65 4.13 -8.93
C ARG B 58 16.86 4.82 -7.59
N ARG B 59 15.99 5.76 -7.27
CA ARG B 59 15.92 6.28 -5.92
C ARG B 59 15.45 5.14 -5.01
N ASN B 60 16.32 4.76 -4.07
CA ASN B 60 15.93 3.82 -3.06
C ASN B 60 15.33 4.61 -1.88
N ILE B 61 14.07 4.34 -1.56
CA ILE B 61 13.43 5.07 -0.48
C ILE B 61 13.03 4.09 0.60
N ILE B 62 13.65 4.23 1.76
CA ILE B 62 13.40 3.32 2.84
C ILE B 62 12.35 3.92 3.76
N VAL B 63 11.33 3.14 4.06
CA VAL B 63 10.26 3.57 4.94
C VAL B 63 10.48 2.96 6.31
N THR B 64 10.51 3.82 7.34
CA THR B 64 10.68 3.37 8.72
C THR B 64 10.16 4.43 9.68
N ARG B 65 9.67 3.97 10.83
CA ARG B 65 9.15 4.84 11.86
C ARG B 65 10.31 5.60 12.54
N ASN B 66 11.52 5.03 12.42
CA ASN B 66 12.73 5.51 13.11
C ASN B 66 13.34 6.82 12.57
N GLU B 67 13.18 7.91 13.34
CA GLU B 67 13.60 9.24 12.92
C GLU B 67 15.11 9.48 12.91
N GLY B 68 15.88 8.53 13.45
CA GLY B 68 17.33 8.63 13.43
C GLY B 68 17.94 7.78 12.33
N TYR B 69 17.12 6.96 11.71
CA TYR B 69 17.59 6.06 10.68
C TYR B 69 18.14 6.79 9.46
N HIS B 70 19.34 6.39 9.03
CA HIS B 70 19.92 6.93 7.82
C HIS B 70 20.80 5.88 7.16
N VAL B 71 20.89 5.93 5.83
CA VAL B 71 21.70 5.02 5.05
C VAL B 71 22.19 5.71 3.79
N GLU B 72 23.50 5.69 3.58
CA GLU B 72 24.11 6.33 2.42
C GLU B 72 23.53 5.81 1.12
N GLY B 73 23.40 6.70 0.14
CA GLY B 73 22.85 6.34 -1.15
C GLY B 73 21.35 6.14 -1.13
N CYS B 74 20.72 6.26 0.04
CA CYS B 74 19.27 6.10 0.15
C CYS B 74 18.59 7.38 0.67
N GLU B 75 17.26 7.43 0.58
CA GLU B 75 16.51 8.48 1.26
C GLU B 75 15.54 7.80 2.19
N VAL B 76 15.28 8.45 3.31
CA VAL B 76 14.39 7.86 4.31
C VAL B 76 13.07 8.62 4.46
N ALA B 77 11.97 7.89 4.34
CA ALA B 77 10.64 8.45 4.59
C ALA B 77 10.06 7.77 5.82
N HIS B 78 9.34 8.53 6.64
CA HIS B 78 8.90 8.02 7.93
C HIS B 78 7.41 7.74 7.92
N SER B 79 6.81 7.92 6.76
CA SER B 79 5.37 7.79 6.61
C SER B 79 4.98 7.92 5.14
N VAL B 80 3.75 7.51 4.86
CA VAL B 80 3.19 7.57 3.51
C VAL B 80 3.24 8.99 2.91
N GLU B 81 2.75 9.96 3.68
CA GLU B 81 2.79 11.38 3.30
C GLU B 81 4.22 11.79 2.90
N GLU B 82 5.21 11.38 3.69
CA GLU B 82 6.59 11.69 3.35
C GLU B 82 7.02 11.12 1.96
N VAL B 83 6.74 9.84 1.74
CA VAL B 83 6.96 9.22 0.43
C VAL B 83 6.34 10.05 -0.68
N PHE B 84 5.10 10.46 -0.47
CA PHE B 84 4.38 11.16 -1.55
C PHE B 84 5.00 12.53 -1.80
N GLU B 85 5.43 13.19 -0.73
CA GLU B 85 6.13 14.47 -0.86
C GLU B 85 7.46 14.26 -1.57
N LEU B 86 8.18 13.22 -1.16
CA LEU B 86 9.47 12.92 -1.79
C LEU B 86 9.30 12.63 -3.28
N CYS B 87 8.15 12.04 -3.64
CA CYS B 87 7.92 11.60 -5.01
C CYS B 87 6.97 12.52 -5.79
N LYS B 88 6.80 13.74 -5.27
CA LYS B 88 6.09 14.87 -5.92
C LYS B 88 6.07 14.83 -7.44
N ASN B 89 7.25 14.67 -8.02
CA ASN B 89 7.40 14.87 -9.45
C ASN B 89 7.47 13.57 -10.27
N GLU B 90 7.30 12.42 -9.61
CA GLU B 90 7.46 11.12 -10.29
C GLU B 90 6.21 10.64 -11.02
N GLU B 91 6.37 10.12 -12.24
CA GLU B 91 5.22 9.58 -12.96
C GLU B 91 4.76 8.20 -12.44
N GLU B 92 5.69 7.40 -11.92
CA GLU B 92 5.36 6.08 -11.38
C GLU B 92 6.36 5.64 -10.28
N ILE B 93 5.84 5.11 -9.18
CA ILE B 93 6.71 4.56 -8.12
C ILE B 93 6.38 3.09 -7.84
N PHE B 94 7.36 2.34 -7.37
CA PHE B 94 7.20 0.91 -7.20
C PHE B 94 7.32 0.49 -5.76
N ILE B 95 6.18 0.18 -5.14
CA ILE B 95 6.19 -0.37 -3.79
C ILE B 95 6.88 -1.76 -3.79
N PHE B 96 8.03 -1.85 -3.13
CA PHE B 96 8.89 -3.01 -3.30
C PHE B 96 8.70 -4.08 -2.23
N GLY B 97 7.87 -3.80 -1.22
CA GLY B 97 7.55 -4.87 -0.30
C GLY B 97 7.94 -4.71 1.16
N GLY B 98 7.74 -5.80 1.89
CA GLY B 98 7.40 -5.72 3.28
C GLY B 98 5.88 -5.77 3.16
N ALA B 99 5.30 -6.86 3.65
CA ALA B 99 3.86 -7.00 3.71
C ALA B 99 3.23 -5.72 4.24
N GLN B 100 3.79 -5.22 5.34
CA GLN B 100 3.31 -3.98 5.96
C GLN B 100 3.37 -2.78 5.02
N ILE B 101 4.44 -2.69 4.25
CA ILE B 101 4.62 -1.58 3.31
C ILE B 101 3.52 -1.64 2.22
N TYR B 102 3.26 -2.84 1.71
CA TYR B 102 2.15 -3.06 0.81
C TYR B 102 0.83 -2.65 1.47
N ASP B 103 0.67 -2.94 2.75
CA ASP B 103 -0.58 -2.62 3.42
C ASP B 103 -0.76 -1.12 3.56
N LEU B 104 0.36 -0.42 3.73
CA LEU B 104 0.33 1.04 3.81
C LEU B 104 -0.03 1.69 2.48
N PHE B 105 0.34 1.06 1.37
CA PHE B 105 0.12 1.70 0.09
C PHE B 105 -1.12 1.21 -0.64
N LEU B 106 -1.74 0.17 -0.08
CA LEU B 106 -3.00 -0.38 -0.55
C LEU B 106 -4.09 0.65 -0.97
N PRO B 107 -4.39 1.66 -0.12
CA PRO B 107 -5.45 2.58 -0.53
C PRO B 107 -5.09 3.45 -1.75
N TYR B 108 -3.83 3.41 -2.20
CA TYR B 108 -3.39 4.26 -3.31
C TYR B 108 -2.91 3.45 -4.52
N VAL B 109 -2.99 2.13 -4.43
CA VAL B 109 -2.34 1.33 -5.46
C VAL B 109 -3.09 1.35 -6.81
N ASP B 110 -2.35 1.61 -7.88
CA ASP B 110 -2.95 1.79 -9.19
C ASP B 110 -2.72 0.62 -10.14
N LYS B 111 -1.72 -0.19 -9.85
CA LYS B 111 -1.19 -1.09 -10.86
C LYS B 111 -0.34 -2.17 -10.18
N LEU B 112 -0.63 -3.43 -10.50
CA LEU B 112 0.07 -4.56 -9.89
C LEU B 112 1.01 -5.24 -10.89
N TYR B 113 2.29 -5.37 -10.55
CA TYR B 113 3.22 -6.20 -11.32
C TYR B 113 3.54 -7.42 -10.47
N ILE B 114 3.00 -8.56 -10.86
CA ILE B 114 3.08 -9.72 -9.98
C ILE B 114 3.71 -10.92 -10.65
N THR B 115 4.86 -11.36 -10.14
CA THR B 115 5.45 -12.62 -10.58
C THR B 115 4.91 -13.76 -9.72
N LYS B 116 4.18 -14.70 -10.34
CA LYS B 116 3.66 -15.87 -9.63
C LYS B 116 4.51 -17.10 -9.94
N ILE B 117 5.07 -17.70 -8.90
CA ILE B 117 5.93 -18.86 -9.04
C ILE B 117 5.15 -20.12 -8.73
N HIS B 118 5.21 -21.08 -9.65
CA HIS B 118 4.38 -22.29 -9.56
C HIS B 118 5.01 -23.37 -8.69
N HIS B 119 5.12 -23.09 -7.40
CA HIS B 119 5.74 -24.01 -6.48
C HIS B 119 5.40 -23.52 -5.09
N ALA B 120 5.48 -24.41 -4.11
CA ALA B 120 5.14 -24.09 -2.73
C ALA B 120 6.39 -24.15 -1.89
N PHE B 121 6.84 -23.00 -1.40
CA PHE B 121 8.03 -22.97 -0.56
C PHE B 121 7.62 -22.87 0.91
N GLU B 122 8.62 -22.92 1.80
CA GLU B 122 8.41 -22.61 3.21
C GLU B 122 8.66 -21.13 3.32
N GLY B 123 7.77 -20.42 4.01
CA GLY B 123 7.92 -18.96 4.11
C GLY B 123 7.15 -18.40 5.28
N ASP B 124 7.58 -17.23 5.75
CA ASP B 124 7.07 -16.69 7.00
C ASP B 124 6.23 -15.43 6.81
N THR B 125 6.50 -14.69 5.74
CA THR B 125 5.74 -13.48 5.42
C THR B 125 4.98 -13.65 4.10
N PHE B 126 3.90 -12.87 3.90
CA PHE B 126 2.98 -13.11 2.78
C PHE B 126 2.49 -11.84 2.09
N PHE B 127 2.27 -11.94 0.78
CA PHE B 127 1.60 -10.87 0.07
C PHE B 127 0.12 -10.90 0.43
N PRO B 128 -0.40 -9.77 0.92
CA PRO B 128 -1.76 -9.77 1.46
C PRO B 128 -2.78 -10.05 0.38
N GLU B 129 -3.92 -10.62 0.79
CA GLU B 129 -5.00 -10.93 -0.13
C GLU B 129 -5.56 -9.68 -0.77
N MET B 130 -5.94 -9.80 -2.05
CA MET B 130 -6.51 -8.67 -2.76
C MET B 130 -7.71 -9.13 -3.56
N ASP B 131 -8.73 -8.29 -3.65
CA ASP B 131 -9.91 -8.63 -4.43
C ASP B 131 -9.64 -8.38 -5.93
N MET B 132 -9.26 -9.44 -6.63
CA MET B 132 -8.84 -9.36 -8.04
C MET B 132 -9.97 -9.00 -8.99
N THR B 133 -11.19 -8.96 -8.49
CA THR B 133 -12.34 -8.60 -9.32
C THR B 133 -12.26 -7.13 -9.73
N ASN B 134 -11.58 -6.34 -8.89
CA ASN B 134 -11.38 -4.92 -9.18
C ASN B 134 -10.29 -4.70 -10.24
N TRP B 135 -9.65 -5.78 -10.66
CA TRP B 135 -8.46 -5.66 -11.51
C TRP B 135 -8.54 -6.43 -12.81
N LYS B 136 -7.86 -5.90 -13.83
CA LYS B 136 -7.82 -6.56 -15.14
C LYS B 136 -6.39 -6.77 -15.63
N GLU B 137 -6.11 -7.97 -16.14
CA GLU B 137 -4.78 -8.29 -16.64
C GLU B 137 -4.56 -7.57 -17.95
N VAL B 138 -3.44 -6.88 -18.10
CA VAL B 138 -3.14 -6.20 -19.35
C VAL B 138 -1.87 -6.76 -19.94
N PHE B 139 -1.21 -7.65 -19.21
CA PHE B 139 -0.02 -8.31 -19.73
C PHE B 139 0.33 -9.59 -18.94
N VAL B 140 0.83 -10.59 -19.65
CA VAL B 140 1.29 -11.84 -19.04
C VAL B 140 2.49 -12.34 -19.84
N GLU B 141 3.43 -13.01 -19.18
CA GLU B 141 4.53 -13.67 -19.88
C GLU B 141 5.13 -14.76 -19.00
N LYS B 142 5.33 -15.93 -19.59
CA LYS B 142 6.01 -17.04 -18.92
C LYS B 142 7.49 -16.70 -18.80
N GLY B 143 8.01 -16.79 -17.58
CA GLY B 143 9.41 -16.48 -17.32
C GLY B 143 10.31 -17.59 -17.85
N LEU B 144 11.60 -17.29 -17.91
CA LEU B 144 12.58 -18.25 -18.38
C LEU B 144 12.83 -19.33 -17.34
N THR B 145 12.55 -20.58 -17.69
CA THR B 145 12.96 -21.69 -16.82
C THR B 145 14.17 -22.39 -17.38
N ASP B 146 15.25 -22.43 -16.59
CA ASP B 146 16.49 -23.11 -17.03
C ASP B 146 17.32 -23.60 -15.85
N GLU B 147 18.61 -23.91 -16.10
CA GLU B 147 19.49 -24.36 -15.03
C GLU B 147 19.61 -23.31 -13.91
N LYS B 148 19.65 -22.04 -14.31
CA LYS B 148 19.81 -20.94 -13.37
C LYS B 148 18.49 -20.53 -12.73
N ASN B 149 17.38 -20.86 -13.38
CA ASN B 149 16.06 -20.47 -12.89
C ASN B 149 15.16 -21.70 -12.89
N PRO B 150 15.32 -22.53 -11.86
CA PRO B 150 14.79 -23.90 -11.86
C PRO B 150 13.33 -24.04 -11.48
N TYR B 151 12.56 -22.96 -11.52
CA TYR B 151 11.13 -23.09 -11.25
C TYR B 151 10.30 -22.58 -12.41
N THR B 152 9.01 -22.94 -12.42
CA THR B 152 8.10 -22.37 -13.41
C THR B 152 7.43 -21.11 -12.81
N TYR B 153 7.43 -20.01 -13.57
CA TYR B 153 6.89 -18.73 -13.07
C TYR B 153 6.46 -17.82 -14.21
N TYR B 154 5.57 -16.89 -13.87
CA TYR B 154 4.87 -16.05 -14.86
C TYR B 154 4.82 -14.59 -14.39
N TYR B 155 5.13 -13.66 -15.29
CA TYR B 155 4.89 -12.24 -15.02
C TYR B 155 3.45 -11.90 -15.37
N HIS B 156 2.78 -11.19 -14.48
CA HIS B 156 1.46 -10.64 -14.78
C HIS B 156 1.44 -9.17 -14.41
N VAL B 157 0.67 -8.38 -15.16
CA VAL B 157 0.51 -6.96 -14.87
C VAL B 157 -0.98 -6.63 -14.82
N TYR B 158 -1.42 -5.91 -13.80
CA TYR B 158 -2.84 -5.64 -13.67
C TYR B 158 -3.05 -4.15 -13.53
N GLU B 159 -4.11 -3.66 -14.16
CA GLU B 159 -4.58 -2.31 -13.95
C GLU B 159 -6.03 -2.35 -13.52
N LYS B 160 -6.50 -1.23 -12.97
CA LYS B 160 -7.87 -1.13 -12.45
C LYS B 160 -8.86 -1.39 -13.56
N GLN B 161 -9.84 -2.25 -13.29
CA GLN B 161 -10.92 -2.48 -14.24
C GLN B 161 -11.77 -1.22 -14.31
N GLN B 162 -12.01 -0.73 -15.52
CA GLN B 162 -12.79 0.50 -15.67
C GLN B 162 -14.23 0.21 -15.30
N LEU B 163 -14.82 1.07 -14.48
CA LEU B 163 -16.21 0.87 -14.11
C LEU B 163 -17.14 1.42 -15.21
N VAL B 164 -18.16 0.65 -15.56
CA VAL B 164 -19.19 1.09 -16.49
C VAL B 164 -20.38 1.50 -15.64
N PRO B 165 -20.86 2.73 -15.83
CA PRO B 165 -21.92 3.26 -14.94
C PRO B 165 -23.27 2.56 -15.13
N ARG B 166 -24.04 2.46 -14.04
CA ARG B 166 -25.37 1.88 -14.10
C ARG B 166 -26.36 2.92 -14.60
N MET C 1 29.93 13.22 15.19
CA MET C 1 28.87 14.22 15.38
C MET C 1 29.42 15.40 16.15
N ILE C 2 28.98 16.60 15.79
CA ILE C 2 29.33 17.76 16.57
C ILE C 2 28.35 17.83 17.74
N VAL C 3 28.89 17.90 18.95
CA VAL C 3 28.08 18.04 20.15
C VAL C 3 28.10 19.49 20.60
N SER C 4 26.98 20.17 20.42
CA SER C 4 26.96 21.61 20.68
C SER C 4 26.17 21.96 21.92
N PHE C 5 26.77 22.79 22.76
CA PHE C 5 25.98 23.45 23.79
C PHE C 5 25.28 24.65 23.19
N MET C 6 24.03 24.82 23.61
CA MET C 6 23.20 25.95 23.26
C MET C 6 22.73 26.51 24.59
N VAL C 7 23.13 27.73 24.91
CA VAL C 7 22.73 28.30 26.20
C VAL C 7 22.55 29.82 26.15
N ALA C 8 21.66 30.30 27.01
CA ALA C 8 21.48 31.72 27.23
C ALA C 8 21.64 31.97 28.73
N MET C 9 22.56 32.86 29.09
CA MET C 9 22.83 33.06 30.50
C MET C 9 23.13 34.52 30.82
N ASP C 10 23.02 34.87 32.10
CA ASP C 10 23.25 36.25 32.53
C ASP C 10 24.70 36.48 32.96
N GLU C 11 24.97 37.66 33.50
CA GLU C 11 26.31 38.03 33.97
C GLU C 11 26.93 36.99 34.88
N ASN C 12 26.08 36.30 35.63
CA ASN C 12 26.52 35.38 36.66
C ASN C 12 26.22 33.91 36.30
N ARG C 13 26.11 33.62 35.01
CA ARG C 13 25.81 32.26 34.50
C ARG C 13 24.44 31.70 34.93
N VAL C 14 23.52 32.58 35.31
CA VAL C 14 22.16 32.14 35.60
C VAL C 14 21.47 31.63 34.32
N ILE C 15 20.82 30.47 34.39
CA ILE C 15 20.08 29.94 33.25
C ILE C 15 18.64 29.61 33.59
N GLY C 16 18.28 29.79 34.84
CA GLY C 16 16.92 29.48 35.28
C GLY C 16 16.63 29.88 36.70
N LYS C 17 15.34 30.03 36.97
CA LYS C 17 14.83 30.38 38.28
C LYS C 17 13.46 29.73 38.33
N ASP C 18 13.31 28.77 39.25
CA ASP C 18 12.10 27.96 39.34
C ASP C 18 11.81 27.29 38.00
N ASN C 19 12.86 26.72 37.38
CA ASN C 19 12.78 26.08 36.07
C ASN C 19 12.50 27.02 34.90
N ASN C 20 12.20 28.29 35.19
CA ASN C 20 11.80 29.23 34.16
C ASN C 20 12.92 30.16 33.72
N LEU C 21 12.77 30.70 32.51
CA LEU C 21 13.62 31.80 32.07
C LEU C 21 13.24 33.03 32.86
N PRO C 22 14.23 33.68 33.48
CA PRO C 22 13.99 34.90 34.27
C PRO C 22 13.76 36.11 33.37
N TRP C 23 14.10 35.98 32.09
CA TRP C 23 13.86 37.03 31.11
C TRP C 23 12.81 36.58 30.11
N ARG C 24 12.34 37.52 29.30
CA ARG C 24 11.46 37.20 28.18
C ARG C 24 12.05 37.89 26.95
N LEU C 25 12.73 37.10 26.13
CA LEU C 25 13.43 37.63 24.97
C LEU C 25 13.11 36.79 23.74
N PRO C 26 11.86 36.89 23.24
CA PRO C 26 11.41 36.12 22.07
C PRO C 26 12.38 36.20 20.90
N SER C 27 13.03 37.37 20.73
CA SER C 27 14.04 37.48 19.68
C SER C 27 15.20 36.49 19.89
N GLU C 28 15.66 36.34 21.14
CA GLU C 28 16.66 35.34 21.48
C GLU C 28 16.16 33.94 21.10
N LEU C 29 14.88 33.68 21.38
CA LEU C 29 14.29 32.37 21.10
C LEU C 29 14.21 32.11 19.59
N GLN C 30 13.99 33.17 18.82
CA GLN C 30 14.10 33.03 17.36
C GLN C 30 15.53 32.69 16.91
N TYR C 31 16.54 33.27 17.56
CA TYR C 31 17.91 32.89 17.24
C TYR C 31 18.09 31.36 17.44
N VAL C 32 17.63 30.85 18.57
CA VAL C 32 17.66 29.42 18.82
C VAL C 32 16.94 28.62 17.72
N LYS C 33 15.74 29.07 17.35
CA LYS C 33 14.99 28.43 16.27
C LYS C 33 15.81 28.35 15.00
N LYS C 34 16.30 29.49 14.54
CA LYS C 34 17.11 29.56 13.33
C LYS C 34 18.32 28.63 13.42
N THR C 35 19.07 28.74 14.50
CA THR C 35 20.37 28.08 14.63
C THR C 35 20.28 26.57 14.71
N THR C 36 19.25 26.04 15.39
CA THR C 36 19.16 24.59 15.57
C THR C 36 18.32 23.90 14.49
N MET C 37 17.98 24.64 13.44
CA MET C 37 17.15 24.08 12.38
C MET C 37 17.83 22.87 11.78
N GLY C 38 17.08 21.79 11.66
CA GLY C 38 17.59 20.56 11.07
C GLY C 38 18.42 19.69 11.99
N HIS C 39 18.43 20.00 13.28
CA HIS C 39 19.27 19.29 14.23
C HIS C 39 18.51 18.97 15.52
N PRO C 40 18.79 17.81 16.12
CA PRO C 40 18.13 17.39 17.37
C PRO C 40 18.41 18.32 18.56
N LEU C 41 17.45 18.35 19.48
CA LEU C 41 17.54 19.13 20.69
C LEU C 41 17.54 18.13 21.83
N ILE C 42 18.60 18.16 22.63
CA ILE C 42 18.67 17.25 23.75
C ILE C 42 18.44 18.03 25.03
N MET C 43 17.37 17.68 25.75
CA MET C 43 17.00 18.45 26.93
C MET C 43 16.48 17.55 28.04
N GLY C 44 16.67 18.00 29.27
CA GLY C 44 16.19 17.25 30.43
C GLY C 44 14.71 17.42 30.58
N ARG C 45 14.09 16.54 31.36
CA ARG C 45 12.65 16.60 31.62
C ARG C 45 12.16 17.99 32.04
N LYS C 46 12.72 18.51 33.13
CA LYS C 46 12.24 19.80 33.67
C LYS C 46 12.32 20.91 32.62
N ASN C 47 13.45 20.93 31.91
CA ASN C 47 13.64 21.87 30.82
C ASN C 47 12.49 21.75 29.78
N TYR C 48 12.20 20.52 29.34
CA TYR C 48 11.10 20.32 28.42
C TYR C 48 9.76 20.81 28.97
N GLU C 49 9.48 20.47 30.24
CA GLU C 49 8.19 20.82 30.84
C GLU C 49 7.98 22.34 30.98
N ALA C 50 9.06 23.08 31.25
CA ALA C 50 8.99 24.53 31.26
C ALA C 50 8.68 25.07 29.86
N ILE C 51 9.27 24.44 28.85
CA ILE C 51 9.02 24.80 27.45
C ILE C 51 7.57 24.45 27.07
N GLY C 52 7.04 23.40 27.68
CA GLY C 52 5.63 23.08 27.52
C GLY C 52 5.24 22.27 26.29
N ARG C 53 5.93 22.49 25.17
CA ARG C 53 5.59 21.77 23.95
C ARG C 53 6.86 21.33 23.20
N PRO C 54 6.75 20.24 22.42
CA PRO C 54 7.88 19.94 21.54
C PRO C 54 8.00 21.05 20.54
N LEU C 55 9.20 21.55 20.31
CA LEU C 55 9.30 22.55 19.26
C LEU C 55 9.47 21.88 17.91
N PRO C 56 8.77 22.40 16.89
CA PRO C 56 8.54 21.73 15.60
C PRO C 56 9.79 21.63 14.73
N GLY C 57 9.75 20.71 13.77
CA GLY C 57 10.79 20.60 12.76
C GLY C 57 12.10 19.99 13.23
N ARG C 58 12.17 19.60 14.50
CA ARG C 58 13.39 19.03 15.07
C ARG C 58 13.07 17.79 15.87
N ARG C 59 14.02 16.86 15.97
CA ARG C 59 13.88 15.79 16.96
C ARG C 59 14.02 16.39 18.35
N ASN C 60 12.98 16.25 19.18
CA ASN C 60 13.05 16.67 20.57
C ASN C 60 13.40 15.47 21.44
N ILE C 61 14.60 15.46 22.00
CA ILE C 61 15.00 14.34 22.83
C ILE C 61 15.07 14.70 24.30
N ILE C 62 14.19 14.06 25.07
CA ILE C 62 14.10 14.29 26.50
C ILE C 62 14.90 13.22 27.24
N VAL C 63 15.78 13.64 28.13
CA VAL C 63 16.64 12.72 28.86
C VAL C 63 16.11 12.57 30.27
N THR C 64 15.79 11.35 30.68
CA THR C 64 15.38 11.12 32.06
C THR C 64 15.70 9.72 32.57
N ARG C 65 15.81 9.59 33.88
CA ARG C 65 16.08 8.30 34.50
C ARG C 65 14.86 7.38 34.41
N ASN C 66 13.68 7.98 34.39
CA ASN C 66 12.43 7.22 34.41
C ASN C 66 12.17 6.44 33.13
N GLU C 67 12.17 5.12 33.21
CA GLU C 67 12.10 4.25 32.03
C GLU C 67 10.74 4.29 31.30
N GLY C 68 9.67 4.54 32.03
CA GLY C 68 8.35 4.56 31.44
C GLY C 68 7.86 5.97 31.14
N TYR C 69 8.76 6.94 31.22
CA TYR C 69 8.44 8.30 30.81
C TYR C 69 8.26 8.42 29.29
N HIS C 70 7.07 8.83 28.88
CA HIS C 70 6.78 8.99 27.45
C HIS C 70 6.06 10.31 27.19
N VAL C 71 6.35 10.92 26.04
CA VAL C 71 5.79 12.21 25.70
C VAL C 71 5.56 12.28 24.20
N GLU C 72 4.29 12.48 23.84
CA GLU C 72 3.86 12.52 22.44
C GLU C 72 4.66 13.56 21.69
N GLY C 73 5.21 13.17 20.54
CA GLY C 73 5.99 14.07 19.72
C GLY C 73 7.46 14.12 20.08
N CYS C 74 7.83 13.47 21.18
CA CYS C 74 9.22 13.46 21.64
C CYS C 74 9.84 12.05 21.75
N GLU C 75 11.14 11.94 21.46
CA GLU C 75 11.90 10.73 21.76
C GLU C 75 12.42 10.84 23.21
N VAL C 76 12.57 9.71 23.90
CA VAL C 76 13.10 9.71 25.27
C VAL C 76 14.36 8.84 25.38
N ALA C 77 15.41 9.39 25.99
CA ALA C 77 16.65 8.64 26.26
C ALA C 77 16.93 8.61 27.77
N HIS C 78 17.59 7.57 28.24
CA HIS C 78 17.77 7.41 29.68
C HIS C 78 19.21 7.56 30.16
N SER C 79 20.09 7.91 29.24
CA SER C 79 21.53 7.92 29.50
C SER C 79 22.25 8.62 28.34
N VAL C 80 23.46 9.08 28.61
CA VAL C 80 24.33 9.61 27.57
C VAL C 80 24.48 8.60 26.41
N GLU C 81 24.68 7.34 26.78
CA GLU C 81 24.83 6.23 25.83
C GLU C 81 23.64 6.16 24.85
N GLU C 82 22.44 6.18 25.41
CA GLU C 82 21.23 6.15 24.59
C GLU C 82 21.10 7.38 23.69
N VAL C 83 21.51 8.54 24.17
CA VAL C 83 21.43 9.73 23.32
C VAL C 83 22.35 9.57 22.10
N PHE C 84 23.55 9.04 22.33
CA PHE C 84 24.52 8.85 21.25
C PHE C 84 24.11 7.71 20.31
N GLU C 85 23.37 6.74 20.85
CA GLU C 85 22.77 5.69 20.01
C GLU C 85 21.72 6.28 19.10
N LEU C 86 20.82 7.05 19.74
CA LEU C 86 19.71 7.71 19.07
C LEU C 86 20.21 8.66 18.00
N CYS C 87 21.36 9.29 18.24
CA CYS C 87 21.85 10.29 17.30
C CYS C 87 23.00 9.81 16.43
N LYS C 88 23.24 8.51 16.37
CA LYS C 88 24.46 8.00 15.73
C LYS C 88 24.65 8.52 14.30
N ASN C 89 23.56 8.85 13.61
CA ASN C 89 23.70 9.39 12.26
C ASN C 89 23.72 10.94 12.12
N GLU C 90 23.49 11.67 13.22
CA GLU C 90 23.37 13.14 13.19
C GLU C 90 24.68 13.90 12.93
N GLU C 91 24.60 14.89 12.05
CA GLU C 91 25.73 15.77 11.77
C GLU C 91 26.08 16.59 13.03
N GLU C 92 25.04 17.04 13.74
CA GLU C 92 25.24 17.92 14.88
C GLU C 92 24.04 17.83 15.83
N ILE C 93 24.31 17.91 17.14
CA ILE C 93 23.22 17.93 18.13
C ILE C 93 23.41 19.07 19.12
N PHE C 94 22.29 19.59 19.61
CA PHE C 94 22.29 20.70 20.55
C PHE C 94 21.81 20.29 21.93
N ILE C 95 22.75 20.28 22.86
CA ILE C 95 22.41 20.07 24.25
C ILE C 95 21.71 21.36 24.71
N PHE C 96 20.49 21.21 25.21
CA PHE C 96 19.60 22.35 25.32
C PHE C 96 19.39 22.79 26.75
N GLY C 97 19.91 22.02 27.69
CA GLY C 97 19.92 22.49 29.05
C GLY C 97 19.16 21.69 30.07
N GLY C 98 19.11 22.28 31.27
CA GLY C 98 19.21 21.53 32.49
C GLY C 98 20.71 21.63 32.73
N ALA C 99 21.12 22.39 33.74
CA ALA C 99 22.51 22.42 34.16
C ALA C 99 23.07 20.98 34.21
N GLN C 100 22.32 20.09 34.87
CA GLN C 100 22.72 18.70 34.99
C GLN C 100 23.02 18.08 33.64
N ILE C 101 22.17 18.39 32.66
CA ILE C 101 22.33 17.86 31.32
C ILE C 101 23.63 18.35 30.66
N TYR C 102 23.88 19.65 30.75
CA TYR C 102 25.18 20.22 30.37
C TYR C 102 26.36 19.47 31.02
N ASP C 103 26.25 19.21 32.34
CA ASP C 103 27.28 18.46 33.05
C ASP C 103 27.45 17.09 32.42
N LEU C 104 26.33 16.42 32.14
CA LEU C 104 26.38 15.12 31.51
C LEU C 104 27.20 15.10 30.23
N PHE C 105 27.08 16.15 29.42
CA PHE C 105 27.72 16.13 28.11
C PHE C 105 29.03 16.94 28.02
N LEU C 106 29.52 17.37 29.18
CA LEU C 106 30.75 18.16 29.22
C LEU C 106 31.95 17.47 28.58
N PRO C 107 32.10 16.17 28.83
CA PRO C 107 33.25 15.42 28.32
C PRO C 107 33.25 15.25 26.80
N TYR C 108 32.15 15.65 26.16
CA TYR C 108 31.99 15.41 24.73
C TYR C 108 31.73 16.69 23.93
N VAL C 109 31.67 17.83 24.61
CA VAL C 109 31.22 19.04 23.95
C VAL C 109 32.24 19.55 22.92
N ASP C 110 31.77 19.95 21.75
CA ASP C 110 32.63 20.44 20.68
C ASP C 110 32.42 21.89 20.27
N LYS C 111 31.25 22.45 20.57
CA LYS C 111 30.94 23.76 20.08
C LYS C 111 30.05 24.45 21.08
N LEU C 112 30.26 25.75 21.24
CA LEU C 112 29.55 26.51 22.25
C LEU C 112 28.72 27.62 21.61
N TYR C 113 27.41 27.55 21.81
CA TYR C 113 26.53 28.63 21.38
C TYR C 113 25.98 29.30 22.63
N ILE C 114 26.61 30.42 23.01
CA ILE C 114 26.28 31.06 24.27
C ILE C 114 25.67 32.44 24.05
N THR C 115 24.44 32.63 24.51
CA THR C 115 23.88 33.98 24.54
C THR C 115 24.19 34.60 25.91
N LYS C 116 25.02 35.66 25.92
CA LYS C 116 25.31 36.39 27.16
C LYS C 116 24.41 37.61 27.34
N ILE C 117 23.51 37.56 28.33
CA ILE C 117 22.64 38.69 28.66
C ILE C 117 23.26 39.62 29.71
N HIS C 118 23.40 40.91 29.36
CA HIS C 118 24.11 41.89 30.18
C HIS C 118 23.22 42.44 31.30
N HIS C 119 22.96 41.59 32.28
CA HIS C 119 22.12 41.94 33.41
C HIS C 119 22.35 40.86 34.45
N ALA C 120 22.08 41.21 35.71
CA ALA C 120 22.15 40.23 36.78
C ALA C 120 20.74 39.99 37.27
N PHE C 121 20.17 38.85 36.90
CA PHE C 121 18.87 38.44 37.43
C PHE C 121 19.13 37.60 38.65
N GLU C 122 18.07 37.25 39.37
CA GLU C 122 18.23 36.25 40.41
C GLU C 122 17.71 34.91 39.94
N GLY C 123 18.56 33.89 40.05
CA GLY C 123 18.20 32.55 39.62
C GLY C 123 18.72 31.52 40.61
N ASP C 124 18.34 30.26 40.41
CA ASP C 124 18.71 29.17 41.31
C ASP C 124 19.45 28.02 40.60
N THR C 125 19.80 28.23 39.33
CA THR C 125 20.48 27.19 38.58
C THR C 125 21.41 27.80 37.53
N PHE C 126 22.55 27.17 37.29
CA PHE C 126 23.63 27.87 36.62
C PHE C 126 24.27 27.13 35.46
N PHE C 127 24.78 27.88 34.49
CA PHE C 127 25.62 27.27 33.47
C PHE C 127 26.97 27.02 34.12
N PRO C 128 27.39 25.76 34.13
CA PRO C 128 28.65 25.37 34.75
C PRO C 128 29.84 26.10 34.14
N GLU C 129 30.76 26.55 34.99
CA GLU C 129 31.94 27.27 34.53
C GLU C 129 32.79 26.41 33.60
N MET C 130 33.44 27.06 32.64
CA MET C 130 34.29 26.36 31.69
C MET C 130 35.57 27.14 31.47
N ASP C 131 36.64 26.44 31.11
CA ASP C 131 37.90 27.10 30.82
C ASP C 131 37.92 27.58 29.37
N MET C 132 37.66 28.87 29.20
CA MET C 132 37.51 29.46 27.87
C MET C 132 38.81 29.57 27.08
N THR C 133 39.94 29.33 27.75
CA THR C 133 41.24 29.37 27.07
C THR C 133 41.43 28.23 26.08
N ASN C 134 40.62 27.19 26.20
CA ASN C 134 40.59 26.15 25.18
C ASN C 134 39.63 26.51 24.01
N TRP C 135 38.98 27.66 24.12
CA TRP C 135 37.96 28.07 23.14
C TRP C 135 38.29 29.34 22.36
N LYS C 136 37.87 29.38 21.10
CA LYS C 136 38.07 30.56 20.25
C LYS C 136 36.73 31.04 19.68
N GLU C 137 36.42 32.31 19.90
CA GLU C 137 35.21 32.90 19.35
C GLU C 137 35.34 32.90 17.84
N VAL C 138 34.36 32.34 17.14
CA VAL C 138 34.35 32.37 15.68
C VAL C 138 33.25 33.27 15.13
N PHE C 139 32.29 33.65 15.99
CA PHE C 139 31.20 34.51 15.59
C PHE C 139 30.58 35.25 16.77
N VAL C 140 30.16 36.48 16.49
CA VAL C 140 29.52 37.30 17.51
C VAL C 140 28.49 38.16 16.79
N GLU C 141 27.47 38.58 17.54
CA GLU C 141 26.41 39.42 17.04
C GLU C 141 25.61 39.94 18.23
N LYS C 142 25.37 41.25 18.24
CA LYS C 142 24.52 41.87 19.26
C LYS C 142 23.03 41.62 18.96
N GLY C 143 22.35 41.01 19.93
CA GLY C 143 20.93 40.69 19.81
C GLY C 143 20.06 41.93 19.75
N LEU C 144 18.80 41.74 19.40
CA LEU C 144 17.86 42.85 19.25
C LEU C 144 17.30 43.28 20.59
N THR C 145 17.52 44.54 20.94
CA THR C 145 16.96 45.11 22.15
C THR C 145 15.86 46.09 21.80
N ASP C 146 14.64 45.82 22.28
CA ASP C 146 13.48 46.70 21.99
C ASP C 146 12.41 46.51 23.04
N GLU C 147 11.16 46.91 22.74
CA GLU C 147 10.06 46.83 23.73
C GLU C 147 9.83 45.41 24.23
N LYS C 148 9.87 44.46 23.30
CA LYS C 148 9.59 43.07 23.63
C LYS C 148 10.85 42.34 24.07
N ASN C 149 12.00 42.96 23.84
CA ASN C 149 13.27 42.39 24.30
C ASN C 149 14.07 43.43 25.09
N PRO C 150 13.75 43.57 26.39
CA PRO C 150 14.21 44.72 27.17
C PRO C 150 15.72 44.72 27.39
N TYR C 151 16.29 43.56 27.71
CA TYR C 151 17.71 43.55 28.09
C TYR C 151 18.65 43.66 26.91
N THR C 152 19.93 43.89 27.21
CA THR C 152 20.98 43.91 26.20
C THR C 152 21.72 42.56 26.20
N TYR C 153 21.90 41.95 25.02
CA TYR C 153 22.52 40.61 24.95
C TYR C 153 23.29 40.36 23.65
N TYR C 154 24.18 39.37 23.68
CA TYR C 154 25.03 39.07 22.55
C TYR C 154 25.08 37.58 22.27
N TYR C 155 24.94 37.21 21.00
CA TYR C 155 25.19 35.83 20.59
C TYR C 155 26.69 35.64 20.37
N HIS C 156 27.22 34.58 20.98
CA HIS C 156 28.63 34.21 20.84
C HIS C 156 28.71 32.76 20.36
N VAL C 157 29.57 32.48 19.38
CA VAL C 157 29.83 31.09 19.00
C VAL C 157 31.32 30.75 19.14
N TYR C 158 31.60 29.64 19.83
CA TYR C 158 32.98 29.25 20.08
C TYR C 158 33.27 27.83 19.58
N GLU C 159 34.44 27.67 18.94
CA GLU C 159 34.97 26.35 18.62
C GLU C 159 36.26 26.09 19.40
N LYS C 160 36.76 24.86 19.31
CA LYS C 160 37.96 24.46 20.05
C LYS C 160 39.20 25.23 19.54
N GLN C 161 40.00 25.71 20.48
CA GLN C 161 41.20 26.46 20.15
C GLN C 161 42.27 25.45 19.73
N GLN C 162 42.83 25.62 18.54
CA GLN C 162 43.87 24.71 18.14
C GLN C 162 45.26 25.28 18.42
N LEU C 163 46.12 24.49 19.05
CA LEU C 163 47.46 24.95 19.38
C LEU C 163 48.46 24.66 18.26
N VAL C 164 49.57 25.39 18.27
CA VAL C 164 50.66 25.19 17.32
C VAL C 164 51.76 24.37 17.98
N PRO C 165 52.02 23.16 17.45
CA PRO C 165 53.04 22.25 18.03
C PRO C 165 54.41 22.92 18.22
N ARG C 166 55.15 22.51 19.25
CA ARG C 166 56.50 23.06 19.46
C ARG C 166 57.51 22.46 18.49
N MET D 1 9.05 -35.05 -38.10
CA MET D 1 8.06 -34.05 -38.50
C MET D 1 7.14 -33.64 -37.34
N ILE D 2 7.15 -32.37 -36.97
CA ILE D 2 6.25 -31.85 -35.94
C ILE D 2 4.86 -31.58 -36.52
N VAL D 3 3.83 -32.22 -35.96
CA VAL D 3 2.48 -31.98 -36.44
C VAL D 3 1.78 -30.99 -35.51
N SER D 4 1.57 -29.76 -35.96
CA SER D 4 1.04 -28.73 -35.08
C SER D 4 -0.42 -28.38 -35.38
N PHE D 5 -1.22 -28.22 -34.33
CA PHE D 5 -2.56 -27.67 -34.53
C PHE D 5 -2.52 -26.16 -34.37
N MET D 6 -3.10 -25.46 -35.36
CA MET D 6 -3.22 -24.01 -35.31
C MET D 6 -4.70 -23.68 -35.29
N VAL D 7 -5.18 -23.07 -34.21
CA VAL D 7 -6.63 -22.83 -34.11
C VAL D 7 -6.99 -21.58 -33.33
N ALA D 8 -8.15 -21.01 -33.62
CA ALA D 8 -8.72 -19.95 -32.78
C ALA D 8 -10.11 -20.37 -32.36
N MET D 9 -10.37 -20.36 -31.05
CA MET D 9 -11.67 -20.80 -30.54
C MET D 9 -12.17 -19.92 -29.41
N ASP D 10 -13.48 -19.91 -29.20
CA ASP D 10 -14.05 -19.11 -28.13
C ASP D 10 -14.21 -19.93 -26.86
N GLU D 11 -14.93 -19.37 -25.90
CA GLU D 11 -15.13 -20.01 -24.60
C GLU D 11 -15.73 -21.40 -24.67
N ASN D 12 -16.47 -21.69 -25.75
CA ASN D 12 -17.12 -22.99 -25.91
C ASN D 12 -16.54 -23.80 -27.08
N ARG D 13 -15.32 -23.40 -27.48
CA ARG D 13 -14.53 -24.09 -28.51
C ARG D 13 -15.11 -23.92 -29.92
N VAL D 14 -16.00 -22.93 -30.09
CA VAL D 14 -16.48 -22.59 -31.42
C VAL D 14 -15.33 -22.13 -32.31
N ILE D 15 -15.23 -22.70 -33.50
CA ILE D 15 -14.16 -22.35 -34.41
C ILE D 15 -14.72 -21.84 -35.73
N GLY D 16 -16.04 -21.84 -35.85
CA GLY D 16 -16.71 -21.46 -37.08
C GLY D 16 -18.22 -21.20 -36.96
N LYS D 17 -18.75 -20.50 -37.95
CA LYS D 17 -20.18 -20.25 -38.06
C LYS D 17 -20.54 -19.95 -39.52
N ASP D 18 -21.36 -20.82 -40.11
CA ASP D 18 -21.60 -20.79 -41.56
C ASP D 18 -20.27 -20.82 -42.29
N ASN D 19 -19.39 -21.72 -41.86
CA ASN D 19 -18.04 -21.85 -42.42
C ASN D 19 -17.16 -20.62 -42.18
N ASN D 20 -17.71 -19.65 -41.45
CA ASN D 20 -17.04 -18.38 -41.23
C ASN D 20 -16.68 -18.17 -39.76
N LEU D 21 -15.75 -17.25 -39.51
CA LEU D 21 -15.42 -16.84 -38.16
C LEU D 21 -16.46 -15.84 -37.64
N PRO D 22 -17.05 -16.12 -36.47
CA PRO D 22 -18.04 -15.20 -35.90
C PRO D 22 -17.39 -13.91 -35.39
N TRP D 23 -16.06 -13.89 -35.38
CA TRP D 23 -15.30 -12.71 -34.96
C TRP D 23 -14.43 -12.22 -36.10
N ARG D 24 -13.97 -10.97 -35.98
CA ARG D 24 -13.05 -10.43 -36.97
C ARG D 24 -11.84 -9.85 -36.26
N LEU D 25 -10.77 -10.61 -36.18
CA LEU D 25 -9.61 -10.20 -35.41
C LEU D 25 -8.37 -10.12 -36.28
N PRO D 26 -8.20 -9.01 -37.00
CA PRO D 26 -7.07 -8.78 -37.91
C PRO D 26 -5.73 -9.12 -37.26
N SER D 27 -5.50 -8.58 -36.07
CA SER D 27 -4.24 -8.85 -35.36
C SER D 27 -4.00 -10.35 -35.11
N GLU D 28 -5.08 -11.11 -34.86
CA GLU D 28 -4.96 -12.54 -34.63
C GLU D 28 -4.47 -13.22 -35.90
N LEU D 29 -5.01 -12.79 -37.04
CA LEU D 29 -4.58 -13.36 -38.32
C LEU D 29 -3.12 -13.01 -38.66
N GLN D 30 -2.67 -11.82 -38.24
CA GLN D 30 -1.24 -11.49 -38.39
C GLN D 30 -0.37 -12.46 -37.61
N TYR D 31 -0.85 -12.84 -36.42
CA TYR D 31 -0.16 -13.85 -35.62
C TYR D 31 -0.05 -15.17 -36.38
N VAL D 32 -1.16 -15.60 -36.96
CA VAL D 32 -1.16 -16.80 -37.78
C VAL D 32 -0.13 -16.67 -38.91
N LYS D 33 -0.16 -15.55 -39.63
CA LYS D 33 0.73 -15.38 -40.78
C LYS D 33 2.18 -15.49 -40.36
N LYS D 34 2.53 -14.81 -39.27
CA LYS D 34 3.91 -14.85 -38.79
C LYS D 34 4.32 -16.25 -38.30
N THR D 35 3.42 -16.94 -37.60
CA THR D 35 3.77 -18.20 -36.95
C THR D 35 3.96 -19.31 -37.98
N THR D 36 3.07 -19.36 -38.96
CA THR D 36 3.05 -20.47 -39.92
C THR D 36 3.87 -20.20 -41.17
N MET D 37 4.61 -19.08 -41.16
CA MET D 37 5.43 -18.70 -42.31
C MET D 37 6.53 -19.71 -42.60
N GLY D 38 6.59 -20.16 -43.86
CA GLY D 38 7.61 -21.11 -44.28
C GLY D 38 7.33 -22.52 -43.82
N HIS D 39 6.05 -22.79 -43.59
CA HIS D 39 5.62 -24.14 -43.23
C HIS D 39 4.33 -24.49 -43.96
N PRO D 40 4.14 -25.78 -44.27
CA PRO D 40 2.91 -26.21 -44.91
C PRO D 40 1.72 -25.89 -44.03
N LEU D 41 0.64 -25.52 -44.69
CA LEU D 41 -0.61 -25.25 -44.03
C LEU D 41 -1.59 -26.30 -44.53
N ILE D 42 -2.11 -27.11 -43.62
CA ILE D 42 -2.97 -28.23 -44.03
C ILE D 42 -4.42 -27.88 -43.72
N MET D 43 -5.25 -27.74 -44.76
CA MET D 43 -6.64 -27.38 -44.53
C MET D 43 -7.65 -28.18 -45.35
N GLY D 44 -8.83 -28.41 -44.77
CA GLY D 44 -9.94 -28.91 -45.55
C GLY D 44 -10.37 -27.93 -46.63
N ARG D 45 -11.08 -28.45 -47.62
CA ARG D 45 -11.62 -27.66 -48.74
C ARG D 45 -12.60 -26.55 -48.30
N LYS D 46 -13.58 -26.90 -47.46
CA LYS D 46 -14.56 -25.93 -47.00
C LYS D 46 -13.84 -24.76 -46.35
N ASN D 47 -12.82 -25.12 -45.58
CA ASN D 47 -12.02 -24.13 -44.89
C ASN D 47 -11.25 -23.27 -45.87
N TYR D 48 -10.71 -23.89 -46.93
CA TYR D 48 -9.95 -23.13 -47.90
C TYR D 48 -10.88 -22.17 -48.63
N GLU D 49 -12.08 -22.66 -48.93
CA GLU D 49 -13.07 -21.88 -49.64
C GLU D 49 -13.65 -20.76 -48.78
N ALA D 50 -13.48 -20.84 -47.46
CA ALA D 50 -13.97 -19.77 -46.58
C ALA D 50 -13.01 -18.60 -46.58
N ILE D 51 -11.74 -18.91 -46.84
CA ILE D 51 -10.68 -17.91 -46.97
C ILE D 51 -10.63 -17.31 -48.40
N GLY D 52 -10.91 -18.14 -49.40
CA GLY D 52 -10.99 -17.68 -50.78
C GLY D 52 -9.67 -17.58 -51.54
N ARG D 53 -8.56 -17.68 -50.82
CA ARG D 53 -7.27 -17.38 -51.43
C ARG D 53 -6.17 -18.34 -50.97
N PRO D 54 -5.21 -18.70 -51.85
CA PRO D 54 -3.99 -19.35 -51.40
C PRO D 54 -3.18 -18.35 -50.53
N LEU D 55 -2.94 -18.71 -49.28
CA LEU D 55 -2.16 -17.90 -48.40
C LEU D 55 -0.70 -18.11 -48.81
N PRO D 56 -0.06 -17.06 -49.35
CA PRO D 56 1.30 -17.21 -49.88
C PRO D 56 2.34 -17.29 -48.77
N GLY D 57 3.59 -17.54 -49.14
CA GLY D 57 4.65 -17.74 -48.18
C GLY D 57 4.53 -19.09 -47.48
N ARG D 58 3.69 -19.97 -48.05
CA ARG D 58 3.47 -21.30 -47.49
C ARG D 58 3.20 -22.34 -48.57
N ARG D 59 3.29 -23.61 -48.18
CA ARG D 59 2.72 -24.70 -48.96
C ARG D 59 1.28 -24.91 -48.52
N ASN D 60 0.35 -24.43 -49.33
CA ASN D 60 -1.06 -24.69 -49.05
C ASN D 60 -1.41 -26.10 -49.53
N ILE D 61 -1.88 -26.93 -48.60
CA ILE D 61 -2.25 -28.30 -48.94
C ILE D 61 -3.72 -28.49 -48.61
N ILE D 62 -4.53 -28.76 -49.62
CA ILE D 62 -5.96 -28.88 -49.40
C ILE D 62 -6.36 -30.34 -49.28
N VAL D 63 -7.15 -30.65 -48.26
CA VAL D 63 -7.53 -32.02 -47.97
C VAL D 63 -8.99 -32.28 -48.33
N THR D 64 -9.19 -33.21 -49.25
CA THR D 64 -10.53 -33.59 -49.71
C THR D 64 -10.60 -34.99 -50.31
N ARG D 65 -11.72 -35.66 -50.06
CA ARG D 65 -12.03 -36.97 -50.65
C ARG D 65 -11.99 -36.92 -52.20
N ASN D 66 -12.45 -35.82 -52.76
CA ASN D 66 -12.60 -35.68 -54.21
C ASN D 66 -11.28 -35.73 -54.98
N GLU D 67 -11.09 -36.82 -55.73
CA GLU D 67 -9.90 -37.02 -56.55
C GLU D 67 -9.77 -36.01 -57.69
N GLY D 68 -10.91 -35.46 -58.11
CA GLY D 68 -10.92 -34.49 -59.20
C GLY D 68 -10.84 -33.04 -58.77
N TYR D 69 -10.63 -32.79 -57.48
CA TYR D 69 -10.51 -31.42 -57.00
C TYR D 69 -9.12 -30.82 -57.31
N HIS D 70 -9.09 -29.63 -57.89
CA HIS D 70 -7.81 -28.94 -58.12
C HIS D 70 -7.90 -27.42 -57.89
N VAL D 71 -6.79 -26.82 -57.47
CA VAL D 71 -6.74 -25.39 -57.18
C VAL D 71 -5.38 -24.84 -57.58
N GLU D 72 -5.36 -23.70 -58.28
CA GLU D 72 -4.10 -23.11 -58.71
C GLU D 72 -3.30 -22.62 -57.49
N GLY D 73 -2.02 -22.99 -57.45
CA GLY D 73 -1.15 -22.57 -56.37
C GLY D 73 -1.28 -23.40 -55.11
N CYS D 74 -2.10 -24.44 -55.16
CA CYS D 74 -2.30 -25.32 -54.03
C CYS D 74 -2.12 -26.78 -54.43
N GLU D 75 -1.63 -27.58 -53.48
CA GLU D 75 -1.54 -29.02 -53.67
C GLU D 75 -2.77 -29.65 -53.05
N VAL D 76 -3.11 -30.85 -53.50
CA VAL D 76 -4.28 -31.54 -52.99
C VAL D 76 -3.93 -32.93 -52.45
N ALA D 77 -4.33 -33.18 -51.21
CA ALA D 77 -4.14 -34.50 -50.62
C ALA D 77 -5.51 -35.07 -50.30
N HIS D 78 -5.63 -36.39 -50.36
CA HIS D 78 -6.95 -37.02 -50.29
C HIS D 78 -7.11 -37.87 -49.04
N SER D 79 -6.04 -37.91 -48.24
CA SER D 79 -6.01 -38.74 -47.03
C SER D 79 -4.87 -38.27 -46.14
N VAL D 80 -4.95 -38.64 -44.87
CA VAL D 80 -3.87 -38.42 -43.92
C VAL D 80 -2.55 -38.93 -44.51
N GLU D 81 -2.54 -40.21 -44.87
CA GLU D 81 -1.38 -40.87 -45.50
C GLU D 81 -0.75 -39.99 -46.58
N GLU D 82 -1.55 -39.51 -47.52
CA GLU D 82 -1.03 -38.62 -48.56
C GLU D 82 -0.39 -37.33 -48.02
N VAL D 83 -1.05 -36.66 -47.07
CA VAL D 83 -0.42 -35.50 -46.41
C VAL D 83 0.99 -35.85 -45.90
N PHE D 84 1.11 -36.95 -45.18
CA PHE D 84 2.43 -37.37 -44.68
C PHE D 84 3.42 -37.69 -45.79
N GLU D 85 2.95 -38.22 -46.91
CA GLU D 85 3.84 -38.43 -48.06
C GLU D 85 4.35 -37.10 -48.60
N LEU D 86 3.41 -36.18 -48.82
CA LEU D 86 3.74 -34.83 -49.33
C LEU D 86 4.70 -34.07 -48.42
N CYS D 87 4.58 -34.29 -47.11
CA CYS D 87 5.39 -33.55 -46.15
C CYS D 87 6.51 -34.37 -45.52
N LYS D 88 6.94 -35.44 -46.17
CA LYS D 88 7.92 -36.34 -45.55
C LYS D 88 9.25 -35.67 -45.20
N ASN D 89 9.61 -34.63 -45.95
CA ASN D 89 10.84 -33.92 -45.64
C ASN D 89 10.61 -32.58 -44.92
N GLU D 90 9.41 -32.40 -44.36
CA GLU D 90 9.07 -31.14 -43.69
C GLU D 90 9.36 -31.18 -42.21
N GLU D 91 9.74 -30.01 -41.67
CA GLU D 91 10.09 -29.87 -40.26
C GLU D 91 8.88 -29.82 -39.34
N GLU D 92 7.86 -29.07 -39.74
CA GLU D 92 6.69 -28.84 -38.93
C GLU D 92 5.55 -28.43 -39.84
N ILE D 93 4.41 -29.13 -39.74
CA ILE D 93 3.22 -28.76 -40.50
C ILE D 93 2.13 -28.21 -39.58
N PHE D 94 1.25 -27.41 -40.14
CA PHE D 94 0.19 -26.79 -39.36
C PHE D 94 -1.19 -27.25 -39.83
N ILE D 95 -1.86 -28.04 -38.99
CA ILE D 95 -3.22 -28.41 -39.27
C ILE D 95 -4.06 -27.16 -39.05
N PHE D 96 -4.66 -26.67 -40.13
CA PHE D 96 -5.25 -25.35 -40.12
C PHE D 96 -6.77 -25.37 -39.96
N GLY D 97 -7.34 -26.56 -39.83
CA GLY D 97 -8.74 -26.58 -39.47
C GLY D 97 -9.74 -27.14 -40.44
N GLY D 98 -10.99 -26.96 -40.06
CA GLY D 98 -12.02 -27.93 -40.32
C GLY D 98 -11.95 -28.81 -39.07
N ALA D 99 -13.06 -28.86 -38.34
CA ALA D 99 -13.16 -29.69 -37.15
C ALA D 99 -12.81 -31.14 -37.47
N GLN D 100 -13.39 -31.66 -38.55
CA GLN D 100 -13.15 -33.05 -38.93
C GLN D 100 -11.76 -33.26 -39.52
N ILE D 101 -11.09 -32.17 -39.87
CA ILE D 101 -9.70 -32.24 -40.32
C ILE D 101 -8.82 -32.35 -39.09
N TYR D 102 -9.18 -31.62 -38.04
CA TYR D 102 -8.52 -31.76 -36.74
C TYR D 102 -8.65 -33.20 -36.23
N ASP D 103 -9.83 -33.80 -36.39
CA ASP D 103 -10.07 -35.18 -35.93
C ASP D 103 -9.16 -36.19 -36.62
N LEU D 104 -9.05 -36.08 -37.94
CA LEU D 104 -8.14 -36.93 -38.70
C LEU D 104 -6.69 -36.84 -38.21
N PHE D 105 -6.24 -35.65 -37.78
CA PHE D 105 -4.83 -35.51 -37.39
C PHE D 105 -4.56 -35.63 -35.89
N LEU D 106 -5.64 -35.77 -35.12
CA LEU D 106 -5.56 -35.94 -33.66
C LEU D 106 -4.48 -36.95 -33.21
N PRO D 107 -4.48 -38.17 -33.78
CA PRO D 107 -3.55 -39.18 -33.23
C PRO D 107 -2.08 -38.83 -33.45
N TYR D 108 -1.82 -37.75 -34.18
CA TYR D 108 -0.46 -37.41 -34.57
C TYR D 108 0.00 -36.06 -34.05
N VAL D 109 -0.90 -35.33 -33.39
CA VAL D 109 -0.58 -33.96 -33.02
C VAL D 109 0.54 -33.89 -31.96
N ASP D 110 1.48 -32.96 -32.13
CA ASP D 110 2.58 -32.81 -31.19
C ASP D 110 2.64 -31.46 -30.48
N LYS D 111 1.97 -30.47 -31.06
CA LYS D 111 2.06 -29.11 -30.58
C LYS D 111 0.72 -28.42 -30.86
N LEU D 112 0.23 -27.67 -29.88
CA LEU D 112 -1.01 -26.93 -29.99
C LEU D 112 -0.73 -25.44 -29.97
N TYR D 113 -1.09 -24.74 -31.06
CA TYR D 113 -1.11 -23.29 -31.05
C TYR D 113 -2.56 -22.88 -30.97
N ILE D 114 -2.99 -22.46 -29.80
CA ILE D 114 -4.40 -22.22 -29.59
C ILE D 114 -4.65 -20.76 -29.22
N THR D 115 -5.40 -20.04 -30.05
CA THR D 115 -5.88 -18.73 -29.63
C THR D 115 -7.22 -18.90 -28.91
N LYS D 116 -7.31 -18.39 -27.68
CA LYS D 116 -8.51 -18.52 -26.88
C LYS D 116 -9.19 -17.16 -26.74
N ILE D 117 -10.36 -17.00 -27.37
CA ILE D 117 -11.07 -15.74 -27.28
C ILE D 117 -12.05 -15.77 -26.10
N HIS D 118 -11.98 -14.74 -25.26
CA HIS D 118 -12.78 -14.72 -24.04
C HIS D 118 -14.18 -14.20 -24.26
N HIS D 119 -14.96 -14.96 -25.04
CA HIS D 119 -16.34 -14.60 -25.37
C HIS D 119 -17.06 -15.87 -25.81
N ALA D 120 -18.39 -15.77 -25.91
CA ALA D 120 -19.23 -16.86 -26.40
C ALA D 120 -20.03 -16.40 -27.63
N PHE D 121 -19.61 -16.85 -28.81
CA PHE D 121 -20.34 -16.52 -30.05
C PHE D 121 -21.38 -17.58 -30.34
N GLU D 122 -22.07 -17.44 -31.48
CA GLU D 122 -22.91 -18.52 -31.98
C GLU D 122 -22.13 -19.30 -33.02
N GLY D 123 -21.96 -20.61 -32.80
CA GLY D 123 -21.20 -21.42 -33.73
C GLY D 123 -21.84 -22.75 -34.07
N ASP D 124 -21.42 -23.33 -35.18
CA ASP D 124 -21.92 -24.63 -35.59
C ASP D 124 -20.81 -25.67 -35.67
N THR D 125 -19.54 -25.24 -35.66
CA THR D 125 -18.42 -26.19 -35.61
C THR D 125 -17.51 -25.95 -34.41
N PHE D 126 -16.84 -27.00 -33.96
CA PHE D 126 -16.07 -26.91 -32.73
C PHE D 126 -14.69 -27.55 -32.83
N PHE D 127 -13.76 -27.05 -32.04
CA PHE D 127 -12.50 -27.74 -31.85
C PHE D 127 -12.77 -28.94 -30.97
N PRO D 128 -12.33 -30.13 -31.42
CA PRO D 128 -12.67 -31.34 -30.66
C PRO D 128 -12.06 -31.28 -29.26
N GLU D 129 -12.77 -31.82 -28.26
CA GLU D 129 -12.26 -31.84 -26.90
C GLU D 129 -10.89 -32.54 -26.83
N MET D 130 -10.00 -32.07 -25.97
CA MET D 130 -8.72 -32.74 -25.72
C MET D 130 -8.37 -32.74 -24.23
N ASP D 131 -7.74 -33.82 -23.77
CA ASP D 131 -7.27 -33.89 -22.39
C ASP D 131 -5.93 -33.16 -22.22
N MET D 132 -5.96 -32.00 -21.56
CA MET D 132 -4.78 -31.13 -21.46
C MET D 132 -3.80 -31.49 -20.33
N THR D 133 -3.94 -32.68 -19.74
CA THR D 133 -3.03 -33.13 -18.68
C THR D 133 -1.82 -33.84 -19.27
N ASN D 134 -1.83 -34.02 -20.59
CA ASN D 134 -0.66 -34.51 -21.32
C ASN D 134 0.11 -33.34 -21.91
N TRP D 135 -0.46 -32.14 -21.74
CA TRP D 135 0.04 -30.98 -22.43
C TRP D 135 0.59 -29.93 -21.46
N LYS D 136 1.62 -29.23 -21.89
CA LYS D 136 2.34 -28.28 -21.05
C LYS D 136 2.50 -26.97 -21.79
N GLU D 137 2.08 -25.87 -21.17
CA GLU D 137 2.17 -24.58 -21.82
C GLU D 137 3.63 -24.12 -21.94
N VAL D 138 4.07 -23.76 -23.14
CA VAL D 138 5.43 -23.21 -23.30
C VAL D 138 5.44 -21.73 -23.67
N PHE D 139 4.28 -21.16 -23.96
CA PHE D 139 4.24 -19.75 -24.30
C PHE D 139 2.81 -19.27 -24.20
N VAL D 140 2.65 -18.04 -23.70
CA VAL D 140 1.36 -17.38 -23.65
C VAL D 140 1.59 -15.89 -23.90
N GLU D 141 0.59 -15.25 -24.50
CA GLU D 141 0.64 -13.82 -24.80
C GLU D 141 -0.78 -13.34 -24.99
N LYS D 142 -1.10 -12.22 -24.36
CA LYS D 142 -2.42 -11.59 -24.52
C LYS D 142 -2.45 -10.88 -25.88
N GLY D 143 -3.50 -11.15 -26.64
CA GLY D 143 -3.67 -10.52 -27.94
C GLY D 143 -4.00 -9.05 -27.81
N LEU D 144 -3.73 -8.31 -28.87
CA LEU D 144 -4.02 -6.89 -28.88
C LEU D 144 -5.54 -6.66 -29.02
N THR D 145 -6.13 -6.09 -27.97
CA THR D 145 -7.54 -5.72 -28.03
C THR D 145 -7.67 -4.22 -28.29
N ASP D 146 -8.37 -3.87 -29.37
CA ASP D 146 -8.58 -2.45 -29.71
C ASP D 146 -9.79 -2.27 -30.63
N GLU D 147 -9.86 -1.10 -31.29
CA GLU D 147 -10.99 -0.78 -32.18
C GLU D 147 -11.22 -1.85 -33.27
N LYS D 148 -10.14 -2.28 -33.90
CA LYS D 148 -10.25 -3.25 -34.98
C LYS D 148 -10.38 -4.67 -34.45
N ASN D 149 -9.95 -4.87 -33.20
CA ASN D 149 -9.95 -6.20 -32.58
C ASN D 149 -10.75 -6.17 -31.27
N PRO D 150 -12.08 -6.18 -31.39
CA PRO D 150 -12.93 -5.84 -30.24
C PRO D 150 -13.23 -6.99 -29.29
N TYR D 151 -12.28 -7.88 -29.03
CA TYR D 151 -12.47 -8.92 -28.03
C TYR D 151 -11.17 -9.10 -27.24
N THR D 152 -11.27 -9.67 -26.05
CA THR D 152 -10.09 -10.04 -25.29
C THR D 152 -9.70 -11.49 -25.65
N TYR D 153 -8.42 -11.71 -25.97
CA TYR D 153 -7.97 -13.05 -26.38
C TYR D 153 -6.47 -13.26 -26.10
N TYR D 154 -6.06 -14.53 -26.07
CA TYR D 154 -4.68 -14.91 -25.75
C TYR D 154 -4.19 -16.02 -26.67
N TYR D 155 -2.95 -15.88 -27.12
CA TYR D 155 -2.25 -16.97 -27.79
C TYR D 155 -1.67 -17.90 -26.73
N HIS D 156 -1.86 -19.20 -26.92
CA HIS D 156 -1.23 -20.20 -26.07
C HIS D 156 -0.49 -21.20 -26.94
N VAL D 157 0.66 -21.68 -26.47
CA VAL D 157 1.37 -22.75 -27.17
C VAL D 157 1.67 -23.89 -26.21
N TYR D 158 1.13 -25.07 -26.51
CA TYR D 158 1.36 -26.22 -25.63
C TYR D 158 2.17 -27.30 -26.33
N GLU D 159 3.05 -27.95 -25.57
CA GLU D 159 3.77 -29.13 -26.05
C GLU D 159 3.48 -30.33 -25.15
N LYS D 160 3.82 -31.52 -25.62
CA LYS D 160 3.63 -32.76 -24.88
C LYS D 160 4.34 -32.72 -23.53
N GLN D 161 3.64 -33.11 -22.46
CA GLN D 161 4.26 -33.23 -21.15
C GLN D 161 5.35 -34.31 -21.18
N GLN D 162 6.52 -34.01 -20.63
CA GLN D 162 7.60 -34.99 -20.60
C GLN D 162 7.40 -35.96 -19.43
N LEU D 163 7.30 -37.26 -19.71
CA LEU D 163 7.22 -38.21 -18.61
C LEU D 163 8.61 -38.56 -18.08
N VAL D 164 8.81 -38.32 -16.78
CA VAL D 164 9.93 -38.90 -16.05
C VAL D 164 9.61 -40.37 -15.84
N PRO D 165 10.56 -41.27 -16.13
CA PRO D 165 10.22 -42.70 -15.96
C PRO D 165 10.17 -43.13 -14.51
N ARG D 166 9.52 -44.25 -14.24
CA ARG D 166 9.44 -44.77 -12.87
C ARG D 166 10.30 -46.02 -12.72
N MET E 1 -11.83 2.88 -37.44
CA MET E 1 -12.95 3.77 -37.24
C MET E 1 -12.44 5.02 -36.54
N ILE E 2 -13.03 6.16 -36.86
CA ILE E 2 -12.66 7.41 -36.19
C ILE E 2 -13.44 7.51 -34.87
N VAL E 3 -12.74 7.50 -33.75
CA VAL E 3 -13.39 7.72 -32.47
C VAL E 3 -13.40 9.22 -32.14
N SER E 4 -14.58 9.81 -32.11
CA SER E 4 -14.69 11.23 -31.86
C SER E 4 -15.37 11.56 -30.53
N PHE E 5 -14.80 12.51 -29.83
CA PHE E 5 -15.48 13.14 -28.71
C PHE E 5 -16.28 14.33 -29.25
N MET E 6 -17.53 14.43 -28.78
CA MET E 6 -18.39 15.55 -29.11
C MET E 6 -18.86 16.10 -27.78
N VAL E 7 -18.36 17.29 -27.44
CA VAL E 7 -18.61 17.86 -26.13
C VAL E 7 -18.85 19.36 -26.23
N ALA E 8 -19.63 19.88 -25.30
CA ALA E 8 -19.74 21.32 -25.11
C ALA E 8 -19.45 21.60 -23.62
N MET E 9 -18.63 22.60 -23.36
CA MET E 9 -18.24 22.87 -21.98
C MET E 9 -17.99 24.34 -21.75
N ASP E 10 -17.98 24.74 -20.48
CA ASP E 10 -17.74 26.14 -20.15
C ASP E 10 -16.27 26.39 -19.85
N GLU E 11 -15.99 27.55 -19.25
CA GLU E 11 -14.63 27.95 -18.91
C GLU E 11 -13.87 26.93 -18.06
N ASN E 12 -14.59 26.28 -17.15
CA ASN E 12 -13.97 25.36 -16.20
C ASN E 12 -14.35 23.91 -16.50
N ARG E 13 -14.73 23.64 -17.75
CA ARG E 13 -15.00 22.29 -18.26
C ARG E 13 -16.28 21.65 -17.73
N VAL E 14 -17.21 22.48 -17.26
CA VAL E 14 -18.52 22.00 -16.87
C VAL E 14 -19.29 21.53 -18.10
N ILE E 15 -19.95 20.36 -17.98
CA ILE E 15 -20.76 19.84 -19.08
C ILE E 15 -22.17 19.48 -18.62
N GLY E 16 -22.47 19.75 -17.35
CA GLY E 16 -23.78 19.46 -16.82
C GLY E 16 -24.01 19.96 -15.40
N LYS E 17 -25.27 20.26 -15.10
CA LYS E 17 -25.71 20.62 -13.76
C LYS E 17 -26.98 19.84 -13.49
N ASP E 18 -26.94 18.97 -12.48
CA ASP E 18 -27.89 17.86 -12.38
C ASP E 18 -27.76 17.08 -13.69
N ASN E 19 -28.89 16.73 -14.31
CA ASN E 19 -28.79 16.20 -15.66
C ASN E 19 -29.50 17.10 -16.68
N ASN E 20 -28.98 18.31 -16.82
CA ASN E 20 -29.39 19.20 -17.89
C ASN E 20 -28.20 20.10 -18.27
N LEU E 21 -28.27 20.69 -19.46
CA LEU E 21 -27.30 21.70 -19.85
C LEU E 21 -27.60 22.98 -19.10
N PRO E 22 -26.59 23.55 -18.45
CA PRO E 22 -26.78 24.77 -17.67
C PRO E 22 -27.12 25.93 -18.58
N TRP E 23 -26.74 25.80 -19.85
CA TRP E 23 -27.06 26.81 -20.87
C TRP E 23 -28.14 26.28 -21.80
N ARG E 24 -28.69 27.19 -22.59
CA ARG E 24 -29.62 26.83 -23.65
C ARG E 24 -29.11 27.49 -24.92
N LEU E 25 -28.51 26.70 -25.79
CA LEU E 25 -27.96 27.23 -27.04
C LEU E 25 -28.47 26.43 -28.26
N PRO E 26 -29.71 26.71 -28.69
CA PRO E 26 -30.31 25.94 -29.79
C PRO E 26 -29.37 25.93 -31.02
N SER E 27 -28.65 27.02 -31.27
CA SER E 27 -27.68 27.06 -32.35
C SER E 27 -26.53 26.05 -32.18
N GLU E 28 -25.99 25.93 -30.97
CA GLU E 28 -24.95 24.93 -30.70
C GLU E 28 -25.50 23.55 -31.08
N LEU E 29 -26.71 23.26 -30.60
CA LEU E 29 -27.30 21.94 -30.77
C LEU E 29 -27.48 21.62 -32.25
N GLN E 30 -27.88 22.63 -33.03
CA GLN E 30 -27.95 22.43 -34.48
C GLN E 30 -26.57 22.08 -35.05
N TYR E 31 -25.50 22.65 -34.50
CA TYR E 31 -24.17 22.25 -34.95
C TYR E 31 -23.92 20.77 -34.65
N VAL E 32 -24.37 20.31 -33.49
CA VAL E 32 -24.23 18.89 -33.12
C VAL E 32 -24.98 17.98 -34.09
N LYS E 33 -26.26 18.28 -34.29
CA LYS E 33 -27.14 17.48 -35.15
C LYS E 33 -26.62 17.41 -36.59
N LYS E 34 -26.11 18.52 -37.08
CA LYS E 34 -25.56 18.54 -38.43
C LYS E 34 -24.29 17.68 -38.54
N THR E 35 -23.36 17.90 -37.62
CA THR E 35 -22.09 17.21 -37.61
C THR E 35 -22.24 15.69 -37.41
N THR E 36 -23.12 15.28 -36.50
CA THR E 36 -23.28 13.85 -36.21
C THR E 36 -24.34 13.15 -37.05
N MET E 37 -24.88 13.83 -38.07
CA MET E 37 -25.90 13.19 -38.90
C MET E 37 -25.36 11.92 -39.57
N GLY E 38 -26.06 10.81 -39.38
CA GLY E 38 -25.67 9.55 -39.99
C GLY E 38 -24.44 8.90 -39.38
N HIS E 39 -24.11 9.29 -38.15
CA HIS E 39 -23.05 8.63 -37.41
C HIS E 39 -23.57 8.31 -36.03
N PRO E 40 -23.09 7.20 -35.44
CA PRO E 40 -23.64 6.77 -34.14
C PRO E 40 -23.36 7.76 -33.00
N LEU E 41 -24.30 7.83 -32.07
CA LEU E 41 -24.11 8.54 -30.82
C LEU E 41 -23.97 7.51 -29.72
N ILE E 42 -22.92 7.64 -28.94
CA ILE E 42 -22.68 6.73 -27.85
C ILE E 42 -22.79 7.56 -26.60
N MET E 43 -23.70 7.20 -25.71
CA MET E 43 -23.89 7.96 -24.48
C MET E 43 -24.22 7.03 -23.32
N GLY E 44 -24.05 7.50 -22.09
CA GLY E 44 -24.47 6.74 -20.93
C GLY E 44 -25.95 6.91 -20.67
N ARG E 45 -26.53 6.03 -19.85
CA ARG E 45 -27.96 6.05 -19.58
C ARG E 45 -28.46 7.41 -19.11
N LYS E 46 -27.77 8.04 -18.17
CA LYS E 46 -28.20 9.35 -17.67
C LYS E 46 -28.23 10.42 -18.77
N ASN E 47 -27.17 10.48 -19.56
CA ASN E 47 -27.08 11.42 -20.68
C ASN E 47 -28.28 11.27 -21.63
N TYR E 48 -28.70 10.02 -21.88
CA TYR E 48 -29.87 9.76 -22.71
C TYR E 48 -31.16 10.22 -22.06
N GLU E 49 -31.26 10.00 -20.75
CA GLU E 49 -32.47 10.37 -20.00
C GLU E 49 -32.59 11.88 -19.91
N ALA E 50 -31.44 12.56 -19.93
CA ALA E 50 -31.40 14.00 -19.86
C ALA E 50 -31.86 14.62 -21.18
N ILE E 51 -31.50 13.96 -22.28
CA ILE E 51 -31.96 14.33 -23.62
C ILE E 51 -33.46 14.06 -23.79
N GLY E 52 -33.90 12.90 -23.30
CA GLY E 52 -35.32 12.61 -23.24
C GLY E 52 -35.90 11.73 -24.33
N ARG E 53 -35.12 11.42 -25.36
CA ARG E 53 -35.66 10.78 -26.56
C ARG E 53 -34.56 10.37 -27.51
N PRO E 54 -34.79 9.28 -28.27
CA PRO E 54 -33.86 8.94 -29.35
C PRO E 54 -33.70 10.11 -30.32
N LEU E 55 -32.49 10.63 -30.44
CA LEU E 55 -32.21 11.64 -31.45
C LEU E 55 -32.21 10.95 -32.81
N PRO E 56 -33.22 11.27 -33.64
CA PRO E 56 -33.44 10.58 -34.92
C PRO E 56 -32.29 10.79 -35.89
N GLY E 57 -32.25 9.98 -36.95
CA GLY E 57 -31.31 10.15 -38.03
C GLY E 57 -29.92 9.63 -37.72
N ARG E 58 -29.77 9.07 -36.52
CA ARG E 58 -28.51 8.54 -36.03
C ARG E 58 -28.80 7.31 -35.19
N ARG E 59 -27.77 6.47 -35.01
CA ARG E 59 -27.86 5.36 -34.06
C ARG E 59 -27.59 5.85 -32.64
N ASN E 60 -28.54 5.64 -31.74
CA ASN E 60 -28.34 5.93 -30.33
C ASN E 60 -27.86 4.66 -29.63
N ILE E 61 -26.57 4.58 -29.34
CA ILE E 61 -26.06 3.46 -28.58
C ILE E 61 -25.84 3.87 -27.13
N ILE E 62 -26.55 3.22 -26.22
CA ILE E 62 -26.47 3.60 -24.81
C ILE E 62 -25.62 2.63 -24.00
N VAL E 63 -24.69 3.20 -23.23
CA VAL E 63 -23.73 2.41 -22.48
C VAL E 63 -24.11 2.32 -20.99
N THR E 64 -24.35 1.09 -20.51
CA THR E 64 -24.70 0.83 -19.10
C THR E 64 -24.21 -0.54 -18.67
N ARG E 65 -23.84 -0.65 -17.39
CA ARG E 65 -23.45 -1.95 -16.83
C ARG E 65 -24.69 -2.76 -16.43
N ASN E 66 -25.87 -2.17 -16.56
CA ASN E 66 -27.11 -2.86 -16.23
C ASN E 66 -27.54 -3.77 -17.37
N GLU E 67 -27.42 -5.07 -17.15
CA GLU E 67 -27.73 -6.07 -18.16
C GLU E 67 -29.24 -6.26 -18.33
N GLY E 68 -30.02 -5.61 -17.48
CA GLY E 68 -31.46 -5.65 -17.61
C GLY E 68 -32.01 -4.37 -18.21
N TYR E 69 -31.21 -3.69 -19.01
CA TYR E 69 -31.61 -2.39 -19.53
C TYR E 69 -31.89 -2.42 -21.02
N HIS E 70 -33.05 -1.88 -21.39
CA HIS E 70 -33.43 -1.68 -22.79
C HIS E 70 -34.35 -0.46 -22.88
N VAL E 71 -34.17 0.33 -23.93
CA VAL E 71 -35.15 1.33 -24.33
C VAL E 71 -35.24 1.31 -25.85
N GLU E 72 -36.22 2.00 -26.39
CA GLU E 72 -36.70 1.75 -27.75
C GLU E 72 -36.08 2.67 -28.78
N GLY E 73 -35.73 2.12 -29.93
CA GLY E 73 -35.02 2.87 -30.95
C GLY E 73 -33.60 3.19 -30.48
N CYS E 74 -33.15 2.44 -29.49
CA CYS E 74 -31.81 2.58 -28.93
C CYS E 74 -31.13 1.22 -28.77
N GLU E 75 -29.98 1.06 -29.42
CA GLU E 75 -29.12 -0.09 -29.13
C GLU E 75 -28.46 0.07 -27.77
N VAL E 76 -28.21 -1.05 -27.10
CA VAL E 76 -27.60 -1.02 -25.79
C VAL E 76 -26.24 -1.73 -25.78
N ALA E 77 -25.28 -1.13 -25.08
CA ALA E 77 -23.97 -1.75 -24.88
C ALA E 77 -23.61 -1.79 -23.40
N HIS E 78 -22.74 -2.73 -23.03
CA HIS E 78 -22.38 -2.91 -21.62
C HIS E 78 -20.90 -2.72 -21.37
N SER E 79 -20.18 -2.35 -22.41
CA SER E 79 -18.73 -2.22 -22.33
C SER E 79 -18.21 -1.61 -23.62
N VAL E 80 -16.99 -1.09 -23.52
CA VAL E 80 -16.29 -0.54 -24.67
C VAL E 80 -16.17 -1.59 -25.79
N GLU E 81 -15.89 -2.83 -25.40
CA GLU E 81 -15.80 -3.95 -26.33
C GLU E 81 -17.09 -4.10 -27.16
N GLU E 82 -18.24 -4.06 -26.48
CA GLU E 82 -19.49 -4.24 -27.18
C GLU E 82 -19.73 -3.09 -28.15
N VAL E 83 -19.43 -1.86 -27.72
CA VAL E 83 -19.55 -0.70 -28.63
C VAL E 83 -18.70 -0.87 -29.90
N PHE E 84 -17.43 -1.21 -29.73
CA PHE E 84 -16.52 -1.37 -30.87
C PHE E 84 -16.98 -2.51 -31.79
N GLU E 85 -17.61 -3.52 -31.20
CA GLU E 85 -18.18 -4.61 -31.99
C GLU E 85 -19.40 -4.12 -32.75
N LEU E 86 -20.28 -3.39 -32.05
CA LEU E 86 -21.43 -2.75 -32.68
C LEU E 86 -21.10 -1.81 -33.85
N CYS E 87 -20.00 -1.07 -33.76
CA CYS E 87 -19.70 -0.07 -34.78
C CYS E 87 -18.54 -0.50 -35.64
N LYS E 88 -18.28 -1.80 -35.67
CA LYS E 88 -17.06 -2.29 -36.30
C LYS E 88 -16.88 -1.84 -37.76
N ASN E 89 -17.98 -1.52 -38.43
CA ASN E 89 -17.91 -1.10 -39.82
C ASN E 89 -18.08 0.40 -40.03
N GLU E 90 -18.42 1.11 -38.95
CA GLU E 90 -18.65 2.55 -39.01
C GLU E 90 -17.38 3.31 -39.36
N GLU E 91 -17.55 4.43 -40.06
CA GLU E 91 -16.43 5.26 -40.46
C GLU E 91 -16.06 6.28 -39.39
N GLU E 92 -17.04 6.65 -38.57
CA GLU E 92 -16.83 7.61 -37.50
C GLU E 92 -17.95 7.58 -36.47
N ILE E 93 -17.59 7.56 -35.19
CA ILE E 93 -18.58 7.54 -34.12
C ILE E 93 -18.38 8.68 -33.13
N PHE E 94 -19.47 9.09 -32.49
CA PHE E 94 -19.41 10.22 -31.58
C PHE E 94 -19.68 9.83 -30.13
N ILE E 95 -18.62 9.86 -29.32
CA ILE E 95 -18.76 9.72 -27.89
C ILE E 95 -19.46 11.00 -27.38
N PHE E 96 -20.67 10.82 -26.90
CA PHE E 96 -21.57 11.94 -26.71
C PHE E 96 -21.69 12.33 -25.25
N GLY E 97 -21.10 11.54 -24.36
CA GLY E 97 -20.98 11.98 -23.00
C GLY E 97 -21.61 11.17 -21.88
N GLY E 98 -21.55 11.79 -20.70
CA GLY E 98 -21.28 11.07 -19.48
C GLY E 98 -19.80 11.36 -19.32
N ALA E 99 -19.42 11.98 -18.20
CA ALA E 99 -18.01 12.18 -17.91
C ALA E 99 -17.32 10.82 -17.91
N GLN E 100 -17.92 9.88 -17.17
CA GLN E 100 -17.40 8.51 -17.08
C GLN E 100 -17.30 7.85 -18.45
N ILE E 101 -18.23 8.18 -19.34
CA ILE E 101 -18.21 7.64 -20.69
C ILE E 101 -16.98 8.13 -21.46
N TYR E 102 -16.74 9.44 -21.43
CA TYR E 102 -15.50 9.98 -21.99
C TYR E 102 -14.27 9.26 -21.43
N ASP E 103 -14.24 9.01 -20.12
CA ASP E 103 -13.09 8.32 -19.53
C ASP E 103 -12.90 6.95 -20.13
N LEU E 104 -14.03 6.27 -20.38
CA LEU E 104 -13.98 4.94 -20.99
C LEU E 104 -13.31 4.94 -22.37
N PHE E 105 -13.53 5.99 -23.17
CA PHE E 105 -13.04 5.97 -24.54
C PHE E 105 -11.77 6.78 -24.78
N LEU E 106 -11.26 7.38 -23.71
CA LEU E 106 -9.99 8.12 -23.72
C LEU E 106 -8.81 7.40 -24.40
N PRO E 107 -8.67 6.07 -24.20
CA PRO E 107 -7.52 5.41 -24.87
C PRO E 107 -7.69 5.27 -26.39
N TYR E 108 -8.89 5.59 -26.90
CA TYR E 108 -9.22 5.28 -28.27
C TYR E 108 -9.57 6.53 -29.08
N VAL E 109 -9.51 7.69 -28.45
CA VAL E 109 -10.00 8.89 -29.11
C VAL E 109 -9.05 9.41 -30.22
N ASP E 110 -9.62 9.82 -31.35
CA ASP E 110 -8.87 10.28 -32.50
C ASP E 110 -9.17 11.72 -32.86
N LYS E 111 -10.30 12.21 -32.36
CA LYS E 111 -10.79 13.50 -32.81
C LYS E 111 -11.62 14.15 -31.73
N LEU E 112 -11.46 15.47 -31.62
CA LEU E 112 -12.09 16.24 -30.56
C LEU E 112 -12.92 17.33 -31.20
N TYR E 113 -14.23 17.27 -30.97
CA TYR E 113 -15.12 18.36 -31.38
C TYR E 113 -15.57 19.02 -30.11
N ILE E 114 -14.92 20.13 -29.78
CA ILE E 114 -15.17 20.75 -28.50
C ILE E 114 -15.77 22.14 -28.69
N THR E 115 -16.98 22.35 -28.20
CA THR E 115 -17.50 23.71 -28.08
C THR E 115 -17.09 24.30 -26.74
N LYS E 116 -16.35 25.42 -26.78
CA LYS E 116 -15.98 26.18 -25.57
C LYS E 116 -16.89 27.39 -25.41
N ILE E 117 -17.70 27.38 -24.35
CA ILE E 117 -18.57 28.50 -24.01
C ILE E 117 -17.82 29.39 -23.03
N HIS E 118 -17.77 30.70 -23.34
CA HIS E 118 -16.99 31.67 -22.56
C HIS E 118 -17.80 32.23 -21.41
N HIS E 119 -17.94 31.42 -20.36
CA HIS E 119 -18.74 31.79 -19.21
C HIS E 119 -18.51 30.72 -18.13
N ALA E 120 -18.77 31.09 -16.87
CA ALA E 120 -18.65 30.11 -15.79
C ALA E 120 -20.03 29.81 -15.22
N PHE E 121 -20.53 28.60 -15.48
CA PHE E 121 -21.84 28.19 -14.99
C PHE E 121 -21.67 27.47 -13.66
N GLU E 122 -22.79 27.13 -13.02
CA GLU E 122 -22.77 26.22 -11.88
C GLU E 122 -22.93 24.81 -12.43
N GLY E 123 -22.07 23.88 -11.99
CA GLY E 123 -22.19 22.50 -12.46
C GLY E 123 -21.73 21.49 -11.43
N ASP E 124 -21.87 20.21 -11.76
CA ASP E 124 -21.45 19.15 -10.84
C ASP E 124 -20.79 17.97 -11.57
N THR E 125 -20.75 18.05 -12.90
CA THR E 125 -20.02 17.07 -13.71
C THR E 125 -19.19 17.75 -14.84
N PHE E 126 -18.04 17.14 -15.19
CA PHE E 126 -16.99 17.86 -15.92
C PHE E 126 -16.35 17.09 -17.06
N PHE E 127 -15.95 17.81 -18.10
CA PHE E 127 -15.18 17.17 -19.16
C PHE E 127 -13.77 16.86 -18.64
N PRO E 128 -13.41 15.56 -18.65
CA PRO E 128 -12.12 15.17 -18.08
C PRO E 128 -10.94 15.91 -18.70
N GLU E 129 -9.87 16.06 -17.93
CA GLU E 129 -8.67 16.76 -18.37
C GLU E 129 -7.92 16.00 -19.44
N MET E 130 -7.40 16.74 -20.42
CA MET E 130 -6.67 16.13 -21.51
C MET E 130 -5.43 16.94 -21.84
N ASP E 131 -4.37 16.24 -22.22
CA ASP E 131 -3.13 16.91 -22.57
C ASP E 131 -3.22 17.39 -24.00
N MET E 132 -3.51 18.67 -24.18
CA MET E 132 -3.76 19.21 -25.52
C MET E 132 -2.50 19.35 -26.37
N THR E 133 -1.32 19.12 -25.78
CA THR E 133 -0.10 19.16 -26.59
C THR E 133 -0.07 18.05 -27.62
N ASN E 134 -0.86 17.00 -27.39
CA ASN E 134 -0.96 15.91 -28.36
C ASN E 134 -1.82 16.29 -29.56
N TRP E 135 -2.54 17.42 -29.46
CA TRP E 135 -3.60 17.75 -30.42
C TRP E 135 -3.32 19.00 -31.25
N LYS E 136 -3.81 19.00 -32.50
CA LYS E 136 -3.72 20.18 -33.35
C LYS E 136 -5.11 20.62 -33.84
N GLU E 137 -5.39 21.92 -33.65
CA GLU E 137 -6.63 22.50 -34.12
C GLU E 137 -6.67 22.44 -35.65
N VAL E 138 -7.71 21.84 -36.21
CA VAL E 138 -7.81 21.87 -37.67
C VAL E 138 -8.93 22.78 -38.13
N PHE E 139 -9.83 23.14 -37.21
CA PHE E 139 -10.92 24.06 -37.53
C PHE E 139 -11.36 24.85 -36.29
N VAL E 140 -11.80 26.09 -36.52
CA VAL E 140 -12.31 26.95 -35.46
C VAL E 140 -13.36 27.88 -36.04
N GLU E 141 -14.38 28.20 -35.25
CA GLU E 141 -15.44 29.10 -35.74
C GLU E 141 -16.25 29.67 -34.57
N LYS E 142 -16.42 30.99 -34.56
CA LYS E 142 -17.27 31.63 -33.56
C LYS E 142 -18.73 31.28 -33.80
N GLY E 143 -19.38 30.78 -32.74
CA GLY E 143 -20.78 30.45 -32.82
C GLY E 143 -21.65 31.68 -32.78
N LEU E 144 -22.91 31.50 -33.17
CA LEU E 144 -23.87 32.58 -33.21
C LEU E 144 -24.33 32.92 -31.81
N THR E 145 -24.06 34.16 -31.41
CA THR E 145 -24.53 34.68 -30.14
C THR E 145 -25.63 35.70 -30.39
N ASP E 146 -26.85 35.38 -29.96
CA ASP E 146 -27.96 36.28 -30.21
C ASP E 146 -28.98 36.21 -29.09
N GLU E 147 -30.19 36.69 -29.39
CA GLU E 147 -31.29 36.69 -28.45
C GLU E 147 -31.53 35.28 -27.88
N LYS E 148 -31.44 34.25 -28.73
CA LYS E 148 -31.72 32.88 -28.29
C LYS E 148 -30.46 32.11 -27.83
N ASN E 149 -29.29 32.69 -28.10
CA ASN E 149 -28.03 32.04 -27.75
C ASN E 149 -27.16 33.08 -27.09
N PRO E 150 -27.46 33.36 -25.81
CA PRO E 150 -26.97 34.56 -25.12
C PRO E 150 -25.45 34.58 -25.00
N TYR E 151 -24.83 33.42 -24.74
CA TYR E 151 -23.40 33.41 -24.44
C TYR E 151 -22.52 33.50 -25.66
N THR E 152 -21.25 33.83 -25.45
CA THR E 152 -20.24 33.75 -26.48
C THR E 152 -19.62 32.34 -26.45
N TYR E 153 -19.55 31.68 -27.59
CA TYR E 153 -19.00 30.33 -27.65
C TYR E 153 -18.32 30.10 -28.99
N TYR E 154 -17.53 29.03 -29.05
CA TYR E 154 -16.70 28.79 -30.21
C TYR E 154 -16.69 27.29 -30.49
N TYR E 155 -16.67 26.93 -31.77
CA TYR E 155 -16.55 25.54 -32.15
C TYR E 155 -15.08 25.27 -32.42
N HIS E 156 -14.59 24.16 -31.87
CA HIS E 156 -13.21 23.74 -32.09
C HIS E 156 -13.13 22.29 -32.52
N VAL E 157 -12.26 22.04 -33.49
CA VAL E 157 -12.01 20.70 -33.96
C VAL E 157 -10.51 20.41 -33.91
N TYR E 158 -10.14 19.36 -33.20
CA TYR E 158 -8.74 18.96 -33.07
C TYR E 158 -8.52 17.56 -33.63
N GLU E 159 -7.37 17.39 -34.29
CA GLU E 159 -6.90 16.06 -34.67
C GLU E 159 -5.53 15.81 -34.03
N LYS E 160 -5.08 14.55 -34.07
CA LYS E 160 -3.80 14.21 -33.46
C LYS E 160 -2.63 14.94 -34.14
N GLN E 161 -1.68 15.33 -33.30
CA GLN E 161 -0.47 15.98 -33.75
C GLN E 161 0.37 14.94 -34.47
N GLN E 162 0.70 15.20 -35.73
CA GLN E 162 1.63 14.31 -36.42
C GLN E 162 3.03 14.71 -35.98
N LEU E 163 3.83 13.73 -35.59
CA LEU E 163 5.20 14.01 -35.13
C LEU E 163 6.20 13.84 -36.25
N VAL E 164 7.24 14.69 -36.24
CA VAL E 164 8.38 14.48 -37.12
C VAL E 164 9.44 13.69 -36.35
N PRO E 165 9.82 12.50 -36.87
CA PRO E 165 10.77 11.63 -36.17
C PRO E 165 12.14 12.28 -35.96
N ARG E 166 12.87 11.78 -34.96
CA ARG E 166 14.26 12.20 -34.71
C ARG E 166 15.19 11.67 -35.81
N MET F 1 -15.85 -7.34 7.98
CA MET F 1 -16.89 -6.66 8.75
C MET F 1 -16.29 -5.44 9.43
N ILE F 2 -16.81 -4.25 9.16
CA ILE F 2 -16.36 -3.07 9.88
C ILE F 2 -17.17 -2.91 11.17
N VAL F 3 -16.50 -2.86 12.31
CA VAL F 3 -17.18 -2.60 13.58
C VAL F 3 -17.07 -1.11 13.93
N SER F 4 -18.19 -0.39 13.92
CA SER F 4 -18.18 1.04 14.20
C SER F 4 -18.93 1.44 15.48
N PHE F 5 -18.28 2.29 16.28
CA PHE F 5 -18.97 2.95 17.37
C PHE F 5 -19.70 4.17 16.84
N MET F 6 -20.98 4.27 17.16
CA MET F 6 -21.74 5.47 16.86
C MET F 6 -22.14 6.11 18.17
N VAL F 7 -21.74 7.36 18.39
CA VAL F 7 -22.00 7.98 19.68
C VAL F 7 -22.17 9.49 19.57
N ALA F 8 -22.92 10.07 20.50
CA ALA F 8 -22.98 11.51 20.67
C ALA F 8 -22.65 11.84 22.12
N MET F 9 -21.82 12.85 22.35
CA MET F 9 -21.44 13.17 23.73
C MET F 9 -21.13 14.65 23.91
N ASP F 10 -21.03 15.07 25.17
CA ASP F 10 -20.81 16.48 25.46
C ASP F 10 -19.35 16.76 25.81
N GLU F 11 -19.07 17.95 26.37
CA GLU F 11 -17.70 18.34 26.71
C GLU F 11 -16.98 17.36 27.60
N ASN F 12 -17.73 16.69 28.47
CA ASN F 12 -17.15 15.76 29.42
C ASN F 12 -17.61 14.32 29.18
N ARG F 13 -17.97 14.01 27.94
CA ARG F 13 -18.28 12.64 27.51
C ARG F 13 -19.60 12.11 28.09
N VAL F 14 -20.40 12.99 28.67
CA VAL F 14 -21.78 12.65 29.00
C VAL F 14 -22.51 12.09 27.76
N ILE F 15 -23.04 10.87 27.88
CA ILE F 15 -23.84 10.27 26.79
C ILE F 15 -25.26 9.97 27.25
N GLY F 16 -25.57 10.30 28.50
CA GLY F 16 -26.91 10.09 29.02
C GLY F 16 -27.16 10.64 30.40
N LYS F 17 -28.44 10.89 30.68
CA LYS F 17 -28.91 11.32 31.98
C LYS F 17 -30.21 10.61 32.33
N ASP F 18 -30.12 9.63 33.21
CA ASP F 18 -31.28 8.85 33.63
C ASP F 18 -31.90 8.03 32.49
N ASN F 19 -31.08 7.73 31.49
CA ASN F 19 -31.48 6.86 30.38
C ASN F 19 -32.11 7.60 29.20
N ASN F 20 -31.96 8.92 29.19
CA ASN F 20 -32.39 9.74 28.08
C ASN F 20 -31.24 10.68 27.72
N LEU F 21 -31.29 11.23 26.51
CA LEU F 21 -30.33 12.25 26.13
C LEU F 21 -30.66 13.53 26.87
N PRO F 22 -29.63 14.23 27.38
CA PRO F 22 -29.80 15.52 28.05
C PRO F 22 -30.07 16.64 27.04
N TRP F 23 -29.87 16.36 25.76
CA TRP F 23 -30.09 17.32 24.70
C TRP F 23 -31.14 16.82 23.71
N ARG F 24 -31.79 17.77 23.04
CA ARG F 24 -32.70 17.39 21.96
C ARG F 24 -32.19 18.01 20.66
N LEU F 25 -31.52 17.19 19.86
CA LEU F 25 -30.96 17.62 18.58
C LEU F 25 -31.48 16.77 17.42
N PRO F 26 -32.71 17.03 16.96
CA PRO F 26 -33.37 16.29 15.88
C PRO F 26 -32.44 16.12 14.69
N SER F 27 -31.69 17.17 14.36
CA SER F 27 -30.75 17.12 13.25
C SER F 27 -29.64 16.07 13.49
N GLU F 28 -29.07 16.04 14.69
CA GLU F 28 -28.08 15.01 15.05
C GLU F 28 -28.67 13.61 14.86
N LEU F 29 -29.89 13.37 15.34
CA LEU F 29 -30.53 12.05 15.16
C LEU F 29 -30.77 11.72 13.68
N GLN F 30 -31.06 12.76 12.91
CA GLN F 30 -31.24 12.61 11.47
C GLN F 30 -29.93 12.17 10.82
N TYR F 31 -28.82 12.66 11.35
CA TYR F 31 -27.50 12.22 10.90
C TYR F 31 -27.31 10.75 11.23
N VAL F 32 -27.67 10.35 12.44
CA VAL F 32 -27.61 8.94 12.81
C VAL F 32 -28.38 8.06 11.82
N LYS F 33 -29.62 8.46 11.53
CA LYS F 33 -30.49 7.72 10.63
C LYS F 33 -29.86 7.60 9.23
N LYS F 34 -29.32 8.70 8.72
CA LYS F 34 -28.69 8.67 7.41
C LYS F 34 -27.47 7.73 7.39
N THR F 35 -26.68 7.75 8.46
CA THR F 35 -25.44 6.97 8.45
C THR F 35 -25.69 5.47 8.65
N THR F 36 -26.69 5.13 9.48
CA THR F 36 -26.88 3.73 9.84
C THR F 36 -27.86 2.97 8.95
N MET F 37 -28.50 3.67 8.03
CA MET F 37 -29.46 3.04 7.12
C MET F 37 -28.86 1.84 6.40
N GLY F 38 -29.50 0.69 6.54
CA GLY F 38 -29.07 -0.52 5.86
C GLY F 38 -28.00 -1.27 6.61
N HIS F 39 -27.72 -0.84 7.85
CA HIS F 39 -26.73 -1.53 8.66
C HIS F 39 -27.29 -1.86 10.05
N PRO F 40 -26.83 -2.97 10.64
CA PRO F 40 -27.33 -3.34 11.97
C PRO F 40 -26.96 -2.31 13.04
N LEU F 41 -27.89 -2.07 13.95
CA LEU F 41 -27.63 -1.28 15.14
C LEU F 41 -27.47 -2.26 16.29
N ILE F 42 -26.38 -2.13 17.03
CA ILE F 42 -26.17 -3.02 18.17
C ILE F 42 -26.28 -2.19 19.44
N MET F 43 -27.17 -2.59 20.34
CA MET F 43 -27.39 -1.80 21.54
C MET F 43 -27.80 -2.71 22.72
N GLY F 44 -27.51 -2.27 23.94
CA GLY F 44 -27.93 -3.02 25.11
C GLY F 44 -29.45 -3.00 25.27
N ARG F 45 -29.97 -3.81 26.20
CA ARG F 45 -31.41 -3.83 26.48
C ARG F 45 -31.91 -2.47 26.98
N LYS F 46 -31.16 -1.86 27.89
CA LYS F 46 -31.55 -0.57 28.47
C LYS F 46 -31.63 0.56 27.44
N ASN F 47 -30.72 0.54 26.49
CA ASN F 47 -30.61 1.56 25.45
C ASN F 47 -31.81 1.51 24.52
N TYR F 48 -32.15 0.31 24.06
CA TYR F 48 -33.31 0.12 23.21
C TYR F 48 -34.59 0.48 23.98
N GLU F 49 -34.59 0.20 25.27
CA GLU F 49 -35.75 0.48 26.10
C GLU F 49 -36.01 1.98 26.27
N ALA F 50 -34.95 2.78 26.16
CA ALA F 50 -35.09 4.23 26.22
C ALA F 50 -35.60 4.79 24.89
N ILE F 51 -35.39 4.02 23.82
CA ILE F 51 -35.78 4.41 22.46
C ILE F 51 -37.21 3.98 22.10
N GLY F 52 -37.64 2.82 22.57
CA GLY F 52 -39.03 2.41 22.46
C GLY F 52 -39.47 1.56 21.27
N ARG F 53 -39.12 1.98 20.07
CA ARG F 53 -39.47 1.24 18.87
C ARG F 53 -38.20 0.65 18.26
N PRO F 54 -38.35 -0.43 17.47
CA PRO F 54 -37.18 -0.70 16.63
C PRO F 54 -37.00 0.47 15.66
N LEU F 55 -35.78 0.75 15.27
CA LEU F 55 -35.56 1.82 14.30
C LEU F 55 -35.63 1.25 12.89
N PRO F 56 -36.63 1.72 12.11
CA PRO F 56 -36.96 1.14 10.80
C PRO F 56 -35.83 1.29 9.80
N GLY F 57 -35.68 0.32 8.91
CA GLY F 57 -34.60 0.33 7.93
C GLY F 57 -33.27 -0.19 8.46
N ARG F 58 -33.29 -0.81 9.64
CA ARG F 58 -32.09 -1.42 10.21
C ARG F 58 -32.42 -2.67 11.00
N ARG F 59 -31.59 -3.70 10.88
CA ARG F 59 -31.59 -4.79 11.85
C ARG F 59 -31.33 -4.20 13.23
N ASN F 60 -32.27 -4.40 14.15
CA ASN F 60 -32.06 -3.92 15.51
C ASN F 60 -31.65 -5.08 16.41
N ILE F 61 -30.35 -5.25 16.62
CA ILE F 61 -29.84 -6.31 17.47
C ILE F 61 -29.70 -5.81 18.91
N ILE F 62 -30.42 -6.47 19.82
CA ILE F 62 -30.37 -6.13 21.23
C ILE F 62 -29.49 -7.13 21.97
N VAL F 63 -28.56 -6.59 22.77
CA VAL F 63 -27.55 -7.39 23.45
C VAL F 63 -27.88 -7.51 24.92
N THR F 64 -27.91 -8.73 25.43
CA THR F 64 -28.34 -8.99 26.81
C THR F 64 -28.03 -10.40 27.30
N ARG F 65 -27.73 -10.49 28.60
CA ARG F 65 -27.47 -11.77 29.26
C ARG F 65 -28.72 -12.65 29.33
N ASN F 66 -29.90 -12.02 29.40
CA ASN F 66 -31.18 -12.73 29.46
C ASN F 66 -31.42 -13.65 28.26
N GLU F 67 -31.28 -14.96 28.48
CA GLU F 67 -31.37 -15.94 27.39
C GLU F 67 -32.78 -16.08 26.80
N GLY F 68 -33.78 -15.73 27.59
CA GLY F 68 -35.16 -15.80 27.13
C GLY F 68 -35.73 -14.46 26.71
N TYR F 69 -34.88 -13.44 26.67
CA TYR F 69 -35.35 -12.10 26.32
C TYR F 69 -35.76 -12.07 24.85
N HIS F 70 -36.95 -11.55 24.59
CA HIS F 70 -37.49 -11.45 23.23
C HIS F 70 -38.31 -10.18 23.07
N VAL F 71 -38.12 -9.51 21.93
CA VAL F 71 -38.82 -8.27 21.62
C VAL F 71 -39.15 -8.21 20.12
N GLU F 72 -40.39 -7.89 19.78
CA GLU F 72 -40.83 -7.92 18.39
C GLU F 72 -40.10 -6.91 17.50
N GLY F 73 -39.85 -7.31 16.25
CA GLY F 73 -39.15 -6.48 15.29
C GLY F 73 -37.64 -6.42 15.51
N CYS F 74 -37.17 -7.10 16.56
CA CYS F 74 -35.77 -7.09 16.93
C CYS F 74 -35.16 -8.50 17.01
N GLU F 75 -33.85 -8.57 16.81
CA GLU F 75 -33.08 -9.79 17.05
C GLU F 75 -32.33 -9.67 18.38
N VAL F 76 -32.00 -10.81 18.97
CA VAL F 76 -31.34 -10.82 20.27
C VAL F 76 -30.03 -11.62 20.30
N ALA F 77 -28.97 -10.98 20.76
CA ALA F 77 -27.68 -11.66 21.00
C ALA F 77 -27.38 -11.73 22.50
N HIS F 78 -26.56 -12.69 22.90
CA HIS F 78 -26.26 -12.85 24.32
C HIS F 78 -24.78 -12.72 24.60
N SER F 79 -24.04 -12.33 23.57
CA SER F 79 -22.60 -12.24 23.65
C SER F 79 -22.10 -11.64 22.35
N VAL F 80 -20.89 -11.08 22.36
CA VAL F 80 -20.29 -10.56 21.14
C VAL F 80 -20.13 -11.68 20.10
N GLU F 81 -19.85 -12.89 20.58
CA GLU F 81 -19.76 -14.05 19.70
C GLU F 81 -21.06 -14.17 18.87
N GLU F 82 -22.21 -14.11 19.52
CA GLU F 82 -23.50 -14.20 18.83
C GLU F 82 -23.69 -13.07 17.83
N VAL F 83 -23.34 -11.85 18.23
CA VAL F 83 -23.49 -10.70 17.34
C VAL F 83 -22.72 -10.95 16.06
N PHE F 84 -21.46 -11.33 16.20
CA PHE F 84 -20.64 -11.63 15.03
C PHE F 84 -21.17 -12.79 14.18
N GLU F 85 -21.78 -13.79 14.84
CA GLU F 85 -22.49 -14.85 14.12
C GLU F 85 -23.66 -14.26 13.30
N LEU F 86 -24.54 -13.54 13.99
CA LEU F 86 -25.68 -12.86 13.39
C LEU F 86 -25.27 -11.97 12.22
N CYS F 87 -24.16 -11.26 12.38
CA CYS F 87 -23.81 -10.23 11.40
C CYS F 87 -22.77 -10.71 10.38
N LYS F 88 -22.65 -12.03 10.24
CA LYS F 88 -21.53 -12.59 9.51
C LYS F 88 -21.42 -12.13 8.05
N ASN F 89 -22.54 -11.73 7.45
CA ASN F 89 -22.48 -11.23 6.07
C ASN F 89 -22.47 -9.69 6.00
N GLU F 90 -22.56 -9.04 7.15
CA GLU F 90 -22.64 -7.57 7.18
C GLU F 90 -21.31 -6.91 6.80
N GLU F 91 -21.39 -5.84 6.01
CA GLU F 91 -20.23 -5.04 5.61
C GLU F 91 -19.81 -4.12 6.77
N GLU F 92 -20.78 -3.66 7.55
CA GLU F 92 -20.52 -2.72 8.65
C GLU F 92 -21.62 -2.81 9.70
N ILE F 93 -21.24 -2.78 10.98
CA ILE F 93 -22.23 -2.73 12.06
C ILE F 93 -21.98 -1.56 13.03
N PHE F 94 -23.05 -1.13 13.69
CA PHE F 94 -22.99 0.03 14.56
C PHE F 94 -23.27 -0.29 16.02
N ILE F 95 -22.27 -0.07 16.87
CA ILE F 95 -22.48 -0.20 18.30
C ILE F 95 -23.14 1.12 18.76
N PHE F 96 -24.40 1.02 19.15
CA PHE F 96 -25.23 2.18 19.37
C PHE F 96 -25.23 2.69 20.80
N GLY F 97 -24.59 1.94 21.71
CA GLY F 97 -24.47 2.43 23.07
C GLY F 97 -25.00 1.54 24.18
N GLY F 98 -24.88 2.07 25.40
CA GLY F 98 -24.61 1.27 26.57
C GLY F 98 -23.10 1.47 26.72
N ALA F 99 -22.70 2.20 27.75
CA ALA F 99 -21.28 2.37 28.01
C ALA F 99 -20.63 0.98 28.07
N GLN F 100 -21.30 0.06 28.76
CA GLN F 100 -20.86 -1.32 28.88
C GLN F 100 -20.79 -1.97 27.51
N ILE F 101 -21.75 -1.64 26.65
CA ILE F 101 -21.75 -2.19 25.31
C ILE F 101 -20.53 -1.75 24.51
N TYR F 102 -20.22 -0.46 24.55
CA TYR F 102 -18.99 0.05 23.93
C TYR F 102 -17.77 -0.72 24.43
N ASP F 103 -17.64 -0.87 25.75
CA ASP F 103 -16.53 -1.62 26.33
C ASP F 103 -16.46 -3.06 25.82
N LEU F 104 -17.61 -3.71 25.68
CA LEU F 104 -17.66 -5.05 25.13
C LEU F 104 -17.06 -5.15 23.73
N PHE F 105 -17.23 -4.12 22.92
CA PHE F 105 -16.83 -4.22 21.52
C PHE F 105 -15.53 -3.53 21.21
N LEU F 106 -15.00 -2.84 22.21
CA LEU F 106 -13.72 -2.15 22.08
C LEU F 106 -12.57 -3.00 21.47
N PRO F 107 -12.45 -4.31 21.82
CA PRO F 107 -11.32 -5.03 21.17
C PRO F 107 -11.43 -5.17 19.66
N TYR F 108 -12.61 -4.92 19.11
CA TYR F 108 -12.85 -5.20 17.70
C TYR F 108 -13.10 -3.94 16.87
N VAL F 109 -13.25 -2.81 17.57
CA VAL F 109 -13.71 -1.58 16.90
C VAL F 109 -12.75 -1.10 15.78
N ASP F 110 -13.30 -0.61 14.67
CA ASP F 110 -12.53 -0.14 13.51
C ASP F 110 -12.80 1.29 13.10
N LYS F 111 -13.97 1.80 13.48
CA LYS F 111 -14.34 3.14 13.09
C LYS F 111 -15.08 3.80 14.24
N LEU F 112 -14.88 5.11 14.40
CA LEU F 112 -15.57 5.87 15.43
C LEU F 112 -16.37 6.98 14.76
N TYR F 113 -17.68 6.97 14.96
CA TYR F 113 -18.50 8.09 14.53
C TYR F 113 -18.89 8.86 15.78
N ILE F 114 -18.18 9.94 16.04
CA ILE F 114 -18.38 10.66 17.27
C ILE F 114 -18.90 12.07 17.04
N THR F 115 -20.13 12.31 17.52
CA THR F 115 -20.68 13.66 17.55
C THR F 115 -20.30 14.33 18.85
N LYS F 116 -19.56 15.44 18.78
CA LYS F 116 -19.17 16.15 19.99
C LYS F 116 -19.97 17.45 20.19
N ILE F 117 -20.65 17.56 21.33
CA ILE F 117 -21.51 18.70 21.60
C ILE F 117 -20.78 19.70 22.49
N HIS F 118 -20.67 20.95 22.04
CA HIS F 118 -19.92 21.95 22.78
C HIS F 118 -20.73 22.56 23.94
N HIS F 119 -21.00 21.73 24.94
CA HIS F 119 -21.78 22.16 26.10
C HIS F 119 -21.62 21.18 27.28
N ALA F 120 -21.75 21.72 28.50
CA ALA F 120 -21.60 20.92 29.71
C ALA F 120 -22.95 20.57 30.33
N PHE F 121 -23.42 19.36 30.06
CA PHE F 121 -24.68 18.90 30.63
C PHE F 121 -24.45 18.18 31.95
N GLU F 122 -25.54 17.80 32.60
CA GLU F 122 -25.46 16.97 33.78
C GLU F 122 -25.79 15.54 33.39
N GLY F 123 -24.82 14.65 33.54
CA GLY F 123 -25.02 13.27 33.14
C GLY F 123 -24.71 12.27 34.23
N ASP F 124 -24.97 11.00 33.97
CA ASP F 124 -24.67 9.92 34.91
C ASP F 124 -24.07 8.69 34.21
N THR F 125 -24.14 8.68 32.88
CA THR F 125 -23.43 7.67 32.10
C THR F 125 -22.51 8.37 31.09
N PHE F 126 -21.42 7.69 30.71
CA PHE F 126 -20.32 8.35 30.01
C PHE F 126 -19.69 7.51 28.93
N PHE F 127 -19.28 8.17 27.83
CA PHE F 127 -18.42 7.50 26.85
C PHE F 127 -17.02 7.30 27.44
N PRO F 128 -16.62 6.02 27.59
CA PRO F 128 -15.30 5.63 28.14
C PRO F 128 -14.16 6.30 27.39
N GLU F 129 -13.12 6.71 28.12
CA GLU F 129 -11.91 7.27 27.54
C GLU F 129 -11.29 6.39 26.43
N MET F 130 -10.69 7.02 25.43
CA MET F 130 -9.95 6.29 24.40
C MET F 130 -8.64 7.00 24.09
N ASP F 131 -7.61 6.19 23.84
CA ASP F 131 -6.33 6.69 23.38
C ASP F 131 -6.47 7.03 21.89
N MET F 132 -6.66 8.32 21.62
CA MET F 132 -6.97 8.80 20.27
C MET F 132 -5.71 8.95 19.43
N THR F 133 -4.56 8.71 20.03
CA THR F 133 -3.29 8.71 19.29
C THR F 133 -3.22 7.49 18.37
N ASN F 134 -3.97 6.45 18.75
CA ASN F 134 -4.15 5.29 17.90
C ASN F 134 -5.18 5.56 16.80
N TRP F 135 -5.83 6.72 16.87
CA TRP F 135 -6.88 7.04 15.91
C TRP F 135 -6.54 8.20 14.99
N LYS F 136 -7.37 8.39 13.97
CA LYS F 136 -7.06 9.28 12.87
C LYS F 136 -8.35 9.79 12.19
N GLU F 137 -8.61 11.08 12.37
CA GLU F 137 -9.79 11.70 11.77
C GLU F 137 -9.78 11.60 10.25
N VAL F 138 -10.87 11.10 9.69
CA VAL F 138 -11.03 11.07 8.24
C VAL F 138 -12.21 11.95 7.76
N PHE F 139 -12.93 12.56 8.70
CA PHE F 139 -14.05 13.43 8.35
C PHE F 139 -14.53 14.28 9.52
N VAL F 140 -14.86 15.54 9.21
CA VAL F 140 -15.45 16.44 10.18
C VAL F 140 -16.53 17.25 9.47
N GLU F 141 -17.54 17.69 10.22
CA GLU F 141 -18.59 18.56 9.66
C GLU F 141 -19.36 19.21 10.79
N LYS F 142 -19.53 20.52 10.70
CA LYS F 142 -20.26 21.27 11.74
C LYS F 142 -21.78 20.99 11.67
N GLY F 143 -22.33 20.54 12.80
CA GLY F 143 -23.74 20.23 12.90
C GLY F 143 -24.65 21.44 12.68
N LEU F 144 -25.88 21.16 12.23
CA LEU F 144 -26.88 22.21 12.07
C LEU F 144 -27.29 22.79 13.42
N THR F 145 -26.92 24.04 13.67
CA THR F 145 -27.41 24.76 14.85
C THR F 145 -28.49 25.77 14.48
N ASP F 146 -29.68 25.60 15.06
CA ASP F 146 -30.84 26.48 14.80
C ASP F 146 -31.90 26.40 15.91
N GLU F 147 -33.12 26.84 15.61
CA GLU F 147 -34.21 26.86 16.58
C GLU F 147 -34.47 25.50 17.23
N LYS F 148 -34.49 24.45 16.42
CA LYS F 148 -34.74 23.11 16.94
C LYS F 148 -33.48 22.41 17.45
N ASN F 149 -32.31 22.99 17.22
CA ASN F 149 -31.05 22.38 17.63
C ASN F 149 -30.14 23.44 18.24
N PRO F 150 -30.35 23.70 19.55
CA PRO F 150 -29.84 24.90 20.22
C PRO F 150 -28.46 24.74 20.83
N TYR F 151 -27.65 23.83 20.30
CA TYR F 151 -26.27 23.72 20.75
C TYR F 151 -25.35 23.67 19.55
N THR F 152 -24.10 24.06 19.77
CA THR F 152 -23.09 23.91 18.74
C THR F 152 -22.54 22.46 18.83
N TYR F 153 -22.38 21.79 17.69
CA TYR F 153 -21.92 20.41 17.70
C TYR F 153 -21.29 20.02 16.37
N TYR F 154 -20.42 19.02 16.41
CA TYR F 154 -19.69 18.62 15.21
C TYR F 154 -19.72 17.12 15.08
N TYR F 155 -19.90 16.64 13.84
CA TYR F 155 -19.72 15.23 13.55
C TYR F 155 -18.24 14.96 13.26
N HIS F 156 -17.69 13.92 13.88
CA HIS F 156 -16.33 13.47 13.59
C HIS F 156 -16.29 11.99 13.25
N VAL F 157 -15.44 11.62 12.31
CA VAL F 157 -15.25 10.19 11.98
C VAL F 157 -13.76 9.81 12.09
N TYR F 158 -13.50 8.72 12.80
CA TYR F 158 -12.12 8.30 12.99
C TYR F 158 -11.90 6.88 12.48
N GLU F 159 -10.76 6.69 11.85
CA GLU F 159 -10.31 5.35 11.46
C GLU F 159 -8.99 5.04 12.16
N LYS F 160 -8.71 3.76 12.29
CA LYS F 160 -7.48 3.31 12.91
C LYS F 160 -6.26 3.77 12.15
N GLN F 161 -5.32 4.39 12.85
CA GLN F 161 -4.07 4.79 12.23
C GLN F 161 -3.25 3.53 11.99
N GLN F 162 -2.64 3.42 10.81
CA GLN F 162 -1.79 2.26 10.55
C GLN F 162 -0.39 2.53 11.10
N LEU F 163 0.29 1.47 11.53
CA LEU F 163 1.64 1.60 12.06
C LEU F 163 2.63 1.72 10.91
N VAL F 164 3.68 2.52 11.11
CA VAL F 164 4.84 2.47 10.23
C VAL F 164 5.90 1.63 10.96
N PRO F 165 6.40 0.57 10.33
CA PRO F 165 7.37 -0.29 11.05
C PRO F 165 8.70 0.41 11.37
N ARG F 166 9.37 -0.03 12.44
CA ARG F 166 10.77 0.31 12.66
C ARG F 166 11.62 -0.44 11.65
N MET G 1 4.44 -44.63 6.50
CA MET G 1 3.38 -43.68 6.15
C MET G 1 2.56 -43.28 7.36
N ILE G 2 2.50 -41.98 7.62
CA ILE G 2 1.73 -41.49 8.75
C ILE G 2 0.28 -41.32 8.32
N VAL G 3 -0.61 -42.02 9.00
CA VAL G 3 -2.04 -41.90 8.70
C VAL G 3 -2.67 -40.97 9.73
N SER G 4 -3.02 -39.76 9.28
CA SER G 4 -3.47 -38.71 10.19
C SER G 4 -4.96 -38.43 10.05
N PHE G 5 -5.64 -38.24 11.18
CA PHE G 5 -7.01 -37.75 11.15
C PHE G 5 -6.94 -36.22 11.18
N MET G 6 -7.72 -35.57 10.31
CA MET G 6 -7.86 -34.12 10.35
C MET G 6 -9.34 -33.82 10.55
N VAL G 7 -9.68 -33.26 11.70
CA VAL G 7 -11.09 -33.01 11.97
C VAL G 7 -11.31 -31.71 12.72
N ALA G 8 -12.45 -31.09 12.42
CA ALA G 8 -12.94 -29.97 13.20
C ALA G 8 -14.31 -30.34 13.74
N MET G 9 -14.49 -30.24 15.06
CA MET G 9 -15.70 -30.71 15.72
C MET G 9 -16.05 -29.86 16.93
N ASP G 10 -17.28 -29.98 17.41
CA ASP G 10 -17.70 -29.15 18.51
C ASP G 10 -17.72 -29.92 19.83
N GLU G 11 -18.40 -29.35 20.82
CA GLU G 11 -18.50 -29.90 22.17
C GLU G 11 -19.07 -31.31 22.23
N ASN G 12 -19.93 -31.66 21.28
CA ASN G 12 -20.54 -32.99 21.26
C ASN G 12 -20.09 -33.84 20.07
N ARG G 13 -18.96 -33.47 19.47
CA ARG G 13 -18.29 -34.21 18.38
C ARG G 13 -18.96 -34.02 17.03
N VAL G 14 -19.82 -33.00 16.93
CA VAL G 14 -20.49 -32.69 15.67
C VAL G 14 -19.48 -32.29 14.59
N ILE G 15 -19.57 -32.89 13.41
CA ILE G 15 -18.64 -32.57 12.33
C ILE G 15 -19.33 -32.10 11.05
N GLY G 16 -20.65 -32.17 11.03
CA GLY G 16 -21.43 -31.69 9.90
C GLY G 16 -22.91 -31.59 10.19
N LYS G 17 -23.62 -30.92 9.28
CA LYS G 17 -25.09 -30.83 9.35
C LYS G 17 -25.62 -30.65 7.92
N ASP G 18 -26.42 -31.60 7.45
CA ASP G 18 -26.92 -31.55 6.09
C ASP G 18 -25.76 -31.60 5.11
N ASN G 19 -24.61 -32.07 5.59
CA ASN G 19 -23.43 -32.24 4.75
C ASN G 19 -22.58 -30.97 4.64
N ASN G 20 -22.80 -30.02 5.55
CA ASN G 20 -22.02 -28.79 5.56
C ASN G 20 -21.57 -28.42 6.97
N LEU G 21 -20.49 -27.65 7.06
CA LEU G 21 -20.01 -27.18 8.35
C LEU G 21 -21.03 -26.23 8.97
N PRO G 22 -21.37 -26.45 10.25
CA PRO G 22 -22.36 -25.62 10.97
C PRO G 22 -21.81 -24.26 11.38
N TRP G 23 -20.51 -24.05 11.20
CA TRP G 23 -19.84 -22.82 11.62
C TRP G 23 -19.07 -22.28 10.45
N ARG G 24 -18.76 -21.00 10.49
CA ARG G 24 -17.97 -20.41 9.42
C ARG G 24 -16.69 -19.81 9.97
N LEU G 25 -15.60 -20.56 9.89
CA LEU G 25 -14.34 -20.14 10.50
C LEU G 25 -13.22 -20.20 9.46
N PRO G 26 -13.12 -19.17 8.62
CA PRO G 26 -12.10 -19.16 7.56
C PRO G 26 -10.70 -19.35 8.12
N SER G 27 -10.43 -18.85 9.33
CA SER G 27 -9.12 -19.07 9.95
C SER G 27 -8.78 -20.56 10.20
N GLU G 28 -9.81 -21.35 10.57
CA GLU G 28 -9.64 -22.79 10.79
C GLU G 28 -9.26 -23.46 9.49
N LEU G 29 -9.91 -23.03 8.42
CA LEU G 29 -9.65 -23.59 7.12
C LEU G 29 -8.26 -23.21 6.62
N GLN G 30 -7.76 -22.04 7.01
CA GLN G 30 -6.37 -21.68 6.67
C GLN G 30 -5.38 -22.57 7.41
N TYR G 31 -5.71 -22.87 8.66
CA TYR G 31 -4.95 -23.87 9.41
C TYR G 31 -4.92 -25.18 8.62
N VAL G 32 -6.08 -25.63 8.14
CA VAL G 32 -6.17 -26.90 7.42
C VAL G 32 -5.34 -26.89 6.14
N LYS G 33 -5.38 -25.75 5.45
CA LYS G 33 -4.66 -25.59 4.20
C LYS G 33 -3.15 -25.67 4.45
N LYS G 34 -2.71 -25.05 5.54
CA LYS G 34 -1.27 -24.98 5.83
C LYS G 34 -0.74 -26.32 6.32
N THR G 35 -1.50 -26.93 7.22
CA THR G 35 -1.14 -28.21 7.82
C THR G 35 -1.02 -29.32 6.76
N THR G 36 -1.93 -29.32 5.79
CA THR G 36 -2.02 -30.43 4.84
C THR G 36 -1.32 -30.13 3.51
N MET G 37 -0.44 -29.14 3.53
CA MET G 37 0.24 -28.74 2.29
C MET G 37 1.18 -29.83 1.80
N GLY G 38 0.96 -30.25 0.56
CA GLY G 38 1.77 -31.29 -0.05
C GLY G 38 1.52 -32.65 0.56
N HIS G 39 0.29 -32.89 0.97
CA HIS G 39 -0.10 -34.21 1.47
C HIS G 39 -1.49 -34.52 1.00
N PRO G 40 -1.76 -35.80 0.75
CA PRO G 40 -3.09 -36.20 0.30
C PRO G 40 -4.19 -35.91 1.32
N LEU G 41 -5.35 -35.47 0.80
CA LEU G 41 -6.57 -35.43 1.58
C LEU G 41 -7.41 -36.61 1.12
N ILE G 42 -7.78 -37.47 2.07
CA ILE G 42 -8.60 -38.61 1.74
C ILE G 42 -9.98 -38.31 2.27
N MET G 43 -10.97 -38.19 1.39
CA MET G 43 -12.32 -37.85 1.88
C MET G 43 -13.42 -38.69 1.25
N GLY G 44 -14.61 -38.65 1.83
CA GLY G 44 -15.76 -39.30 1.25
C GLY G 44 -16.37 -38.48 0.11
N ARG G 45 -17.18 -39.13 -0.73
CA ARG G 45 -17.89 -38.46 -1.80
C ARG G 45 -18.78 -37.31 -1.30
N LYS G 46 -19.68 -37.62 -0.36
CA LYS G 46 -20.58 -36.60 0.20
C LYS G 46 -19.79 -35.40 0.69
N ASN G 47 -18.70 -35.69 1.39
CA ASN G 47 -17.83 -34.68 1.94
C ASN G 47 -17.23 -33.84 0.82
N TYR G 48 -16.77 -34.50 -0.22
CA TYR G 48 -16.16 -33.78 -1.33
C TYR G 48 -17.20 -32.92 -2.03
N GLU G 49 -18.45 -33.36 -2.05
CA GLU G 49 -19.50 -32.61 -2.72
C GLU G 49 -19.88 -31.37 -1.91
N ALA G 50 -19.68 -31.46 -0.60
CA ALA G 50 -19.87 -30.34 0.31
C ALA G 50 -18.85 -29.26 0.00
N ILE G 51 -17.62 -29.67 -0.27
CA ILE G 51 -16.55 -28.75 -0.58
C ILE G 51 -16.73 -28.12 -1.97
N GLY G 52 -17.14 -28.93 -2.93
CA GLY G 52 -17.42 -28.45 -4.28
C GLY G 52 -16.19 -28.28 -5.16
N ARG G 53 -15.01 -28.39 -4.58
CA ARG G 53 -13.79 -28.04 -5.29
C ARG G 53 -12.58 -28.85 -4.89
N PRO G 54 -11.88 -29.43 -5.88
CA PRO G 54 -10.55 -29.97 -5.60
C PRO G 54 -9.71 -28.87 -4.91
N LEU G 55 -9.12 -29.20 -3.76
CA LEU G 55 -8.26 -28.25 -3.06
C LEU G 55 -6.83 -28.35 -3.62
N PRO G 56 -6.36 -27.25 -4.23
CA PRO G 56 -5.09 -27.25 -4.98
C PRO G 56 -3.88 -27.53 -4.09
N GLY G 57 -2.76 -27.94 -4.67
CA GLY G 57 -1.58 -28.26 -3.91
C GLY G 57 -1.58 -29.70 -3.39
N ARG G 58 -2.76 -30.25 -3.12
CA ARG G 58 -2.88 -31.60 -2.56
C ARG G 58 -3.52 -32.57 -3.54
N ARG G 59 -3.02 -33.81 -3.55
CA ARG G 59 -3.75 -34.91 -4.16
C ARG G 59 -5.06 -35.05 -3.41
N ASN G 60 -6.18 -34.89 -4.11
CA ASN G 60 -7.49 -35.10 -3.51
C ASN G 60 -8.02 -36.50 -3.86
N ILE G 61 -8.15 -37.36 -2.84
CA ILE G 61 -8.58 -38.74 -3.10
C ILE G 61 -9.95 -39.04 -2.52
N ILE G 62 -10.93 -39.23 -3.40
CA ILE G 62 -12.28 -39.54 -2.96
C ILE G 62 -12.46 -41.06 -2.78
N VAL G 63 -13.07 -41.43 -1.66
CA VAL G 63 -13.32 -42.82 -1.33
C VAL G 63 -14.80 -43.08 -1.53
N THR G 64 -15.12 -44.12 -2.31
CA THR G 64 -16.51 -44.48 -2.59
C THR G 64 -16.66 -45.94 -3.06
N ARG G 65 -17.75 -46.56 -2.65
CA ARG G 65 -18.13 -47.90 -3.07
C ARG G 65 -18.25 -47.98 -4.61
N ASN G 66 -18.61 -46.85 -5.21
CA ASN G 66 -18.92 -46.76 -6.62
C ASN G 66 -17.70 -46.86 -7.54
N GLU G 67 -17.57 -47.99 -8.23
CA GLU G 67 -16.43 -48.25 -9.11
C GLU G 67 -16.40 -47.35 -10.35
N GLY G 68 -17.54 -46.75 -10.68
CA GLY G 68 -17.63 -45.90 -11.84
C GLY G 68 -17.66 -44.42 -11.51
N TYR G 69 -17.48 -44.08 -10.24
CA TYR G 69 -17.37 -42.69 -9.84
C TYR G 69 -16.08 -42.12 -10.40
N HIS G 70 -16.18 -41.08 -11.21
CA HIS G 70 -14.99 -40.37 -11.65
C HIS G 70 -15.21 -38.89 -11.46
N VAL G 71 -14.18 -38.18 -11.03
CA VAL G 71 -14.29 -36.74 -10.83
C VAL G 71 -13.03 -36.02 -11.28
N GLU G 72 -13.22 -35.04 -12.15
CA GLU G 72 -12.13 -34.29 -12.76
C GLU G 72 -11.25 -33.57 -11.72
N GLY G 73 -9.95 -33.84 -11.77
CA GLY G 73 -9.02 -33.24 -10.82
C GLY G 73 -8.67 -34.20 -9.69
N CYS G 74 -9.61 -35.07 -9.33
CA CYS G 74 -9.42 -35.98 -8.20
C CYS G 74 -9.10 -37.41 -8.64
N GLU G 75 -8.45 -38.15 -7.76
CA GLU G 75 -8.32 -39.58 -7.91
C GLU G 75 -9.40 -40.25 -7.08
N VAL G 76 -9.67 -41.52 -7.35
CA VAL G 76 -10.72 -42.24 -6.64
C VAL G 76 -10.19 -43.55 -6.11
N ALA G 77 -10.62 -43.92 -4.90
CA ALA G 77 -10.34 -45.23 -4.32
C ALA G 77 -11.65 -45.86 -3.84
N HIS G 78 -11.66 -47.18 -3.61
CA HIS G 78 -12.91 -47.86 -3.28
C HIS G 78 -12.78 -48.71 -2.01
N SER G 79 -11.58 -48.67 -1.43
CA SER G 79 -11.30 -49.46 -0.23
C SER G 79 -10.15 -48.78 0.45
N VAL G 80 -9.90 -49.11 1.71
CA VAL G 80 -8.72 -48.60 2.36
C VAL G 80 -7.47 -49.06 1.61
N GLU G 81 -7.46 -50.36 1.26
CA GLU G 81 -6.34 -50.96 0.54
C GLU G 81 -5.99 -50.15 -0.70
N GLU G 82 -7.01 -49.76 -1.46
CA GLU G 82 -6.78 -48.93 -2.63
C GLU G 82 -6.15 -47.57 -2.25
N VAL G 83 -6.61 -46.97 -1.16
CA VAL G 83 -6.02 -45.72 -0.68
C VAL G 83 -4.53 -45.92 -0.40
N PHE G 84 -4.22 -46.95 0.40
CA PHE G 84 -2.85 -47.25 0.77
C PHE G 84 -1.95 -47.52 -0.45
N GLU G 85 -2.52 -48.14 -1.48
CA GLU G 85 -1.80 -48.37 -2.75
C GLU G 85 -1.49 -47.06 -3.47
N LEU G 86 -2.49 -46.20 -3.57
CA LEU G 86 -2.33 -44.90 -4.22
C LEU G 86 -1.34 -44.02 -3.45
N CYS G 87 -1.28 -44.19 -2.13
CA CYS G 87 -0.38 -43.39 -1.30
C CYS G 87 0.78 -44.20 -0.78
N LYS G 88 1.13 -45.27 -1.46
CA LYS G 88 2.24 -46.14 -1.02
C LYS G 88 3.56 -45.41 -0.82
N ASN G 89 3.75 -44.33 -1.59
CA ASN G 89 4.99 -43.54 -1.49
C ASN G 89 4.86 -42.28 -0.61
N GLU G 90 3.70 -42.09 0.03
CA GLU G 90 3.39 -40.87 0.80
C GLU G 90 3.86 -40.87 2.25
N GLU G 91 4.62 -39.82 2.62
CA GLU G 91 5.10 -39.62 3.99
C GLU G 91 3.97 -39.51 5.03
N GLU G 92 2.90 -38.81 4.67
CA GLU G 92 1.77 -38.60 5.57
C GLU G 92 0.51 -38.31 4.76
N ILE G 93 -0.60 -38.93 5.15
CA ILE G 93 -1.89 -38.59 4.54
C ILE G 93 -2.87 -38.11 5.60
N PHE G 94 -3.95 -37.47 5.16
CA PHE G 94 -4.91 -36.88 6.07
C PHE G 94 -6.31 -37.40 5.77
N ILE G 95 -6.82 -38.26 6.65
CA ILE G 95 -8.22 -38.67 6.53
C ILE G 95 -9.09 -37.46 6.88
N PHE G 96 -9.81 -36.98 5.88
CA PHE G 96 -10.36 -35.65 5.92
C PHE G 96 -11.85 -35.59 6.23
N GLY G 97 -12.46 -36.75 6.44
CA GLY G 97 -13.83 -36.74 6.90
C GLY G 97 -14.84 -37.46 6.03
N GLY G 98 -16.07 -37.45 6.55
CA GLY G 98 -16.98 -38.56 6.38
C GLY G 98 -16.76 -39.27 7.71
N ALA G 99 -17.78 -39.23 8.56
CA ALA G 99 -17.78 -40.01 9.79
C ALA G 99 -17.45 -41.47 9.47
N GLN G 100 -18.00 -41.98 8.38
CA GLN G 100 -17.74 -43.34 7.95
C GLN G 100 -16.30 -43.56 7.48
N ILE G 101 -15.68 -42.50 6.96
CA ILE G 101 -14.33 -42.61 6.46
C ILE G 101 -13.36 -42.68 7.64
N TYR G 102 -13.64 -41.89 8.68
CA TYR G 102 -12.87 -42.00 9.90
C TYR G 102 -12.96 -43.44 10.40
N ASP G 103 -14.17 -44.00 10.47
CA ASP G 103 -14.37 -45.40 10.85
C ASP G 103 -13.50 -46.36 10.03
N LEU G 104 -13.52 -46.25 8.71
CA LEU G 104 -12.66 -47.08 7.86
C LEU G 104 -11.19 -47.04 8.25
N PHE G 105 -10.67 -45.85 8.59
CA PHE G 105 -9.24 -45.74 8.84
C PHE G 105 -8.84 -45.84 10.32
N LEU G 106 -9.83 -46.01 11.19
CA LEU G 106 -9.58 -46.21 12.62
C LEU G 106 -8.47 -47.23 12.97
N PRO G 107 -8.46 -48.42 12.33
CA PRO G 107 -7.40 -49.38 12.67
C PRO G 107 -5.99 -48.93 12.28
N TYR G 108 -5.90 -47.87 11.48
CA TYR G 108 -4.60 -47.51 10.91
C TYR G 108 -4.05 -46.17 11.38
N VAL G 109 -4.88 -45.40 12.08
CA VAL G 109 -4.51 -44.03 12.40
C VAL G 109 -3.25 -43.90 13.29
N ASP G 110 -2.41 -42.90 13.02
CA ASP G 110 -1.19 -42.70 13.79
C ASP G 110 -1.09 -41.35 14.48
N LYS G 111 -1.92 -40.41 14.05
CA LYS G 111 -1.79 -39.04 14.50
C LYS G 111 -3.15 -38.37 14.38
N LEU G 112 -3.48 -37.50 15.33
CA LEU G 112 -4.79 -36.85 15.34
C LEU G 112 -4.62 -35.34 15.31
N TYR G 113 -5.18 -34.69 14.30
CA TYR G 113 -5.22 -33.22 14.29
C TYR G 113 -6.66 -32.81 14.54
N ILE G 114 -6.93 -32.35 15.75
CA ILE G 114 -8.30 -32.15 16.16
C ILE G 114 -8.54 -30.72 16.58
N THR G 115 -9.46 -30.03 15.89
CA THR G 115 -9.85 -28.68 16.29
C THR G 115 -11.11 -28.78 17.12
N LYS G 116 -11.07 -28.24 18.32
CA LYS G 116 -12.22 -28.33 19.20
C LYS G 116 -12.90 -26.95 19.33
N ILE G 117 -14.16 -26.89 18.93
CA ILE G 117 -14.89 -25.65 18.92
C ILE G 117 -15.77 -25.62 20.16
N HIS G 118 -15.60 -24.59 20.98
CA HIS G 118 -16.28 -24.50 22.26
C HIS G 118 -17.68 -23.96 22.08
N HIS G 119 -18.52 -24.78 21.45
CA HIS G 119 -19.90 -24.44 21.23
C HIS G 119 -20.67 -25.70 20.86
N ALA G 120 -21.99 -25.68 21.09
CA ALA G 120 -22.85 -26.80 20.75
C ALA G 120 -23.75 -26.39 19.61
N PHE G 121 -23.51 -26.97 18.43
CA PHE G 121 -24.30 -26.64 17.25
C PHE G 121 -25.42 -27.64 17.02
N GLU G 122 -26.22 -27.40 15.99
CA GLU G 122 -27.20 -28.38 15.54
C GLU G 122 -26.56 -29.23 14.46
N GLY G 123 -26.38 -30.52 14.73
CA GLY G 123 -25.69 -31.39 13.79
C GLY G 123 -26.28 -32.79 13.67
N ASP G 124 -25.95 -33.45 12.56
CA ASP G 124 -26.49 -34.78 12.28
C ASP G 124 -25.37 -35.82 12.05
N THR G 125 -24.12 -35.37 12.05
CA THR G 125 -23.02 -36.31 11.90
C THR G 125 -21.84 -36.02 12.85
N PHE G 126 -21.12 -37.09 13.24
CA PHE G 126 -20.26 -37.06 14.44
C PHE G 126 -18.90 -37.72 14.29
N PHE G 127 -17.89 -37.08 14.86
CA PHE G 127 -16.59 -37.72 15.00
C PHE G 127 -16.71 -38.89 15.98
N PRO G 128 -16.39 -40.12 15.52
CA PRO G 128 -16.55 -41.32 16.35
C PRO G 128 -15.78 -41.22 17.68
N GLU G 129 -16.32 -41.82 18.74
CA GLU G 129 -15.64 -41.83 20.03
C GLU G 129 -14.27 -42.53 19.95
N MET G 130 -13.29 -42.02 20.70
CA MET G 130 -11.97 -42.64 20.76
C MET G 130 -11.43 -42.54 22.20
N ASP G 131 -10.83 -43.63 22.68
CA ASP G 131 -10.15 -43.64 23.97
C ASP G 131 -8.87 -42.80 23.87
N MET G 132 -8.90 -41.61 24.44
CA MET G 132 -7.76 -40.72 24.32
C MET G 132 -6.63 -41.06 25.30
N THR G 133 -6.80 -42.13 26.09
CA THR G 133 -5.74 -42.58 26.99
C THR G 133 -4.59 -43.23 26.19
N ASN G 134 -4.90 -43.70 24.98
CA ASN G 134 -3.87 -44.19 24.06
C ASN G 134 -3.06 -43.03 23.42
N TRP G 135 -3.55 -41.81 23.59
CA TRP G 135 -3.01 -40.66 22.84
C TRP G 135 -2.34 -39.59 23.72
N LYS G 136 -1.30 -38.95 23.17
CA LYS G 136 -0.52 -37.95 23.88
C LYS G 136 -0.53 -36.65 23.09
N GLU G 137 -0.94 -35.56 23.71
CA GLU G 137 -0.92 -34.29 23.00
C GLU G 137 0.51 -33.79 22.82
N VAL G 138 0.89 -33.40 21.60
CA VAL G 138 2.25 -32.88 21.36
C VAL G 138 2.27 -31.39 21.01
N PHE G 139 1.08 -30.83 20.82
CA PHE G 139 0.92 -29.42 20.44
C PHE G 139 -0.53 -28.98 20.64
N VAL G 140 -0.69 -27.75 21.09
CA VAL G 140 -2.00 -27.13 21.20
C VAL G 140 -1.85 -25.68 20.80
N GLU G 141 -2.92 -25.08 20.26
CA GLU G 141 -2.91 -23.65 20.01
C GLU G 141 -4.34 -23.11 19.98
N LYS G 142 -4.54 -21.96 20.60
CA LYS G 142 -5.82 -21.28 20.52
C LYS G 142 -5.93 -20.58 19.17
N GLY G 143 -7.07 -20.81 18.50
CA GLY G 143 -7.27 -20.27 17.17
C GLY G 143 -7.73 -18.85 17.25
N LEU G 144 -7.62 -18.13 16.12
CA LEU G 144 -8.06 -16.74 16.07
C LEU G 144 -9.58 -16.59 16.21
N THR G 145 -10.00 -15.88 17.26
CA THR G 145 -11.41 -15.52 17.43
C THR G 145 -11.62 -14.03 17.21
N ASP G 146 -12.43 -13.68 16.20
CA ASP G 146 -12.69 -12.27 15.87
C ASP G 146 -14.05 -12.12 15.16
N GLU G 147 -14.20 -11.01 14.43
CA GLU G 147 -15.38 -10.75 13.61
C GLU G 147 -15.72 -11.85 12.60
N LYS G 148 -14.71 -12.31 11.87
CA LYS G 148 -14.90 -13.36 10.87
C LYS G 148 -14.84 -14.79 11.44
N ASN G 149 -14.41 -14.96 12.68
CA ASN G 149 -14.40 -16.29 13.30
C ASN G 149 -14.99 -16.24 14.72
N PRO G 150 -16.32 -16.21 14.83
CA PRO G 150 -17.06 -15.85 16.05
C PRO G 150 -16.73 -16.72 17.26
N TYR G 151 -16.61 -18.01 17.03
CA TYR G 151 -16.51 -18.94 18.15
C TYR G 151 -15.09 -19.06 18.68
N THR G 152 -14.96 -19.64 19.87
CA THR G 152 -13.68 -19.95 20.47
C THR G 152 -13.32 -21.41 20.12
N TYR G 153 -12.08 -21.63 19.68
CA TYR G 153 -11.65 -22.95 19.24
C TYR G 153 -10.14 -23.13 19.43
N TYR G 154 -9.71 -24.38 19.49
CA TYR G 154 -8.31 -24.71 19.77
C TYR G 154 -7.82 -25.81 18.85
N TYR G 155 -6.63 -25.62 18.28
CA TYR G 155 -6.04 -26.71 17.54
C TYR G 155 -5.34 -27.64 18.52
N HIS G 156 -5.47 -28.94 18.30
CA HIS G 156 -4.77 -29.92 19.14
C HIS G 156 -4.12 -30.97 18.24
N VAL G 157 -2.92 -31.39 18.59
CA VAL G 157 -2.30 -32.47 17.85
C VAL G 157 -1.83 -33.59 18.80
N TYR G 158 -2.14 -34.83 18.42
CA TYR G 158 -1.90 -35.97 19.28
C TYR G 158 -1.12 -37.07 18.57
N GLU G 159 -0.29 -37.78 19.32
CA GLU G 159 0.50 -38.90 18.77
C GLU G 159 0.26 -40.08 19.70
N LYS G 160 0.59 -41.28 19.23
CA LYS G 160 0.43 -42.47 20.08
C LYS G 160 1.28 -42.33 21.34
N GLN G 161 0.67 -42.58 22.49
CA GLN G 161 1.41 -42.68 23.74
C GLN G 161 2.42 -43.83 23.61
N GLN G 162 3.70 -43.58 23.90
CA GLN G 162 4.67 -44.69 23.93
C GLN G 162 4.55 -45.40 25.29
N LEU G 163 4.40 -46.72 25.29
CA LEU G 163 4.26 -47.44 26.55
C LEU G 163 5.60 -47.88 27.11
N VAL G 164 5.77 -47.69 28.42
CA VAL G 164 6.91 -48.25 29.14
C VAL G 164 6.60 -49.69 29.54
N PRO G 165 7.52 -50.61 29.22
CA PRO G 165 7.39 -52.04 29.55
C PRO G 165 7.31 -52.30 31.06
N ARG G 166 6.64 -53.40 31.44
CA ARG G 166 6.58 -53.85 32.82
C ARG G 166 7.95 -54.42 33.23
N MET H 1 -20.52 45.26 1.71
CA MET H 1 -19.31 44.68 1.12
C MET H 1 -18.54 43.84 2.12
N ILE H 2 -18.54 42.52 1.90
CA ILE H 2 -17.80 41.62 2.76
C ILE H 2 -16.33 41.63 2.30
N VAL H 3 -15.44 42.06 3.18
CA VAL H 3 -14.01 41.95 2.91
C VAL H 3 -13.52 40.64 3.51
N SER H 4 -12.92 39.80 2.68
CA SER H 4 -12.58 38.45 3.13
C SER H 4 -11.10 38.14 2.98
N PHE H 5 -10.53 37.53 4.00
CA PHE H 5 -9.19 36.99 3.85
C PHE H 5 -9.28 35.59 3.29
N MET H 6 -8.41 35.31 2.32
CA MET H 6 -8.21 33.94 1.82
C MET H 6 -6.77 33.58 2.16
N VAL H 7 -6.59 32.55 2.97
CA VAL H 7 -5.24 32.22 3.41
C VAL H 7 -5.05 30.72 3.58
N ALA H 8 -3.82 30.28 3.33
CA ALA H 8 -3.43 28.90 3.59
C ALA H 8 -2.15 28.93 4.41
N MET H 9 -2.17 28.31 5.58
CA MET H 9 -1.00 28.36 6.46
C MET H 9 -0.80 27.05 7.23
N ASP H 10 0.39 26.89 7.80
CA ASP H 10 0.70 25.68 8.56
C ASP H 10 0.48 25.88 10.05
N GLU H 11 0.96 24.91 10.84
CA GLU H 11 0.73 24.89 12.29
C GLU H 11 1.26 26.14 12.97
N ASN H 12 2.29 26.74 12.38
CA ASN H 12 2.91 27.94 12.95
C ASN H 12 2.73 29.17 12.06
N ARG H 13 1.63 29.17 11.29
CA ARG H 13 1.20 30.33 10.48
C ARG H 13 2.11 30.70 9.32
N VAL H 14 2.98 29.77 8.91
CA VAL H 14 3.76 29.95 7.69
C VAL H 14 2.83 30.06 6.48
N ILE H 15 3.06 31.10 5.66
CA ILE H 15 2.30 31.29 4.44
C ILE H 15 3.20 31.34 3.21
N GLY H 16 4.51 31.39 3.43
CA GLY H 16 5.45 31.38 2.32
C GLY H 16 6.87 31.06 2.70
N LYS H 17 7.68 30.77 1.68
CA LYS H 17 9.12 30.58 1.82
C LYS H 17 9.74 30.85 0.44
N ASP H 18 10.73 31.75 0.40
CA ASP H 18 11.41 32.09 -0.85
C ASP H 18 10.43 32.56 -1.93
N ASN H 19 9.40 33.31 -1.51
CA ASN H 19 8.32 33.75 -2.39
C ASN H 19 7.64 32.60 -3.13
N ASN H 20 7.40 31.52 -2.39
CA ASN H 20 6.75 30.34 -2.92
C ASN H 20 6.04 29.64 -1.78
N LEU H 21 5.26 28.62 -2.13
CA LEU H 21 4.61 27.82 -1.12
C LEU H 21 5.51 26.65 -0.78
N PRO H 22 5.68 26.38 0.52
CA PRO H 22 6.45 25.24 1.03
C PRO H 22 5.74 23.91 0.79
N TRP H 23 4.44 23.98 0.51
CA TRP H 23 3.69 22.77 0.18
C TRP H 23 3.21 22.86 -1.27
N ARG H 24 2.74 21.73 -1.80
CA ARG H 24 2.10 21.69 -3.12
C ARG H 24 0.81 20.89 -3.04
N LEU H 25 -0.31 21.60 -2.88
CA LEU H 25 -1.61 20.96 -2.78
C LEU H 25 -2.55 21.53 -3.83
N PRO H 26 -2.54 20.94 -5.04
CA PRO H 26 -3.40 21.37 -6.15
C PRO H 26 -4.87 21.35 -5.77
N SER H 27 -5.29 20.36 -4.98
CA SER H 27 -6.67 20.33 -4.51
C SER H 27 -7.05 21.58 -3.68
N GLU H 28 -6.10 22.09 -2.90
CA GLU H 28 -6.31 23.27 -2.08
C GLU H 28 -6.54 24.48 -2.99
N LEU H 29 -5.69 24.61 -4.00
CA LEU H 29 -5.83 25.70 -4.96
C LEU H 29 -7.16 25.62 -5.70
N GLN H 30 -7.62 24.42 -6.04
CA GLN H 30 -8.95 24.28 -6.64
C GLN H 30 -10.01 24.84 -5.70
N TYR H 31 -9.88 24.58 -4.41
CA TYR H 31 -10.82 25.14 -3.44
C TYR H 31 -10.83 26.67 -3.51
N VAL H 32 -9.64 27.26 -3.61
CA VAL H 32 -9.50 28.69 -3.80
C VAL H 32 -10.24 29.15 -5.05
N LYS H 33 -10.06 28.41 -6.14
CA LYS H 33 -10.67 28.71 -7.42
C LYS H 33 -12.20 28.72 -7.31
N LYS H 34 -12.74 27.67 -6.70
CA LYS H 34 -14.18 27.54 -6.51
C LYS H 34 -14.72 28.67 -5.64
N THR H 35 -14.03 28.99 -4.54
CA THR H 35 -14.54 29.93 -3.54
C THR H 35 -14.49 31.38 -4.02
N THR H 36 -13.44 31.74 -4.77
CA THR H 36 -13.26 33.13 -5.19
C THR H 36 -13.81 33.44 -6.59
N MET H 37 -14.57 32.51 -7.17
CA MET H 37 -15.04 32.68 -8.54
C MET H 37 -16.07 33.81 -8.69
N GLY H 38 -15.78 34.76 -9.57
CA GLY H 38 -16.69 35.87 -9.77
C GLY H 38 -16.55 36.92 -8.68
N HIS H 39 -15.38 36.97 -8.06
CA HIS H 39 -15.07 37.99 -7.07
C HIS H 39 -13.63 38.47 -7.30
N PRO H 40 -13.34 39.71 -6.93
CA PRO H 40 -11.98 40.22 -7.12
C PRO H 40 -10.99 39.54 -6.19
N LEU H 41 -9.80 39.27 -6.72
CA LEU H 41 -8.68 38.78 -5.93
C LEU H 41 -7.73 39.95 -5.70
N ILE H 42 -7.56 40.34 -4.43
CA ILE H 42 -6.69 41.44 -4.10
C ILE H 42 -5.40 40.87 -3.52
N MET H 43 -4.28 41.15 -4.18
CA MET H 43 -2.99 40.60 -3.77
C MET H 43 -1.84 41.58 -4.03
N GLY H 44 -0.71 41.36 -3.39
CA GLY H 44 0.46 42.21 -3.58
C GLY H 44 1.40 41.79 -4.71
N ARG H 45 2.45 42.59 -4.92
CA ARG H 45 3.41 42.41 -6.02
C ARG H 45 4.22 41.11 -5.95
N LYS H 46 4.86 40.85 -4.81
CA LYS H 46 5.59 39.59 -4.66
C LYS H 46 4.62 38.44 -4.83
N ASN H 47 3.46 38.55 -4.17
CA ASN H 47 2.44 37.51 -4.22
C ASN H 47 2.04 37.17 -5.65
N TYR H 48 1.64 38.20 -6.44
CA TYR H 48 1.30 37.96 -7.84
C TYR H 48 2.45 37.28 -8.58
N GLU H 49 3.66 37.80 -8.37
CA GLU H 49 4.83 37.29 -9.08
C GLU H 49 5.17 35.83 -8.76
N ALA H 50 4.86 35.41 -7.53
CA ALA H 50 5.04 34.02 -7.15
C ALA H 50 4.19 33.13 -8.05
N ILE H 51 2.89 33.41 -8.07
CA ILE H 51 1.96 32.71 -8.95
C ILE H 51 2.34 32.94 -10.41
N GLY H 52 2.80 34.15 -10.71
CA GLY H 52 3.19 34.53 -12.06
C GLY H 52 2.00 34.76 -12.97
N ARG H 53 1.27 33.68 -13.24
CA ARG H 53 0.10 33.71 -14.10
C ARG H 53 -1.08 34.42 -13.44
N PRO H 54 -1.86 35.18 -14.22
CA PRO H 54 -3.12 35.75 -13.72
C PRO H 54 -4.21 34.69 -13.57
N LEU H 55 -5.27 35.02 -12.84
CA LEU H 55 -6.24 34.01 -12.42
C LEU H 55 -7.65 34.33 -12.94
N PRO H 56 -7.94 33.89 -14.17
CA PRO H 56 -9.12 34.34 -14.92
C PRO H 56 -10.41 33.80 -14.33
N GLY H 57 -11.49 34.58 -14.42
CA GLY H 57 -12.73 34.26 -13.73
C GLY H 57 -12.77 35.09 -12.45
N ARG H 58 -11.80 35.99 -12.36
CA ARG H 58 -11.65 36.93 -11.26
C ARG H 58 -11.07 38.24 -11.76
N ARG H 59 -11.39 39.31 -11.03
CA ARG H 59 -10.65 40.55 -11.19
C ARG H 59 -9.36 40.48 -10.34
N ASN H 60 -8.21 40.59 -10.99
CA ASN H 60 -6.95 40.41 -10.28
C ASN H 60 -6.31 41.74 -9.80
N ILE H 61 -7.01 42.47 -8.94
CA ILE H 61 -6.50 43.74 -8.43
C ILE H 61 -5.19 43.60 -7.66
N ILE H 62 -4.09 44.03 -8.27
CA ILE H 62 -2.79 44.04 -7.61
C ILE H 62 -2.61 45.32 -6.81
N VAL H 63 -1.88 45.23 -5.70
CA VAL H 63 -1.69 46.37 -4.81
C VAL H 63 -0.21 46.67 -4.64
N THR H 64 0.21 47.86 -5.04
CA THR H 64 1.62 48.26 -4.93
C THR H 64 1.81 49.77 -4.84
N ARG H 65 2.89 50.19 -4.18
CA ARG H 65 3.26 51.59 -4.09
C ARG H 65 3.67 52.09 -5.47
N ASN H 66 4.21 51.19 -6.29
CA ASN H 66 4.55 51.54 -7.66
C ASN H 66 3.47 52.44 -8.22
N GLU H 67 3.76 53.13 -9.31
CA GLU H 67 2.83 54.15 -9.79
C GLU H 67 2.32 53.98 -11.22
N GLY H 68 3.07 53.30 -12.09
CA GLY H 68 2.62 53.22 -13.46
C GLY H 68 2.21 51.82 -13.86
N TYR H 69 2.31 50.92 -12.89
CA TYR H 69 2.28 49.46 -13.09
C TYR H 69 1.30 48.88 -14.12
N HIS H 70 1.81 47.89 -14.85
CA HIS H 70 0.97 47.05 -15.69
C HIS H 70 1.36 45.58 -15.62
N VAL H 71 0.35 44.76 -15.34
CA VAL H 71 0.33 43.38 -15.78
C VAL H 71 -1.04 43.31 -16.42
N GLU H 72 -1.10 42.81 -17.65
CA GLU H 72 -2.34 42.82 -18.40
C GLU H 72 -3.28 41.76 -17.83
N GLY H 73 -4.58 42.03 -17.88
CA GLY H 73 -5.56 41.11 -17.31
C GLY H 73 -5.81 41.43 -15.85
N CYS H 74 -5.18 42.50 -15.37
CA CYS H 74 -5.31 42.91 -13.98
C CYS H 74 -5.57 44.40 -13.89
N GLU H 75 -5.81 44.87 -12.67
CA GLU H 75 -5.80 46.29 -12.38
C GLU H 75 -4.69 46.56 -11.37
N VAL H 76 -4.40 47.83 -11.13
CA VAL H 76 -3.46 48.16 -10.07
C VAL H 76 -4.07 49.19 -9.14
N ALA H 77 -4.07 48.87 -7.84
CA ALA H 77 -4.40 49.85 -6.82
C ALA H 77 -3.11 50.22 -6.10
N HIS H 78 -3.06 51.42 -5.53
CA HIS H 78 -1.84 51.87 -4.87
C HIS H 78 -2.04 52.20 -3.40
N SER H 79 -3.22 51.87 -2.90
CA SER H 79 -3.57 52.15 -1.52
C SER H 79 -4.87 51.43 -1.14
N VAL H 80 -5.17 51.37 0.14
CA VAL H 80 -6.42 50.78 0.60
C VAL H 80 -7.61 51.55 0.05
N GLU H 81 -7.49 52.88 0.13
CA GLU H 81 -8.50 53.79 -0.42
C GLU H 81 -8.76 53.46 -1.88
N GLU H 82 -7.70 53.36 -2.68
CA GLU H 82 -7.86 52.99 -4.08
C GLU H 82 -8.57 51.64 -4.25
N VAL H 83 -8.21 50.66 -3.42
CA VAL H 83 -8.88 49.36 -3.45
C VAL H 83 -10.39 49.48 -3.24
N PHE H 84 -10.80 50.19 -2.20
CA PHE H 84 -12.22 50.36 -1.89
C PHE H 84 -12.96 51.17 -2.96
N GLU H 85 -12.20 51.89 -3.77
CA GLU H 85 -12.77 52.72 -4.83
C GLU H 85 -13.24 51.87 -5.99
N LEU H 86 -12.32 51.13 -6.60
CA LEU H 86 -12.67 50.26 -7.72
C LEU H 86 -13.75 49.27 -7.33
N CYS H 87 -13.59 48.63 -6.17
CA CYS H 87 -14.57 47.70 -5.67
C CYS H 87 -15.70 48.43 -4.96
N LYS H 88 -15.87 49.70 -5.32
CA LYS H 88 -16.90 50.55 -4.73
C LYS H 88 -18.16 49.75 -4.41
N ASN H 89 -18.81 49.25 -5.46
CA ASN H 89 -20.02 48.47 -5.29
C ASN H 89 -19.86 47.01 -5.69
N GLU H 90 -19.10 46.27 -4.88
CA GLU H 90 -18.92 44.83 -5.11
C GLU H 90 -19.36 44.07 -3.87
N GLU H 91 -19.93 42.89 -4.10
CA GLU H 91 -20.51 42.08 -3.04
C GLU H 91 -19.46 41.54 -2.06
N GLU H 92 -18.40 40.96 -2.60
CA GLU H 92 -17.35 40.39 -1.76
C GLU H 92 -15.99 40.45 -2.44
N ILE H 93 -14.97 40.78 -1.68
CA ILE H 93 -13.60 40.83 -2.19
C ILE H 93 -12.71 39.92 -1.35
N PHE H 94 -11.67 39.37 -1.98
CA PHE H 94 -10.78 38.45 -1.32
C PHE H 94 -9.36 38.98 -1.24
N ILE H 95 -8.91 39.26 -0.03
CA ILE H 95 -7.53 39.63 0.20
C ILE H 95 -6.70 38.34 0.15
N PHE H 96 -5.90 38.21 -0.90
CA PHE H 96 -5.23 36.94 -1.25
C PHE H 96 -3.83 36.87 -0.69
N GLY H 97 -3.42 37.94 -0.02
CA GLY H 97 -2.19 37.88 0.72
C GLY H 97 -0.99 38.68 0.23
N GLY H 98 0.13 38.37 0.89
CA GLY H 98 1.14 39.34 1.22
C GLY H 98 0.83 39.54 2.68
N ALA H 99 1.76 39.17 3.57
CA ALA H 99 1.55 39.39 4.98
C ALA H 99 1.20 40.86 5.19
N GLN H 100 1.91 41.74 4.48
CA GLN H 100 1.67 43.17 4.57
C GLN H 100 0.28 43.53 4.07
N ILE H 101 -0.14 42.87 3.01
CA ILE H 101 -1.46 43.08 2.45
C ILE H 101 -2.54 42.70 3.49
N TYR H 102 -2.37 41.55 4.16
CA TYR H 102 -3.29 41.18 5.23
C TYR H 102 -3.31 42.30 6.28
N ASP H 103 -2.13 42.81 6.66
CA ASP H 103 -2.04 43.88 7.66
C ASP H 103 -2.83 45.13 7.27
N LEU H 104 -2.73 45.52 5.98
CA LEU H 104 -3.44 46.70 5.48
C LEU H 104 -4.96 46.56 5.58
N PHE H 105 -5.46 45.35 5.43
CA PHE H 105 -6.90 45.16 5.38
C PHE H 105 -7.49 44.66 6.67
N LEU H 106 -6.63 44.44 7.65
CA LEU H 106 -7.05 44.01 8.99
C LEU H 106 -8.20 44.84 9.63
N PRO H 107 -8.17 46.18 9.51
CA PRO H 107 -9.25 46.94 10.19
C PRO H 107 -10.64 46.73 9.57
N TYR H 108 -10.67 46.17 8.36
CA TYR H 108 -11.88 46.11 7.55
C TYR H 108 -12.37 44.68 7.33
N VAL H 109 -11.63 43.71 7.85
CA VAL H 109 -11.94 42.32 7.52
C VAL H 109 -13.29 41.89 8.13
N ASP H 110 -14.07 41.15 7.34
CA ASP H 110 -15.38 40.70 7.77
C ASP H 110 -15.54 39.18 7.78
N LYS H 111 -14.62 38.49 7.10
CA LYS H 111 -14.72 37.04 6.95
C LYS H 111 -13.35 36.36 6.77
N LEU H 112 -13.15 35.23 7.43
CA LEU H 112 -11.90 34.48 7.32
C LEU H 112 -12.08 33.14 6.60
N TYR H 113 -11.31 32.94 5.53
CA TYR H 113 -11.24 31.65 4.85
C TYR H 113 -9.84 31.09 5.05
N ILE H 114 -9.68 30.23 6.04
CA ILE H 114 -8.35 29.81 6.43
C ILE H 114 -8.22 28.32 6.25
N THR H 115 -7.27 27.94 5.39
CA THR H 115 -6.86 26.55 5.29
C THR H 115 -5.74 26.32 6.32
N LYS H 116 -5.95 25.43 7.27
CA LYS H 116 -4.90 25.05 8.21
C LYS H 116 -4.20 23.76 7.73
N ILE H 117 -2.89 23.84 7.51
CA ILE H 117 -2.12 22.65 7.10
C ILE H 117 -1.43 21.98 8.30
N HIS H 118 -1.76 20.71 8.52
CA HIS H 118 -1.29 19.97 9.69
C HIS H 118 0.15 19.49 9.56
N HIS H 119 1.07 20.44 9.62
CA HIS H 119 2.48 20.15 9.43
C HIS H 119 3.31 21.39 9.75
N ALA H 120 4.58 21.20 10.08
CA ALA H 120 5.47 22.33 10.34
C ALA H 120 6.55 22.44 9.26
N PHE H 121 6.42 23.47 8.41
CA PHE H 121 7.36 23.76 7.33
C PHE H 121 8.35 24.84 7.79
N GLU H 122 9.33 25.13 6.94
CA GLU H 122 10.25 26.23 7.19
C GLU H 122 9.71 27.55 6.63
N GLY H 123 9.63 28.60 7.46
CA GLY H 123 8.99 29.83 7.04
C GLY H 123 9.86 31.08 6.95
N ASP H 124 9.37 32.09 6.24
CA ASP H 124 9.89 33.44 6.37
C ASP H 124 8.73 34.46 6.46
N THR H 125 7.64 34.17 5.77
CA THR H 125 6.44 35.02 5.82
C THR H 125 5.32 34.34 6.62
N PHE H 126 4.54 35.15 7.32
CA PHE H 126 3.64 34.61 8.33
C PHE H 126 2.27 35.29 8.32
N PHE H 127 1.21 34.51 8.47
CA PHE H 127 -0.11 35.10 8.68
C PHE H 127 -0.16 35.70 10.08
N PRO H 128 -0.24 37.05 10.17
CA PRO H 128 -0.23 37.79 11.45
C PRO H 128 -1.25 37.21 12.42
N GLU H 129 -0.99 37.25 13.73
CA GLU H 129 -1.93 36.70 14.71
C GLU H 129 -3.22 37.49 14.75
N MET H 130 -4.26 36.86 15.29
CA MET H 130 -5.58 37.48 15.33
C MET H 130 -6.33 37.04 16.58
N ASP H 131 -6.96 38.00 17.24
CA ASP H 131 -7.81 37.67 18.37
C ASP H 131 -9.04 36.95 17.85
N MET H 132 -9.05 35.63 17.92
CA MET H 132 -10.15 34.85 17.35
C MET H 132 -11.39 34.84 18.26
N THR H 133 -11.35 35.65 19.31
CA THR H 133 -12.41 35.69 20.31
C THR H 133 -13.74 36.14 19.74
N ASN H 134 -13.73 37.16 18.90
CA ASN H 134 -14.97 37.60 18.27
C ASN H 134 -15.10 37.08 16.84
N TRP H 135 -14.59 35.86 16.62
CA TRP H 135 -14.80 35.13 15.38
C TRP H 135 -15.47 33.77 15.65
N LYS H 136 -16.47 33.45 14.83
CA LYS H 136 -17.20 32.19 14.98
C LYS H 136 -17.00 31.31 13.75
N GLU H 137 -16.53 30.09 13.98
CA GLU H 137 -16.44 29.09 12.91
C GLU H 137 -17.83 28.68 12.43
N VAL H 138 -18.12 28.92 11.15
CA VAL H 138 -19.40 28.56 10.56
C VAL H 138 -19.29 27.38 9.62
N PHE H 139 -18.08 27.05 9.20
CA PHE H 139 -17.84 25.90 8.32
C PHE H 139 -16.46 25.31 8.52
N VAL H 140 -16.39 23.98 8.43
CA VAL H 140 -15.12 23.26 8.49
C VAL H 140 -15.21 22.11 7.49
N GLU H 141 -14.07 21.71 6.93
CA GLU H 141 -14.06 20.56 6.03
C GLU H 141 -12.64 20.00 5.84
N LYS H 142 -12.51 18.70 5.96
CA LYS H 142 -11.22 18.07 5.71
C LYS H 142 -10.92 18.01 4.23
N GLY H 143 -9.79 18.61 3.86
CA GLY H 143 -9.34 18.62 2.48
C GLY H 143 -8.91 17.25 1.99
N LEU H 144 -8.78 17.13 0.67
CA LEU H 144 -8.36 15.88 0.07
C LEU H 144 -6.85 15.67 0.20
N THR H 145 -6.49 14.61 0.94
CA THR H 145 -5.10 14.19 1.13
C THR H 145 -4.88 12.91 0.36
N ASP H 146 -3.90 12.92 -0.54
CA ASP H 146 -3.61 11.75 -1.39
C ASP H 146 -2.24 11.93 -2.06
N GLU H 147 -1.95 11.12 -3.07
CA GLU H 147 -0.65 11.19 -3.76
C GLU H 147 -0.21 12.58 -4.21
N LYS H 148 -1.11 13.32 -4.83
CA LYS H 148 -0.77 14.66 -5.31
C LYS H 148 -0.94 15.74 -4.23
N ASN H 149 -1.64 15.41 -3.14
CA ASN H 149 -1.77 16.34 -2.01
C ASN H 149 -1.36 15.61 -0.71
N PRO H 150 -0.06 15.59 -0.40
CA PRO H 150 0.44 14.66 0.62
C PRO H 150 0.04 15.04 2.04
N TYR H 151 -0.05 16.33 2.30
CA TYR H 151 -0.32 16.78 3.68
C TYR H 151 -1.80 16.69 4.06
N THR H 152 -2.05 16.62 5.37
CA THR H 152 -3.39 16.67 5.95
C THR H 152 -3.75 18.14 6.17
N TYR H 153 -4.90 18.59 5.66
CA TYR H 153 -5.29 20.00 5.84
C TYR H 153 -6.79 20.17 5.96
N TYR H 154 -7.22 21.29 6.52
CA TYR H 154 -8.65 21.56 6.73
C TYR H 154 -9.08 22.96 6.27
N TYR H 155 -10.25 23.03 5.62
CA TYR H 155 -10.82 24.32 5.28
C TYR H 155 -11.64 24.83 6.46
N HIS H 156 -11.32 26.06 6.89
CA HIS H 156 -12.11 26.73 7.96
C HIS H 156 -12.64 28.06 7.43
N VAL H 157 -13.89 28.37 7.78
CA VAL H 157 -14.47 29.66 7.45
C VAL H 157 -15.07 30.29 8.69
N TYR H 158 -14.67 31.52 8.97
CA TYR H 158 -15.08 32.22 10.18
C TYR H 158 -15.82 33.52 9.86
N GLU H 159 -16.91 33.76 10.57
CA GLU H 159 -17.58 35.06 10.48
C GLU H 159 -17.46 35.85 11.78
N LYS H 160 -17.56 37.17 11.67
CA LYS H 160 -17.61 38.07 12.83
C LYS H 160 -18.76 37.70 13.76
N GLN H 161 -18.47 37.65 15.06
CA GLN H 161 -19.48 37.40 16.09
C GLN H 161 -20.32 38.64 16.40
N GLN H 162 -21.64 38.48 16.40
CA GLN H 162 -22.53 39.55 16.88
C GLN H 162 -22.39 39.67 18.40
N LEU H 163 -22.00 40.84 18.88
CA LEU H 163 -21.89 41.03 20.33
C LEU H 163 -23.28 41.10 20.96
N VAL H 164 -23.53 40.22 21.94
CA VAL H 164 -24.72 40.31 22.78
C VAL H 164 -24.54 41.47 23.74
N PRO H 165 -25.49 42.44 23.73
CA PRO H 165 -25.37 43.57 24.67
C PRO H 165 -25.44 43.12 26.12
N ARG H 166 -24.82 43.88 27.01
CA ARG H 166 -24.97 43.63 28.45
C ARG H 166 -26.13 44.46 28.99
#